data_5DYR
# 
_entry.id   5DYR 
# 
_audit_conform.dict_name       mmcif_pdbx.dic 
_audit_conform.dict_version    5.391 
_audit_conform.dict_location   http://mmcif.pdb.org/dictionaries/ascii/mmcif_pdbx.dic 
# 
loop_
_database_2.database_id 
_database_2.database_code 
_database_2.pdbx_database_accession 
_database_2.pdbx_DOI 
PDB   5DYR         pdb_00005dyr 10.2210/pdb5dyr/pdb 
WWPDB D_1000214014 ?            ?                   
# 
loop_
_pdbx_audit_revision_history.ordinal 
_pdbx_audit_revision_history.data_content_type 
_pdbx_audit_revision_history.major_revision 
_pdbx_audit_revision_history.minor_revision 
_pdbx_audit_revision_history.revision_date 
1 'Structure model' 1 0 2016-01-27 
2 'Structure model' 1 1 2024-05-08 
# 
_pdbx_audit_revision_details.ordinal             1 
_pdbx_audit_revision_details.revision_ordinal    1 
_pdbx_audit_revision_details.data_content_type   'Structure model' 
_pdbx_audit_revision_details.provider            repository 
_pdbx_audit_revision_details.type                'Initial release' 
_pdbx_audit_revision_details.description         ? 
_pdbx_audit_revision_details.details             ? 
# 
loop_
_pdbx_audit_revision_group.ordinal 
_pdbx_audit_revision_group.revision_ordinal 
_pdbx_audit_revision_group.data_content_type 
_pdbx_audit_revision_group.group 
1 2 'Structure model' 'Data collection'     
2 2 'Structure model' 'Database references' 
# 
loop_
_pdbx_audit_revision_category.ordinal 
_pdbx_audit_revision_category.revision_ordinal 
_pdbx_audit_revision_category.data_content_type 
_pdbx_audit_revision_category.category 
1 2 'Structure model' chem_comp_atom 
2 2 'Structure model' chem_comp_bond 
3 2 'Structure model' database_2     
# 
loop_
_pdbx_audit_revision_item.ordinal 
_pdbx_audit_revision_item.revision_ordinal 
_pdbx_audit_revision_item.data_content_type 
_pdbx_audit_revision_item.item 
1 2 'Structure model' '_database_2.pdbx_DOI'                
2 2 'Structure model' '_database_2.pdbx_database_accession' 
# 
_pdbx_database_status.status_code                     REL 
_pdbx_database_status.status_code_sf                  REL 
_pdbx_database_status.status_code_mr                  ? 
_pdbx_database_status.entry_id                        5DYR 
_pdbx_database_status.recvd_initial_deposition_date   2015-09-25 
_pdbx_database_status.SG_entry                        N 
_pdbx_database_status.deposit_site                    RCSB 
_pdbx_database_status.process_site                    PDBE 
_pdbx_database_status.status_code_cs                  ? 
_pdbx_database_status.methods_development_category    ? 
_pdbx_database_status.pdb_format_compatible           Y 
_pdbx_database_status.status_code_nmr_data            ? 
# 
loop_
_audit_author.name 
_audit_author.pdbx_ordinal 
'Kochneva, M.V.'   1 
'dos Santos, M.L.' 2 
'dos Santos, C.A.' 3 
'de Souza, A.P.'   4 
'Polikarpov, I.'   5 
'Aparicio, R.'     6 
'Golubev, A.M.'    7 
# 
_citation.abstract                  ? 
_citation.abstract_id_CAS           ? 
_citation.book_id_ISBN              ? 
_citation.book_publisher            ? 
_citation.book_publisher_city       ? 
_citation.book_title                ? 
_citation.coordinate_linkage        ? 
_citation.country                   ? 
_citation.database_id_Medline       ? 
_citation.details                   ? 
_citation.id                        primary 
_citation.journal_abbrev            'To Be Published' 
_citation.journal_id_ASTM           ? 
_citation.journal_id_CSD            0353 
_citation.journal_id_ISSN           ? 
_citation.journal_full              ? 
_citation.journal_issue             ? 
_citation.journal_volume            ? 
_citation.language                  ? 
_citation.page_first                ? 
_citation.page_last                 ? 
_citation.title                     'Structure of virulence-associated protein D (VapD) from Xylella fastidiosa' 
_citation.year                      ? 
_citation.database_id_CSD           ? 
_citation.pdbx_database_id_DOI      ? 
_citation.pdbx_database_id_PubMed   ? 
_citation.unpublished_flag          ? 
# 
loop_
_citation_author.citation_id 
_citation_author.name 
_citation_author.ordinal 
_citation_author.identifier_ORCID 
primary 'Kochneva, M.V.'   1 ? 
primary 'dos Santos, M.L.' 2 ? 
primary 'dos Santos, C.A.' 3 ? 
primary 'de Souza, A.P.'   4 ? 
primary 'Polikarpov, I.'   5 ? 
primary 'Aparicio, R.'     6 ? 
primary 'Golubev, A.M.'    7 ? 
# 
loop_
_entity.id 
_entity.type 
_entity.src_method 
_entity.pdbx_description 
_entity.formula_weight 
_entity.pdbx_number_of_molecules 
_entity.pdbx_ec 
_entity.pdbx_mutation 
_entity.pdbx_fragment 
_entity.details 
1 polymer man 'Virulence-associated protein D' 17658.842 1 ? ? ? ? 
2 water   nat water                            18.015    8 ? ? ? ? 
# 
_entity_poly.entity_id                      1 
_entity_poly.type                           'polypeptide(L)' 
_entity_poly.nstd_linkage                   no 
_entity_poly.nstd_monomer                   no 
_entity_poly.pdbx_seq_one_letter_code       
;MMDRCLIVFDLDTKLLEQHYHNSSWRNGYADIQRVLYRHRFNNIQGTVYLSERGVRQAHGTLALQEVAIRFQWFDKCVSN
VQFYDLSDDFNAQFIIDGVTQAREAFERRIGMLRHQLLDAGLTSEKIEEIIGQQKFSLENATQIALPNPDD
;
_entity_poly.pdbx_seq_one_letter_code_can   
;MMDRCLIVFDLDTKLLEQHYHNSSWRNGYADIQRVLYRHRFNNIQGTVYLSERGVRQAHGTLALQEVAIRFQWFDKCVSN
VQFYDLSDDFNAQFIIDGVTQAREAFERRIGMLRHQLLDAGLTSEKIEEIIGQQKFSLENATQIALPNPDD
;
_entity_poly.pdbx_strand_id                 A 
_entity_poly.pdbx_target_identifier         ? 
# 
_pdbx_entity_nonpoly.entity_id   2 
_pdbx_entity_nonpoly.name        water 
_pdbx_entity_nonpoly.comp_id     HOH 
# 
loop_
_entity_poly_seq.entity_id 
_entity_poly_seq.num 
_entity_poly_seq.mon_id 
_entity_poly_seq.hetero 
1 1   MET n 
1 2   MET n 
1 3   ASP n 
1 4   ARG n 
1 5   CYS n 
1 6   LEU n 
1 7   ILE n 
1 8   VAL n 
1 9   PHE n 
1 10  ASP n 
1 11  LEU n 
1 12  ASP n 
1 13  THR n 
1 14  LYS n 
1 15  LEU n 
1 16  LEU n 
1 17  GLU n 
1 18  GLN n 
1 19  HIS n 
1 20  TYR n 
1 21  HIS n 
1 22  ASN n 
1 23  SER n 
1 24  SER n 
1 25  TRP n 
1 26  ARG n 
1 27  ASN n 
1 28  GLY n 
1 29  TYR n 
1 30  ALA n 
1 31  ASP n 
1 32  ILE n 
1 33  GLN n 
1 34  ARG n 
1 35  VAL n 
1 36  LEU n 
1 37  TYR n 
1 38  ARG n 
1 39  HIS n 
1 40  ARG n 
1 41  PHE n 
1 42  ASN n 
1 43  ASN n 
1 44  ILE n 
1 45  GLN n 
1 46  GLY n 
1 47  THR n 
1 48  VAL n 
1 49  TYR n 
1 50  LEU n 
1 51  SER n 
1 52  GLU n 
1 53  ARG n 
1 54  GLY n 
1 55  VAL n 
1 56  ARG n 
1 57  GLN n 
1 58  ALA n 
1 59  HIS n 
1 60  GLY n 
1 61  THR n 
1 62  LEU n 
1 63  ALA n 
1 64  LEU n 
1 65  GLN n 
1 66  GLU n 
1 67  VAL n 
1 68  ALA n 
1 69  ILE n 
1 70  ARG n 
1 71  PHE n 
1 72  GLN n 
1 73  TRP n 
1 74  PHE n 
1 75  ASP n 
1 76  LYS n 
1 77  CYS n 
1 78  VAL n 
1 79  SER n 
1 80  ASN n 
1 81  VAL n 
1 82  GLN n 
1 83  PHE n 
1 84  TYR n 
1 85  ASP n 
1 86  LEU n 
1 87  SER n 
1 88  ASP n 
1 89  ASP n 
1 90  PHE n 
1 91  ASN n 
1 92  ALA n 
1 93  GLN n 
1 94  PHE n 
1 95  ILE n 
1 96  ILE n 
1 97  ASP n 
1 98  GLY n 
1 99  VAL n 
1 100 THR n 
1 101 GLN n 
1 102 ALA n 
1 103 ARG n 
1 104 GLU n 
1 105 ALA n 
1 106 PHE n 
1 107 GLU n 
1 108 ARG n 
1 109 ARG n 
1 110 ILE n 
1 111 GLY n 
1 112 MET n 
1 113 LEU n 
1 114 ARG n 
1 115 HIS n 
1 116 GLN n 
1 117 LEU n 
1 118 LEU n 
1 119 ASP n 
1 120 ALA n 
1 121 GLY n 
1 122 LEU n 
1 123 THR n 
1 124 SER n 
1 125 GLU n 
1 126 LYS n 
1 127 ILE n 
1 128 GLU n 
1 129 GLU n 
1 130 ILE n 
1 131 ILE n 
1 132 GLY n 
1 133 GLN n 
1 134 GLN n 
1 135 LYS n 
1 136 PHE n 
1 137 SER n 
1 138 LEU n 
1 139 GLU n 
1 140 ASN n 
1 141 ALA n 
1 142 THR n 
1 143 GLN n 
1 144 ILE n 
1 145 ALA n 
1 146 LEU n 
1 147 PRO n 
1 148 ASN n 
1 149 PRO n 
1 150 ASP n 
1 151 ASP n 
# 
_entity_src_gen.entity_id                          1 
_entity_src_gen.pdbx_src_id                        1 
_entity_src_gen.pdbx_alt_source_flag               sample 
_entity_src_gen.pdbx_seq_type                      'Biological sequence' 
_entity_src_gen.pdbx_beg_seq_num                   1 
_entity_src_gen.pdbx_end_seq_num                   151 
_entity_src_gen.gene_src_common_name               ? 
_entity_src_gen.gene_src_genus                     ? 
_entity_src_gen.pdbx_gene_src_gene                 XF_a0052 
_entity_src_gen.gene_src_species                   ? 
_entity_src_gen.gene_src_strain                    9a5c 
_entity_src_gen.gene_src_tissue                    ? 
_entity_src_gen.gene_src_tissue_fraction           ? 
_entity_src_gen.gene_src_details                   ? 
_entity_src_gen.pdbx_gene_src_fragment             ? 
_entity_src_gen.pdbx_gene_src_scientific_name      'Xylella fastidiosa (strain 9a5c)' 
_entity_src_gen.pdbx_gene_src_ncbi_taxonomy_id     160492 
_entity_src_gen.pdbx_gene_src_variant              ? 
_entity_src_gen.pdbx_gene_src_cell_line            ? 
_entity_src_gen.pdbx_gene_src_atcc                 ? 
_entity_src_gen.pdbx_gene_src_organ                ? 
_entity_src_gen.pdbx_gene_src_organelle            ? 
_entity_src_gen.pdbx_gene_src_cell                 ? 
_entity_src_gen.pdbx_gene_src_cellular_location    ? 
_entity_src_gen.host_org_common_name               ? 
_entity_src_gen.pdbx_host_org_scientific_name      'Escherichia coli BL21(DE3)' 
_entity_src_gen.pdbx_host_org_ncbi_taxonomy_id     469008 
_entity_src_gen.host_org_genus                     ? 
_entity_src_gen.pdbx_host_org_gene                 ? 
_entity_src_gen.pdbx_host_org_organ                ? 
_entity_src_gen.host_org_species                   ? 
_entity_src_gen.pdbx_host_org_tissue               ? 
_entity_src_gen.pdbx_host_org_tissue_fraction      ? 
_entity_src_gen.pdbx_host_org_strain               ? 
_entity_src_gen.pdbx_host_org_variant              ? 
_entity_src_gen.pdbx_host_org_cell_line            ? 
_entity_src_gen.pdbx_host_org_atcc                 ? 
_entity_src_gen.pdbx_host_org_culture_collection   ? 
_entity_src_gen.pdbx_host_org_cell                 ? 
_entity_src_gen.pdbx_host_org_organelle            ? 
_entity_src_gen.pdbx_host_org_cellular_location    ? 
_entity_src_gen.pdbx_host_org_vector_type          plasmid 
_entity_src_gen.pdbx_host_org_vector               ? 
_entity_src_gen.host_org_details                   ? 
_entity_src_gen.expression_system_id               ? 
_entity_src_gen.plasmid_name                       pET32Xa/LIC 
_entity_src_gen.plasmid_details                    ? 
_entity_src_gen.pdbx_description                   ? 
# 
loop_
_chem_comp.id 
_chem_comp.type 
_chem_comp.mon_nstd_flag 
_chem_comp.name 
_chem_comp.pdbx_synonyms 
_chem_comp.formula 
_chem_comp.formula_weight 
ALA 'L-peptide linking' y ALANINE         ? 'C3 H7 N O2'     89.093  
ARG 'L-peptide linking' y ARGININE        ? 'C6 H15 N4 O2 1' 175.209 
ASN 'L-peptide linking' y ASPARAGINE      ? 'C4 H8 N2 O3'    132.118 
ASP 'L-peptide linking' y 'ASPARTIC ACID' ? 'C4 H7 N O4'     133.103 
CYS 'L-peptide linking' y CYSTEINE        ? 'C3 H7 N O2 S'   121.158 
GLN 'L-peptide linking' y GLUTAMINE       ? 'C5 H10 N2 O3'   146.144 
GLU 'L-peptide linking' y 'GLUTAMIC ACID' ? 'C5 H9 N O4'     147.129 
GLY 'peptide linking'   y GLYCINE         ? 'C2 H5 N O2'     75.067  
HIS 'L-peptide linking' y HISTIDINE       ? 'C6 H10 N3 O2 1' 156.162 
HOH non-polymer         . WATER           ? 'H2 O'           18.015  
ILE 'L-peptide linking' y ISOLEUCINE      ? 'C6 H13 N O2'    131.173 
LEU 'L-peptide linking' y LEUCINE         ? 'C6 H13 N O2'    131.173 
LYS 'L-peptide linking' y LYSINE          ? 'C6 H15 N2 O2 1' 147.195 
MET 'L-peptide linking' y METHIONINE      ? 'C5 H11 N O2 S'  149.211 
PHE 'L-peptide linking' y PHENYLALANINE   ? 'C9 H11 N O2'    165.189 
PRO 'L-peptide linking' y PROLINE         ? 'C5 H9 N O2'     115.130 
SER 'L-peptide linking' y SERINE          ? 'C3 H7 N O3'     105.093 
THR 'L-peptide linking' y THREONINE       ? 'C4 H9 N O3'     119.119 
TRP 'L-peptide linking' y TRYPTOPHAN      ? 'C11 H12 N2 O2'  204.225 
TYR 'L-peptide linking' y TYROSINE        ? 'C9 H11 N O3'    181.189 
VAL 'L-peptide linking' y VALINE          ? 'C5 H11 N O2'    117.146 
# 
loop_
_pdbx_poly_seq_scheme.asym_id 
_pdbx_poly_seq_scheme.entity_id 
_pdbx_poly_seq_scheme.seq_id 
_pdbx_poly_seq_scheme.mon_id 
_pdbx_poly_seq_scheme.ndb_seq_num 
_pdbx_poly_seq_scheme.pdb_seq_num 
_pdbx_poly_seq_scheme.auth_seq_num 
_pdbx_poly_seq_scheme.pdb_mon_id 
_pdbx_poly_seq_scheme.auth_mon_id 
_pdbx_poly_seq_scheme.pdb_strand_id 
_pdbx_poly_seq_scheme.pdb_ins_code 
_pdbx_poly_seq_scheme.hetero 
A 1 1   MET 1   -1  ?   ?   ?   A . n 
A 1 2   MET 2   0   ?   ?   ?   A . n 
A 1 3   ASP 3   1   1   ASP ASP A . n 
A 1 4   ARG 4   2   2   ARG ARG A . n 
A 1 5   CYS 5   3   3   CYS CYS A . n 
A 1 6   LEU 6   4   4   LEU LEU A . n 
A 1 7   ILE 7   5   5   ILE ILE A . n 
A 1 8   VAL 8   6   6   VAL VAL A . n 
A 1 9   PHE 9   7   7   PHE PHE A . n 
A 1 10  ASP 10  8   8   ASP ASP A . n 
A 1 11  LEU 11  9   9   LEU LEU A . n 
A 1 12  ASP 12  10  10  ASP ASP A . n 
A 1 13  THR 13  11  11  THR THR A . n 
A 1 14  LYS 14  12  12  LYS LYS A . n 
A 1 15  LEU 15  13  13  LEU LEU A . n 
A 1 16  LEU 16  14  14  LEU LEU A . n 
A 1 17  GLU 17  15  15  GLU GLU A . n 
A 1 18  GLN 18  16  16  GLN GLN A . n 
A 1 19  HIS 19  17  17  HIS HIS A . n 
A 1 20  TYR 20  18  18  TYR TYR A . n 
A 1 21  HIS 21  19  19  HIS HIS A . n 
A 1 22  ASN 22  20  20  ASN ASN A . n 
A 1 23  SER 23  21  21  SER SER A . n 
A 1 24  SER 24  22  22  SER SER A . n 
A 1 25  TRP 25  23  23  TRP TRP A . n 
A 1 26  ARG 26  24  24  ARG ARG A . n 
A 1 27  ASN 27  25  25  ASN ASN A . n 
A 1 28  GLY 28  26  26  GLY GLY A . n 
A 1 29  TYR 29  27  27  TYR TYR A . n 
A 1 30  ALA 30  28  28  ALA ALA A . n 
A 1 31  ASP 31  29  29  ASP ASP A . n 
A 1 32  ILE 32  30  30  ILE ILE A . n 
A 1 33  GLN 33  31  31  GLN GLN A . n 
A 1 34  ARG 34  32  32  ARG ARG A . n 
A 1 35  VAL 35  33  33  VAL VAL A . n 
A 1 36  LEU 36  34  34  LEU LEU A . n 
A 1 37  TYR 37  35  35  TYR TYR A . n 
A 1 38  ARG 38  36  36  ARG ARG A . n 
A 1 39  HIS 39  37  37  HIS HIS A . n 
A 1 40  ARG 40  38  38  ARG ARG A . n 
A 1 41  PHE 41  39  39  PHE PHE A . n 
A 1 42  ASN 42  40  40  ASN ASN A . n 
A 1 43  ASN 43  41  41  ASN ASN A . n 
A 1 44  ILE 44  42  42  ILE ILE A . n 
A 1 45  GLN 45  43  43  GLN GLN A . n 
A 1 46  GLY 46  44  44  GLY GLY A . n 
A 1 47  THR 47  45  45  THR THR A . n 
A 1 48  VAL 48  46  46  VAL VAL A . n 
A 1 49  TYR 49  47  47  TYR TYR A . n 
A 1 50  LEU 50  48  48  LEU LEU A . n 
A 1 51  SER 51  49  49  SER SER A . n 
A 1 52  GLU 52  50  50  GLU GLU A . n 
A 1 53  ARG 53  51  51  ARG ARG A . n 
A 1 54  GLY 54  52  52  GLY GLY A . n 
A 1 55  VAL 55  53  53  VAL VAL A . n 
A 1 56  ARG 56  54  54  ARG ARG A . n 
A 1 57  GLN 57  55  55  GLN GLN A . n 
A 1 58  ALA 58  56  56  ALA ALA A . n 
A 1 59  HIS 59  57  57  HIS HIS A . n 
A 1 60  GLY 60  58  58  GLY GLY A . n 
A 1 61  THR 61  59  59  THR THR A . n 
A 1 62  LEU 62  60  60  LEU LEU A . n 
A 1 63  ALA 63  61  61  ALA ALA A . n 
A 1 64  LEU 64  62  62  LEU LEU A . n 
A 1 65  GLN 65  63  63  GLN GLN A . n 
A 1 66  GLU 66  64  64  GLU GLU A . n 
A 1 67  VAL 67  65  65  VAL VAL A . n 
A 1 68  ALA 68  66  66  ALA ALA A . n 
A 1 69  ILE 69  67  67  ILE ILE A . n 
A 1 70  ARG 70  68  68  ARG ARG A . n 
A 1 71  PHE 71  69  69  PHE PHE A . n 
A 1 72  GLN 72  70  70  GLN GLN A . n 
A 1 73  TRP 73  71  71  TRP TRP A . n 
A 1 74  PHE 74  72  72  PHE PHE A . n 
A 1 75  ASP 75  73  73  ASP ASP A . n 
A 1 76  LYS 76  74  74  LYS LYS A . n 
A 1 77  CYS 77  75  75  CYS CYS A . n 
A 1 78  VAL 78  76  76  VAL VAL A . n 
A 1 79  SER 79  77  77  SER SER A . n 
A 1 80  ASN 80  78  78  ASN ASN A . n 
A 1 81  VAL 81  79  79  VAL VAL A . n 
A 1 82  GLN 82  80  80  GLN GLN A . n 
A 1 83  PHE 83  81  81  PHE PHE A . n 
A 1 84  TYR 84  82  82  TYR TYR A . n 
A 1 85  ASP 85  83  83  ASP ASP A . n 
A 1 86  LEU 86  84  84  LEU LEU A . n 
A 1 87  SER 87  85  85  SER SER A . n 
A 1 88  ASP 88  86  86  ASP ASP A . n 
A 1 89  ASP 89  87  87  ASP ASP A . n 
A 1 90  PHE 90  88  88  PHE PHE A . n 
A 1 91  ASN 91  89  89  ASN ASN A . n 
A 1 92  ALA 92  90  90  ALA ALA A . n 
A 1 93  GLN 93  91  91  GLN GLN A . n 
A 1 94  PHE 94  92  92  PHE PHE A . n 
A 1 95  ILE 95  93  93  ILE ILE A . n 
A 1 96  ILE 96  94  94  ILE ILE A . n 
A 1 97  ASP 97  95  95  ASP ASP A . n 
A 1 98  GLY 98  96  96  GLY GLY A . n 
A 1 99  VAL 99  97  97  VAL VAL A . n 
A 1 100 THR 100 98  98  THR THR A . n 
A 1 101 GLN 101 99  99  GLN GLN A . n 
A 1 102 ALA 102 100 100 ALA ALA A . n 
A 1 103 ARG 103 101 101 ARG ARG A . n 
A 1 104 GLU 104 102 102 GLU GLU A . n 
A 1 105 ALA 105 103 103 ALA ALA A . n 
A 1 106 PHE 106 104 104 PHE PHE A . n 
A 1 107 GLU 107 105 105 GLU GLU A . n 
A 1 108 ARG 108 106 106 ARG ARG A . n 
A 1 109 ARG 109 107 107 ARG ARG A . n 
A 1 110 ILE 110 108 108 ILE ILE A . n 
A 1 111 GLY 111 109 109 GLY GLY A . n 
A 1 112 MET 112 110 110 MET MET A . n 
A 1 113 LEU 113 111 111 LEU LEU A . n 
A 1 114 ARG 114 112 112 ARG ARG A . n 
A 1 115 HIS 115 113 113 HIS HIS A . n 
A 1 116 GLN 116 114 114 GLN GLN A . n 
A 1 117 LEU 117 115 115 LEU LEU A . n 
A 1 118 LEU 118 116 116 LEU LEU A . n 
A 1 119 ASP 119 117 117 ASP ASP A . n 
A 1 120 ALA 120 118 118 ALA ALA A . n 
A 1 121 GLY 121 119 119 GLY GLY A . n 
A 1 122 LEU 122 120 120 LEU LEU A . n 
A 1 123 THR 123 121 121 THR THR A . n 
A 1 124 SER 124 122 122 SER SER A . n 
A 1 125 GLU 125 123 123 GLU GLU A . n 
A 1 126 LYS 126 124 124 LYS LYS A . n 
A 1 127 ILE 127 125 125 ILE ILE A . n 
A 1 128 GLU 128 126 126 GLU GLU A . n 
A 1 129 GLU 129 127 127 GLU GLU A . n 
A 1 130 ILE 130 128 128 ILE ILE A . n 
A 1 131 ILE 131 129 129 ILE ILE A . n 
A 1 132 GLY 132 130 130 GLY GLY A . n 
A 1 133 GLN 133 131 131 GLN GLN A . n 
A 1 134 GLN 134 132 132 GLN GLN A . n 
A 1 135 LYS 135 133 133 LYS LYS A . n 
A 1 136 PHE 136 134 134 PHE PHE A . n 
A 1 137 SER 137 135 135 SER SER A . n 
A 1 138 LEU 138 136 136 LEU LEU A . n 
A 1 139 GLU 139 137 137 GLU GLU A . n 
A 1 140 ASN 140 138 138 ASN ASN A . n 
A 1 141 ALA 141 139 139 ALA ALA A . n 
A 1 142 THR 142 140 ?   ?   ?   A . n 
A 1 143 GLN 143 141 ?   ?   ?   A . n 
A 1 144 ILE 144 142 ?   ?   ?   A . n 
A 1 145 ALA 145 143 ?   ?   ?   A . n 
A 1 146 LEU 146 144 ?   ?   ?   A . n 
A 1 147 PRO 147 145 ?   ?   ?   A . n 
A 1 148 ASN 148 146 ?   ?   ?   A . n 
A 1 149 PRO 149 147 ?   ?   ?   A . n 
A 1 150 ASP 150 148 ?   ?   ?   A . n 
A 1 151 ASP 151 149 ?   ?   ?   A . n 
# 
loop_
_pdbx_nonpoly_scheme.asym_id 
_pdbx_nonpoly_scheme.entity_id 
_pdbx_nonpoly_scheme.mon_id 
_pdbx_nonpoly_scheme.ndb_seq_num 
_pdbx_nonpoly_scheme.pdb_seq_num 
_pdbx_nonpoly_scheme.auth_seq_num 
_pdbx_nonpoly_scheme.pdb_mon_id 
_pdbx_nonpoly_scheme.auth_mon_id 
_pdbx_nonpoly_scheme.pdb_strand_id 
_pdbx_nonpoly_scheme.pdb_ins_code 
B 2 HOH 1 201 9 HOH HOH A . 
B 2 HOH 2 202 8 HOH HOH A . 
B 2 HOH 3 203 1 HOH HOH A . 
B 2 HOH 4 204 2 HOH HOH A . 
B 2 HOH 5 205 6 HOH HOH A . 
B 2 HOH 6 206 7 HOH HOH A . 
B 2 HOH 7 207 5 HOH HOH A . 
B 2 HOH 8 208 3 HOH HOH A . 
# 
loop_
_software.citation_id 
_software.classification 
_software.compiler_name 
_software.compiler_version 
_software.contact_author 
_software.contact_author_email 
_software.date 
_software.description 
_software.dependencies 
_software.hardware 
_software.language 
_software.location 
_software.mods 
_software.name 
_software.os 
_software.os_version 
_software.type 
_software.version 
_software.pdbx_ordinal 
? refinement       ? ? ? ? ? ? ? ? ? ? ? REFMAC ? ? ? 5.8.0103 1 
? 'data reduction' ? ? ? ? ? ? ? ? ? ? ? XDS    ? ? ? .        2 
? phasing          ? ? ? ? ? ? ? ? ? ? ? PHASER ? ? ? .        3 
? 'data scaling'   ? ? ? ? ? ? ? ? ? ? ? XDS    ? ? ? .        4 
? 'data scaling'   ? ? ? ? ? ? ? ? ? ? ? CNS    ? ? ? .        5 
# 
_cell.entry_id           5DYR 
_cell.length_a           107.930 
_cell.length_b           107.930 
_cell.length_c           53.281 
_cell.angle_alpha        90.00 
_cell.angle_beta         90.00 
_cell.angle_gamma        120.00 
_cell.Z_PDB              6 
_cell.pdbx_unique_axis   ? 
# 
_symmetry.entry_id                         5DYR 
_symmetry.space_group_name_H-M             'P 31 2 1' 
_symmetry.pdbx_full_space_group_name_H-M   ? 
_symmetry.cell_setting                     ? 
_symmetry.Int_Tables_number                152 
# 
_exptl.absorpt_coefficient_mu     ? 
_exptl.absorpt_correction_T_max   ? 
_exptl.absorpt_correction_T_min   ? 
_exptl.absorpt_correction_type    ? 
_exptl.absorpt_process_details    ? 
_exptl.entry_id                   5DYR 
_exptl.crystals_number            ? 
_exptl.details                    ? 
_exptl.method                     'X-RAY DIFFRACTION' 
_exptl.method_details             ? 
# 
_exptl_crystal.colour                      ? 
_exptl_crystal.density_diffrn              ? 
_exptl_crystal.density_Matthews            ? 
_exptl_crystal.density_method              ? 
_exptl_crystal.density_percent_sol         ? 
_exptl_crystal.description                 ? 
_exptl_crystal.F_000                       ? 
_exptl_crystal.id                          1 
_exptl_crystal.preparation                 ? 
_exptl_crystal.size_max                    ? 
_exptl_crystal.size_mid                    ? 
_exptl_crystal.size_min                    ? 
_exptl_crystal.size_rad                    ? 
_exptl_crystal.colour_lustre               ? 
_exptl_crystal.colour_modifier             ? 
_exptl_crystal.colour_primary              ? 
_exptl_crystal.density_meas                ? 
_exptl_crystal.density_meas_esd            ? 
_exptl_crystal.density_meas_gt             ? 
_exptl_crystal.density_meas_lt             ? 
_exptl_crystal.density_meas_temp           ? 
_exptl_crystal.density_meas_temp_esd       ? 
_exptl_crystal.density_meas_temp_gt        ? 
_exptl_crystal.density_meas_temp_lt        ? 
_exptl_crystal.pdbx_crystal_image_url      ? 
_exptl_crystal.pdbx_crystal_image_format   ? 
_exptl_crystal.pdbx_mosaicity              ? 
_exptl_crystal.pdbx_mosaicity_esd          ? 
# 
_exptl_crystal_grow.apparatus       ? 
_exptl_crystal_grow.atmosphere      ? 
_exptl_crystal_grow.crystal_id      1 
_exptl_crystal_grow.details         ? 
_exptl_crystal_grow.method          'VAPOR DIFFUSION, HANGING DROP' 
_exptl_crystal_grow.method_ref      ? 
_exptl_crystal_grow.pH              4.5 
_exptl_crystal_grow.pressure        ? 
_exptl_crystal_grow.pressure_esd    ? 
_exptl_crystal_grow.seeding         ? 
_exptl_crystal_grow.seeding_ref     ? 
_exptl_crystal_grow.temp            289 
_exptl_crystal_grow.temp_details    ? 
_exptl_crystal_grow.temp_esd        ? 
_exptl_crystal_grow.time            ? 
_exptl_crystal_grow.pdbx_details    '20% MPD, 0.1M NaAc pH 4.5, 170mM glycine' 
_exptl_crystal_grow.pdbx_pH_range   ? 
# 
_diffrn.ambient_environment    ? 
_diffrn.ambient_temp           100 
_diffrn.ambient_temp_details   ? 
_diffrn.ambient_temp_esd       ? 
_diffrn.crystal_id             1 
_diffrn.crystal_support        ? 
_diffrn.crystal_treatment      ? 
_diffrn.details                ? 
_diffrn.id                     1 
_diffrn.ambient_pressure       ? 
_diffrn.ambient_pressure_esd   ? 
_diffrn.ambient_pressure_gt    ? 
_diffrn.ambient_pressure_lt    ? 
_diffrn.ambient_temp_gt        ? 
_diffrn.ambient_temp_lt        ? 
# 
_diffrn_detector.details                      ? 
_diffrn_detector.detector                     CCD 
_diffrn_detector.diffrn_id                    1 
_diffrn_detector.type                         'MARMOSAIC 225 mm CCD' 
_diffrn_detector.area_resol_mean              ? 
_diffrn_detector.dtime                        ? 
_diffrn_detector.pdbx_frames_total            ? 
_diffrn_detector.pdbx_collection_time_total   ? 
_diffrn_detector.pdbx_collection_date         2009-09-11 
# 
_diffrn_radiation.collimation                      ? 
_diffrn_radiation.diffrn_id                        1 
_diffrn_radiation.filter_edge                      ? 
_diffrn_radiation.inhomogeneity                    ? 
_diffrn_radiation.monochromator                    ? 
_diffrn_radiation.polarisn_norm                    ? 
_diffrn_radiation.polarisn_ratio                   ? 
_diffrn_radiation.probe                            ? 
_diffrn_radiation.type                             ? 
_diffrn_radiation.xray_symbol                      ? 
_diffrn_radiation.wavelength_id                    1 
_diffrn_radiation.pdbx_monochromatic_or_laue_m_l   M 
_diffrn_radiation.pdbx_wavelength_list             ? 
_diffrn_radiation.pdbx_wavelength                  ? 
_diffrn_radiation.pdbx_diffrn_protocol             'SINGLE WAVELENGTH' 
_diffrn_radiation.pdbx_analyzer                    ? 
_diffrn_radiation.pdbx_scattering_type             x-ray 
# 
_diffrn_radiation_wavelength.id           1 
_diffrn_radiation_wavelength.wavelength   1.4586 
_diffrn_radiation_wavelength.wt           1.0 
# 
_diffrn_source.current                     ? 
_diffrn_source.details                     ? 
_diffrn_source.diffrn_id                   1 
_diffrn_source.power                       ? 
_diffrn_source.size                        ? 
_diffrn_source.source                      SYNCHROTRON 
_diffrn_source.target                      ? 
_diffrn_source.type                        'LNLS BEAMLINE W01B-MX2' 
_diffrn_source.voltage                     ? 
_diffrn_source.take-off_angle              ? 
_diffrn_source.pdbx_wavelength_list        1.4586 
_diffrn_source.pdbx_wavelength             ? 
_diffrn_source.pdbx_synchrotron_beamline   W01B-MX2 
_diffrn_source.pdbx_synchrotron_site       LNLS 
# 
_reflns.B_iso_Wilson_estimate            ? 
_reflns.entry_id                         5DYR 
_reflns.data_reduction_details           ? 
_reflns.data_reduction_method            ? 
_reflns.d_resolution_high                2.2 
_reflns.d_resolution_low                 35.1 
_reflns.details                          ? 
_reflns.limit_h_max                      ? 
_reflns.limit_h_min                      ? 
_reflns.limit_k_max                      ? 
_reflns.limit_k_min                      ? 
_reflns.limit_l_max                      ? 
_reflns.limit_l_min                      ? 
_reflns.number_all                       ? 
_reflns.number_obs                       15925 
_reflns.observed_criterion               ? 
_reflns.observed_criterion_F_max         ? 
_reflns.observed_criterion_F_min         ? 
_reflns.observed_criterion_I_max         ? 
_reflns.observed_criterion_I_min         ? 
_reflns.observed_criterion_sigma_F       ? 
_reflns.observed_criterion_sigma_I       ? 
_reflns.percent_possible_obs             85.8 
_reflns.R_free_details                   ? 
_reflns.Rmerge_F_all                     ? 
_reflns.Rmerge_F_obs                     ? 
_reflns.Friedel_coverage                 ? 
_reflns.number_gt                        ? 
_reflns.threshold_expression             ? 
_reflns.pdbx_redundancy                  11.4 
_reflns.pdbx_Rmerge_I_obs                ? 
_reflns.pdbx_Rmerge_I_all                ? 
_reflns.pdbx_Rsym_value                  0.218 
_reflns.pdbx_netI_over_av_sigmaI         ? 
_reflns.pdbx_netI_over_sigmaI            6.7 
_reflns.pdbx_res_netI_over_av_sigmaI_2   ? 
_reflns.pdbx_res_netI_over_sigmaI_2      ? 
_reflns.pdbx_chi_squared                 ? 
_reflns.pdbx_scaling_rejects             ? 
_reflns.pdbx_d_res_high_opt              ? 
_reflns.pdbx_d_res_low_opt               ? 
_reflns.pdbx_d_res_opt_method            ? 
_reflns.phase_calculation_details        ? 
_reflns.pdbx_Rrim_I_all                  ? 
_reflns.pdbx_Rpim_I_all                  ? 
_reflns.pdbx_d_opt                       ? 
_reflns.pdbx_number_measured_all         ? 
_reflns.pdbx_diffrn_id                   1 
_reflns.pdbx_ordinal                     1 
_reflns.pdbx_CC_half                     ? 
_reflns.pdbx_R_split                     ? 
# 
_refine.pdbx_refine_id                           'X-RAY DIFFRACTION' 
_refine.entry_id                                 5DYR 
_refine.pdbx_diffrn_id                           1 
_refine.pdbx_TLS_residual_ADP_flag               ? 
_refine.ls_number_reflns_obs                     6117 
_refine.ls_number_reflns_all                     ? 
_refine.pdbx_ls_sigma_I                          ? 
_refine.pdbx_ls_sigma_F                          ? 
_refine.pdbx_data_cutoff_high_absF               ? 
_refine.pdbx_data_cutoff_low_absF                ? 
_refine.pdbx_data_cutoff_high_rms_absF           ? 
_refine.ls_d_res_low                             18.69 
_refine.ls_d_res_high                            3.00 
_refine.ls_percent_reflns_obs                    87.34 
_refine.ls_R_factor_obs                          0.20183 
_refine.ls_R_factor_all                          ? 
_refine.ls_R_factor_R_work                       0.19914 
_refine.ls_R_factor_R_free                       0.25306 
_refine.ls_R_factor_R_free_error                 ? 
_refine.ls_R_factor_R_free_error_details         ? 
_refine.ls_percent_reflns_R_free                 5.0 
_refine.ls_number_reflns_R_free                  325 
_refine.ls_number_parameters                     ? 
_refine.ls_number_restraints                     ? 
_refine.occupancy_min                            ? 
_refine.occupancy_max                            ? 
_refine.correlation_coeff_Fo_to_Fc               0.927 
_refine.correlation_coeff_Fo_to_Fc_free          0.897 
_refine.B_iso_mean                               60.259 
_refine.aniso_B[1][1]                            0.15 
_refine.aniso_B[2][2]                            0.15 
_refine.aniso_B[3][3]                            -0.29 
_refine.aniso_B[1][2]                            0.00 
_refine.aniso_B[1][3]                            0.00 
_refine.aniso_B[2][3]                            0.00 
_refine.solvent_model_details                    MASK 
_refine.solvent_model_param_ksol                 ? 
_refine.solvent_model_param_bsol                 ? 
_refine.pdbx_solvent_vdw_probe_radii             1.20 
_refine.pdbx_solvent_ion_probe_radii             0.80 
_refine.pdbx_solvent_shrinkage_radii             0.80 
_refine.pdbx_ls_cross_valid_method               THROUGHOUT 
_refine.details                                  'HYDROGENS HAVE BEEN ADDED IN THE RIDING POSITIONS' 
_refine.pdbx_starting_model                      ? 
_refine.pdbx_method_to_determine_struct          'MOLECULAR REPLACEMENT' 
_refine.pdbx_isotropic_thermal_model             ? 
_refine.pdbx_stereochemistry_target_values       'MAXIMUM LIKELIHOOD' 
_refine.pdbx_stereochem_target_val_spec_case     ? 
_refine.pdbx_R_Free_selection_details            RANDOM 
_refine.pdbx_overall_ESU_R                       0.123 
_refine.pdbx_overall_ESU_R_Free                  0.075 
_refine.overall_SU_ML                            0.151 
_refine.pdbx_overall_phase_error                 ? 
_refine.overall_SU_B                             7.291 
_refine.overall_SU_R_Cruickshank_DPI             ? 
_refine.pdbx_overall_SU_R_free_Cruickshank_DPI   ? 
_refine.pdbx_overall_SU_R_Blow_DPI               ? 
_refine.pdbx_overall_SU_R_free_Blow_DPI          ? 
# 
_refine_hist.pdbx_refine_id                   'X-RAY DIFFRACTION' 
_refine_hist.cycle_id                         LAST 
_refine_hist.pdbx_number_atoms_protein        1153 
_refine_hist.pdbx_number_atoms_nucleic_acid   0 
_refine_hist.pdbx_number_atoms_ligand         0 
_refine_hist.number_atoms_solvent             8 
_refine_hist.number_atoms_total               1161 
_refine_hist.d_res_high                       3.00 
_refine_hist.d_res_low                        18.69 
# 
loop_
_refine_ls_restr.type 
_refine_ls_restr.dev_ideal 
_refine_ls_restr.dev_ideal_target 
_refine_ls_restr.weight 
_refine_ls_restr.number 
_refine_ls_restr.pdbx_refine_id 
_refine_ls_restr.pdbx_restraint_function 
r_bond_refined_d             0.015  0.019  ? 1191 'X-RAY DIFFRACTION' ? 
r_bond_other_d               0.003  0.020  ? 1120 'X-RAY DIFFRACTION' ? 
r_angle_refined_deg          1.722  1.921  ? 1608 'X-RAY DIFFRACTION' ? 
r_angle_other_deg            1.069  3.000  ? 2547 'X-RAY DIFFRACTION' ? 
r_dihedral_angle_1_deg       7.677  5.000  ? 142  'X-RAY DIFFRACTION' ? 
r_dihedral_angle_2_deg       35.621 23.562 ? 73   'X-RAY DIFFRACTION' ? 
r_dihedral_angle_3_deg       18.487 15.000 ? 210  'X-RAY DIFFRACTION' ? 
r_dihedral_angle_4_deg       19.764 15.000 ? 13   'X-RAY DIFFRACTION' ? 
r_chiral_restr               0.090  0.200  ? 170  'X-RAY DIFFRACTION' ? 
r_gen_planes_refined         0.007  0.020  ? 1396 'X-RAY DIFFRACTION' ? 
r_gen_planes_other           0.003  0.020  ? 327  'X-RAY DIFFRACTION' ? 
r_nbd_refined                ?      ?      ? ?    'X-RAY DIFFRACTION' ? 
r_nbd_other                  ?      ?      ? ?    'X-RAY DIFFRACTION' ? 
r_nbtor_refined              ?      ?      ? ?    'X-RAY DIFFRACTION' ? 
r_nbtor_other                ?      ?      ? ?    'X-RAY DIFFRACTION' ? 
r_xyhbond_nbd_refined        ?      ?      ? ?    'X-RAY DIFFRACTION' ? 
r_xyhbond_nbd_other          ?      ?      ? ?    'X-RAY DIFFRACTION' ? 
r_metal_ion_refined          ?      ?      ? ?    'X-RAY DIFFRACTION' ? 
r_metal_ion_other            ?      ?      ? ?    'X-RAY DIFFRACTION' ? 
r_symmetry_vdw_refined       ?      ?      ? ?    'X-RAY DIFFRACTION' ? 
r_symmetry_vdw_other         ?      ?      ? ?    'X-RAY DIFFRACTION' ? 
r_symmetry_hbond_refined     ?      ?      ? ?    'X-RAY DIFFRACTION' ? 
r_symmetry_hbond_other       ?      ?      ? ?    'X-RAY DIFFRACTION' ? 
r_symmetry_metal_ion_refined ?      ?      ? ?    'X-RAY DIFFRACTION' ? 
r_symmetry_metal_ion_other   ?      ?      ? ?    'X-RAY DIFFRACTION' ? 
r_mcbond_it                  5.107  6.055  ? 559  'X-RAY DIFFRACTION' ? 
r_mcbond_other               5.097  6.051  ? 558  'X-RAY DIFFRACTION' ? 
r_mcangle_it                 7.778  9.061  ? 698  'X-RAY DIFFRACTION' ? 
r_mcangle_other              7.778  9.064  ? 699  'X-RAY DIFFRACTION' ? 
r_scbond_it                  4.713  6.020  ? 631  'X-RAY DIFFRACTION' ? 
r_scbond_other               4.713  6.019  ? 631  'X-RAY DIFFRACTION' ? 
r_scangle_it                 ?      ?      ? ?    'X-RAY DIFFRACTION' ? 
r_scangle_other              6.908  9.026  ? 908  'X-RAY DIFFRACTION' ? 
r_long_range_B_refined       11.037 47.648 ? 1447 'X-RAY DIFFRACTION' ? 
r_long_range_B_other         11.034 47.667 ? 1448 'X-RAY DIFFRACTION' ? 
r_rigid_bond_restr           ?      ?      ? ?    'X-RAY DIFFRACTION' ? 
r_sphericity_free            ?      ?      ? ?    'X-RAY DIFFRACTION' ? 
r_sphericity_bonded          ?      ?      ? ?    'X-RAY DIFFRACTION' ? 
# 
_refine_ls_shell.pdbx_refine_id                   'X-RAY DIFFRACTION' 
_refine_ls_shell.pdbx_total_number_of_bins_used   20 
_refine_ls_shell.d_res_high                       3.001 
_refine_ls_shell.d_res_low                        3.079 
_refine_ls_shell.number_reflns_R_work             282 
_refine_ls_shell.R_factor_R_work                  0.179 
_refine_ls_shell.percent_reflns_obs               54.80 
_refine_ls_shell.R_factor_R_free                  0.192 
_refine_ls_shell.R_factor_R_free_error            ? 
_refine_ls_shell.percent_reflns_R_free            ? 
_refine_ls_shell.number_reflns_R_free             9 
_refine_ls_shell.number_reflns_all                ? 
_refine_ls_shell.R_factor_all                     ? 
_refine_ls_shell.R_factor_obs                     ? 
_refine_ls_shell.number_reflns_obs                ? 
# 
_struct.entry_id                     5DYR 
_struct.title                        'Structure of virulence-associated protein D (VapD) from Xylella fastidiosa' 
_struct.pdbx_model_details           ? 
_struct.pdbx_formula_weight          ? 
_struct.pdbx_formula_weight_method   ? 
_struct.pdbx_model_type_details      ? 
_struct.pdbx_CASP_flag               ? 
# 
_struct_keywords.entry_id        5DYR 
_struct_keywords.text            'VapD, Virulence-associated protein D, Xylella fastidiosa, cell invasion, DNA BINDING PROTEIN' 
_struct_keywords.pdbx_keywords   'DNA BINDING PROTEIN' 
# 
loop_
_struct_asym.id 
_struct_asym.pdbx_blank_PDB_chainid_flag 
_struct_asym.pdbx_modified 
_struct_asym.entity_id 
_struct_asym.details 
A N N 1 ? 
B N N 2 ? 
# 
_struct_ref.id                         1 
_struct_ref.db_name                    UNP 
_struct_ref.db_code                    Q9PHF6_XYLFA 
_struct_ref.pdbx_db_accession          Q9PHF6 
_struct_ref.pdbx_db_isoform            ? 
_struct_ref.entity_id                  1 
_struct_ref.pdbx_seq_one_letter_code   
;MMDRCLIVFDLDTKLLEQHYHNSSWRNGYADIQRVLYRHRFNNIQGTVYLSERGVRQAHGTLALQEVAIRFQWFDKCVSN
VQFYDLSDDFNAQFIIDGVTQAREAFERRIGMLRHQLLDAGLTSEKIEEIIGQQKFSLENATQIALPNPDD
;
_struct_ref.pdbx_align_begin           1 
# 
_struct_ref_seq.align_id                      1 
_struct_ref_seq.ref_id                        1 
_struct_ref_seq.pdbx_PDB_id_code              5DYR 
_struct_ref_seq.pdbx_strand_id                A 
_struct_ref_seq.seq_align_beg                 1 
_struct_ref_seq.pdbx_seq_align_beg_ins_code   ? 
_struct_ref_seq.seq_align_end                 151 
_struct_ref_seq.pdbx_seq_align_end_ins_code   ? 
_struct_ref_seq.pdbx_db_accession             Q9PHF6 
_struct_ref_seq.db_align_beg                  1 
_struct_ref_seq.pdbx_db_align_beg_ins_code    ? 
_struct_ref_seq.db_align_end                  151 
_struct_ref_seq.pdbx_db_align_end_ins_code    ? 
_struct_ref_seq.pdbx_auth_seq_align_beg       -1 
_struct_ref_seq.pdbx_auth_seq_align_end       149 
# 
_pdbx_struct_assembly.id                   1 
_pdbx_struct_assembly.details              author_and_software_defined_assembly 
_pdbx_struct_assembly.method_details       PISA 
_pdbx_struct_assembly.oligomeric_details   monomeric 
_pdbx_struct_assembly.oligomeric_count     1 
# 
loop_
_pdbx_struct_assembly_prop.biol_id 
_pdbx_struct_assembly_prop.type 
_pdbx_struct_assembly_prop.value 
_pdbx_struct_assembly_prop.details 
1 'ABSA (A^2)' 0     ? 
1 MORE         0     ? 
1 'SSA (A^2)'  10670 ? 
# 
_pdbx_struct_assembly_gen.assembly_id       1 
_pdbx_struct_assembly_gen.oper_expression   1 
_pdbx_struct_assembly_gen.asym_id_list      A,B 
# 
_pdbx_struct_oper_list.id                   1 
_pdbx_struct_oper_list.type                 'identity operation' 
_pdbx_struct_oper_list.name                 1_555 
_pdbx_struct_oper_list.symmetry_operation   x,y,z 
_pdbx_struct_oper_list.matrix[1][1]         1.0000000000 
_pdbx_struct_oper_list.matrix[1][2]         0.0000000000 
_pdbx_struct_oper_list.matrix[1][3]         0.0000000000 
_pdbx_struct_oper_list.vector[1]            0.0000000000 
_pdbx_struct_oper_list.matrix[2][1]         0.0000000000 
_pdbx_struct_oper_list.matrix[2][2]         1.0000000000 
_pdbx_struct_oper_list.matrix[2][3]         0.0000000000 
_pdbx_struct_oper_list.vector[2]            0.0000000000 
_pdbx_struct_oper_list.matrix[3][1]         0.0000000000 
_pdbx_struct_oper_list.matrix[3][2]         0.0000000000 
_pdbx_struct_oper_list.matrix[3][3]         1.0000000000 
_pdbx_struct_oper_list.vector[3]            0.0000000000 
# 
loop_
_struct_conf.conf_type_id 
_struct_conf.id 
_struct_conf.pdbx_PDB_helix_id 
_struct_conf.beg_label_comp_id 
_struct_conf.beg_label_asym_id 
_struct_conf.beg_label_seq_id 
_struct_conf.pdbx_beg_PDB_ins_code 
_struct_conf.end_label_comp_id 
_struct_conf.end_label_asym_id 
_struct_conf.end_label_seq_id 
_struct_conf.pdbx_end_PDB_ins_code 
_struct_conf.beg_auth_comp_id 
_struct_conf.beg_auth_asym_id 
_struct_conf.beg_auth_seq_id 
_struct_conf.end_auth_comp_id 
_struct_conf.end_auth_asym_id 
_struct_conf.end_auth_seq_id 
_struct_conf.pdbx_PDB_helix_class 
_struct_conf.details 
_struct_conf.pdbx_PDB_helix_length 
HELX_P HELX_P1 AA1 ASP A 12  ? TYR A 20  ? ASP A 10  TYR A 18  1 ? 9  
HELX_P HELX_P2 AA2 TRP A 25  ? HIS A 39  ? TRP A 23  HIS A 37  1 ? 15 
HELX_P HELX_P3 AA3 ARG A 56  ? PHE A 71  ? ARG A 54  PHE A 69  1 ? 16 
HELX_P HELX_P4 AA4 TRP A 73  ? VAL A 81  ? TRP A 71  VAL A 79  1 ? 9  
HELX_P HELX_P5 AA5 ASN A 91  ? GLN A 116 ? ASN A 89  GLN A 114 1 ? 26 
HELX_P HELX_P6 AA6 THR A 123 ? LYS A 135 ? THR A 121 LYS A 133 1 ? 13 
# 
_struct_conf_type.id          HELX_P 
_struct_conf_type.criteria    ? 
_struct_conf_type.reference   ? 
# 
_pdbx_validate_symm_contact.id                1 
_pdbx_validate_symm_contact.PDB_model_num     1 
_pdbx_validate_symm_contact.auth_atom_id_1    SD 
_pdbx_validate_symm_contact.auth_asym_id_1    A 
_pdbx_validate_symm_contact.auth_comp_id_1    MET 
_pdbx_validate_symm_contact.auth_seq_id_1     110 
_pdbx_validate_symm_contact.PDB_ins_code_1    ? 
_pdbx_validate_symm_contact.label_alt_id_1    ? 
_pdbx_validate_symm_contact.site_symmetry_1   1_555 
_pdbx_validate_symm_contact.auth_atom_id_2    SD 
_pdbx_validate_symm_contact.auth_asym_id_2    A 
_pdbx_validate_symm_contact.auth_comp_id_2    MET 
_pdbx_validate_symm_contact.auth_seq_id_2     110 
_pdbx_validate_symm_contact.PDB_ins_code_2    ? 
_pdbx_validate_symm_contact.label_alt_id_2    ? 
_pdbx_validate_symm_contact.site_symmetry_2   6_555 
_pdbx_validate_symm_contact.dist              1.99 
# 
_pdbx_validate_rmsd_angle.id                         1 
_pdbx_validate_rmsd_angle.PDB_model_num              1 
_pdbx_validate_rmsd_angle.auth_atom_id_1             CA 
_pdbx_validate_rmsd_angle.auth_asym_id_1             A 
_pdbx_validate_rmsd_angle.auth_comp_id_1             LEU 
_pdbx_validate_rmsd_angle.auth_seq_id_1              14 
_pdbx_validate_rmsd_angle.PDB_ins_code_1             ? 
_pdbx_validate_rmsd_angle.label_alt_id_1             ? 
_pdbx_validate_rmsd_angle.auth_atom_id_2             CB 
_pdbx_validate_rmsd_angle.auth_asym_id_2             A 
_pdbx_validate_rmsd_angle.auth_comp_id_2             LEU 
_pdbx_validate_rmsd_angle.auth_seq_id_2              14 
_pdbx_validate_rmsd_angle.PDB_ins_code_2             ? 
_pdbx_validate_rmsd_angle.label_alt_id_2             ? 
_pdbx_validate_rmsd_angle.auth_atom_id_3             CG 
_pdbx_validate_rmsd_angle.auth_asym_id_3             A 
_pdbx_validate_rmsd_angle.auth_comp_id_3             LEU 
_pdbx_validate_rmsd_angle.auth_seq_id_3              14 
_pdbx_validate_rmsd_angle.PDB_ins_code_3             ? 
_pdbx_validate_rmsd_angle.label_alt_id_3             ? 
_pdbx_validate_rmsd_angle.angle_value                131.79 
_pdbx_validate_rmsd_angle.angle_target_value         115.30 
_pdbx_validate_rmsd_angle.angle_deviation            16.49 
_pdbx_validate_rmsd_angle.angle_standard_deviation   2.30 
_pdbx_validate_rmsd_angle.linker_flag                N 
# 
loop_
_pdbx_validate_torsion.id 
_pdbx_validate_torsion.PDB_model_num 
_pdbx_validate_torsion.auth_comp_id 
_pdbx_validate_torsion.auth_asym_id 
_pdbx_validate_torsion.auth_seq_id 
_pdbx_validate_torsion.PDB_ins_code 
_pdbx_validate_torsion.label_alt_id 
_pdbx_validate_torsion.phi 
_pdbx_validate_torsion.psi 
1  1 PHE A 7   ? ? 64.99   119.05  
2  1 ASN A 20  ? ? -154.79 34.33   
3  1 ASN A 40  ? ? -99.26  53.26   
4  1 ASN A 41  ? ? 46.12   22.61   
5  1 GLN A 43  ? ? -177.60 141.17  
6  1 SER A 49  ? ? -104.20 -160.67 
7  1 ALA A 56  ? ? -50.79  -75.16  
8  1 LEU A 120 ? ? -26.88  159.01  
9  1 SER A 122 ? ? -28.53  -45.00  
10 1 ASN A 138 ? ? -106.89 71.72   
# 
_pdbx_distant_solvent_atoms.id                                1 
_pdbx_distant_solvent_atoms.PDB_model_num                     1 
_pdbx_distant_solvent_atoms.auth_atom_id                      O 
_pdbx_distant_solvent_atoms.label_alt_id                      ? 
_pdbx_distant_solvent_atoms.auth_asym_id                      A 
_pdbx_distant_solvent_atoms.auth_comp_id                      HOH 
_pdbx_distant_solvent_atoms.auth_seq_id                       208 
_pdbx_distant_solvent_atoms.PDB_ins_code                      ? 
_pdbx_distant_solvent_atoms.neighbor_macromolecule_distance   6.11 
_pdbx_distant_solvent_atoms.neighbor_ligand_distance          . 
# 
loop_
_pdbx_unobs_or_zero_occ_residues.id 
_pdbx_unobs_or_zero_occ_residues.PDB_model_num 
_pdbx_unobs_or_zero_occ_residues.polymer_flag 
_pdbx_unobs_or_zero_occ_residues.occupancy_flag 
_pdbx_unobs_or_zero_occ_residues.auth_asym_id 
_pdbx_unobs_or_zero_occ_residues.auth_comp_id 
_pdbx_unobs_or_zero_occ_residues.auth_seq_id 
_pdbx_unobs_or_zero_occ_residues.PDB_ins_code 
_pdbx_unobs_or_zero_occ_residues.label_asym_id 
_pdbx_unobs_or_zero_occ_residues.label_comp_id 
_pdbx_unobs_or_zero_occ_residues.label_seq_id 
1  1 Y 1 A MET -1  ? A MET 1   
2  1 Y 1 A MET 0   ? A MET 2   
3  1 Y 1 A THR 140 ? A THR 142 
4  1 Y 1 A GLN 141 ? A GLN 143 
5  1 Y 1 A ILE 142 ? A ILE 144 
6  1 Y 1 A ALA 143 ? A ALA 145 
7  1 Y 1 A LEU 144 ? A LEU 146 
8  1 Y 1 A PRO 145 ? A PRO 147 
9  1 Y 1 A ASN 146 ? A ASN 148 
10 1 Y 1 A PRO 147 ? A PRO 149 
11 1 Y 1 A ASP 148 ? A ASP 150 
12 1 Y 1 A ASP 149 ? A ASP 151 
# 
loop_
_chem_comp_atom.comp_id 
_chem_comp_atom.atom_id 
_chem_comp_atom.type_symbol 
_chem_comp_atom.pdbx_aromatic_flag 
_chem_comp_atom.pdbx_stereo_config 
_chem_comp_atom.pdbx_ordinal 
ALA N    N N N 1   
ALA CA   C N S 2   
ALA C    C N N 3   
ALA O    O N N 4   
ALA CB   C N N 5   
ALA OXT  O N N 6   
ALA H    H N N 7   
ALA H2   H N N 8   
ALA HA   H N N 9   
ALA HB1  H N N 10  
ALA HB2  H N N 11  
ALA HB3  H N N 12  
ALA HXT  H N N 13  
ARG N    N N N 14  
ARG CA   C N S 15  
ARG C    C N N 16  
ARG O    O N N 17  
ARG CB   C N N 18  
ARG CG   C N N 19  
ARG CD   C N N 20  
ARG NE   N N N 21  
ARG CZ   C N N 22  
ARG NH1  N N N 23  
ARG NH2  N N N 24  
ARG OXT  O N N 25  
ARG H    H N N 26  
ARG H2   H N N 27  
ARG HA   H N N 28  
ARG HB2  H N N 29  
ARG HB3  H N N 30  
ARG HG2  H N N 31  
ARG HG3  H N N 32  
ARG HD2  H N N 33  
ARG HD3  H N N 34  
ARG HE   H N N 35  
ARG HH11 H N N 36  
ARG HH12 H N N 37  
ARG HH21 H N N 38  
ARG HH22 H N N 39  
ARG HXT  H N N 40  
ASN N    N N N 41  
ASN CA   C N S 42  
ASN C    C N N 43  
ASN O    O N N 44  
ASN CB   C N N 45  
ASN CG   C N N 46  
ASN OD1  O N N 47  
ASN ND2  N N N 48  
ASN OXT  O N N 49  
ASN H    H N N 50  
ASN H2   H N N 51  
ASN HA   H N N 52  
ASN HB2  H N N 53  
ASN HB3  H N N 54  
ASN HD21 H N N 55  
ASN HD22 H N N 56  
ASN HXT  H N N 57  
ASP N    N N N 58  
ASP CA   C N S 59  
ASP C    C N N 60  
ASP O    O N N 61  
ASP CB   C N N 62  
ASP CG   C N N 63  
ASP OD1  O N N 64  
ASP OD2  O N N 65  
ASP OXT  O N N 66  
ASP H    H N N 67  
ASP H2   H N N 68  
ASP HA   H N N 69  
ASP HB2  H N N 70  
ASP HB3  H N N 71  
ASP HD2  H N N 72  
ASP HXT  H N N 73  
CYS N    N N N 74  
CYS CA   C N R 75  
CYS C    C N N 76  
CYS O    O N N 77  
CYS CB   C N N 78  
CYS SG   S N N 79  
CYS OXT  O N N 80  
CYS H    H N N 81  
CYS H2   H N N 82  
CYS HA   H N N 83  
CYS HB2  H N N 84  
CYS HB3  H N N 85  
CYS HG   H N N 86  
CYS HXT  H N N 87  
GLN N    N N N 88  
GLN CA   C N S 89  
GLN C    C N N 90  
GLN O    O N N 91  
GLN CB   C N N 92  
GLN CG   C N N 93  
GLN CD   C N N 94  
GLN OE1  O N N 95  
GLN NE2  N N N 96  
GLN OXT  O N N 97  
GLN H    H N N 98  
GLN H2   H N N 99  
GLN HA   H N N 100 
GLN HB2  H N N 101 
GLN HB3  H N N 102 
GLN HG2  H N N 103 
GLN HG3  H N N 104 
GLN HE21 H N N 105 
GLN HE22 H N N 106 
GLN HXT  H N N 107 
GLU N    N N N 108 
GLU CA   C N S 109 
GLU C    C N N 110 
GLU O    O N N 111 
GLU CB   C N N 112 
GLU CG   C N N 113 
GLU CD   C N N 114 
GLU OE1  O N N 115 
GLU OE2  O N N 116 
GLU OXT  O N N 117 
GLU H    H N N 118 
GLU H2   H N N 119 
GLU HA   H N N 120 
GLU HB2  H N N 121 
GLU HB3  H N N 122 
GLU HG2  H N N 123 
GLU HG3  H N N 124 
GLU HE2  H N N 125 
GLU HXT  H N N 126 
GLY N    N N N 127 
GLY CA   C N N 128 
GLY C    C N N 129 
GLY O    O N N 130 
GLY OXT  O N N 131 
GLY H    H N N 132 
GLY H2   H N N 133 
GLY HA2  H N N 134 
GLY HA3  H N N 135 
GLY HXT  H N N 136 
HIS N    N N N 137 
HIS CA   C N S 138 
HIS C    C N N 139 
HIS O    O N N 140 
HIS CB   C N N 141 
HIS CG   C Y N 142 
HIS ND1  N Y N 143 
HIS CD2  C Y N 144 
HIS CE1  C Y N 145 
HIS NE2  N Y N 146 
HIS OXT  O N N 147 
HIS H    H N N 148 
HIS H2   H N N 149 
HIS HA   H N N 150 
HIS HB2  H N N 151 
HIS HB3  H N N 152 
HIS HD1  H N N 153 
HIS HD2  H N N 154 
HIS HE1  H N N 155 
HIS HE2  H N N 156 
HIS HXT  H N N 157 
HOH O    O N N 158 
HOH H1   H N N 159 
HOH H2   H N N 160 
ILE N    N N N 161 
ILE CA   C N S 162 
ILE C    C N N 163 
ILE O    O N N 164 
ILE CB   C N S 165 
ILE CG1  C N N 166 
ILE CG2  C N N 167 
ILE CD1  C N N 168 
ILE OXT  O N N 169 
ILE H    H N N 170 
ILE H2   H N N 171 
ILE HA   H N N 172 
ILE HB   H N N 173 
ILE HG12 H N N 174 
ILE HG13 H N N 175 
ILE HG21 H N N 176 
ILE HG22 H N N 177 
ILE HG23 H N N 178 
ILE HD11 H N N 179 
ILE HD12 H N N 180 
ILE HD13 H N N 181 
ILE HXT  H N N 182 
LEU N    N N N 183 
LEU CA   C N S 184 
LEU C    C N N 185 
LEU O    O N N 186 
LEU CB   C N N 187 
LEU CG   C N N 188 
LEU CD1  C N N 189 
LEU CD2  C N N 190 
LEU OXT  O N N 191 
LEU H    H N N 192 
LEU H2   H N N 193 
LEU HA   H N N 194 
LEU HB2  H N N 195 
LEU HB3  H N N 196 
LEU HG   H N N 197 
LEU HD11 H N N 198 
LEU HD12 H N N 199 
LEU HD13 H N N 200 
LEU HD21 H N N 201 
LEU HD22 H N N 202 
LEU HD23 H N N 203 
LEU HXT  H N N 204 
LYS N    N N N 205 
LYS CA   C N S 206 
LYS C    C N N 207 
LYS O    O N N 208 
LYS CB   C N N 209 
LYS CG   C N N 210 
LYS CD   C N N 211 
LYS CE   C N N 212 
LYS NZ   N N N 213 
LYS OXT  O N N 214 
LYS H    H N N 215 
LYS H2   H N N 216 
LYS HA   H N N 217 
LYS HB2  H N N 218 
LYS HB3  H N N 219 
LYS HG2  H N N 220 
LYS HG3  H N N 221 
LYS HD2  H N N 222 
LYS HD3  H N N 223 
LYS HE2  H N N 224 
LYS HE3  H N N 225 
LYS HZ1  H N N 226 
LYS HZ2  H N N 227 
LYS HZ3  H N N 228 
LYS HXT  H N N 229 
MET N    N N N 230 
MET CA   C N S 231 
MET C    C N N 232 
MET O    O N N 233 
MET CB   C N N 234 
MET CG   C N N 235 
MET SD   S N N 236 
MET CE   C N N 237 
MET OXT  O N N 238 
MET H    H N N 239 
MET H2   H N N 240 
MET HA   H N N 241 
MET HB2  H N N 242 
MET HB3  H N N 243 
MET HG2  H N N 244 
MET HG3  H N N 245 
MET HE1  H N N 246 
MET HE2  H N N 247 
MET HE3  H N N 248 
MET HXT  H N N 249 
PHE N    N N N 250 
PHE CA   C N S 251 
PHE C    C N N 252 
PHE O    O N N 253 
PHE CB   C N N 254 
PHE CG   C Y N 255 
PHE CD1  C Y N 256 
PHE CD2  C Y N 257 
PHE CE1  C Y N 258 
PHE CE2  C Y N 259 
PHE CZ   C Y N 260 
PHE OXT  O N N 261 
PHE H    H N N 262 
PHE H2   H N N 263 
PHE HA   H N N 264 
PHE HB2  H N N 265 
PHE HB3  H N N 266 
PHE HD1  H N N 267 
PHE HD2  H N N 268 
PHE HE1  H N N 269 
PHE HE2  H N N 270 
PHE HZ   H N N 271 
PHE HXT  H N N 272 
PRO N    N N N 273 
PRO CA   C N S 274 
PRO C    C N N 275 
PRO O    O N N 276 
PRO CB   C N N 277 
PRO CG   C N N 278 
PRO CD   C N N 279 
PRO OXT  O N N 280 
PRO H    H N N 281 
PRO HA   H N N 282 
PRO HB2  H N N 283 
PRO HB3  H N N 284 
PRO HG2  H N N 285 
PRO HG3  H N N 286 
PRO HD2  H N N 287 
PRO HD3  H N N 288 
PRO HXT  H N N 289 
SER N    N N N 290 
SER CA   C N S 291 
SER C    C N N 292 
SER O    O N N 293 
SER CB   C N N 294 
SER OG   O N N 295 
SER OXT  O N N 296 
SER H    H N N 297 
SER H2   H N N 298 
SER HA   H N N 299 
SER HB2  H N N 300 
SER HB3  H N N 301 
SER HG   H N N 302 
SER HXT  H N N 303 
THR N    N N N 304 
THR CA   C N S 305 
THR C    C N N 306 
THR O    O N N 307 
THR CB   C N R 308 
THR OG1  O N N 309 
THR CG2  C N N 310 
THR OXT  O N N 311 
THR H    H N N 312 
THR H2   H N N 313 
THR HA   H N N 314 
THR HB   H N N 315 
THR HG1  H N N 316 
THR HG21 H N N 317 
THR HG22 H N N 318 
THR HG23 H N N 319 
THR HXT  H N N 320 
TRP N    N N N 321 
TRP CA   C N S 322 
TRP C    C N N 323 
TRP O    O N N 324 
TRP CB   C N N 325 
TRP CG   C Y N 326 
TRP CD1  C Y N 327 
TRP CD2  C Y N 328 
TRP NE1  N Y N 329 
TRP CE2  C Y N 330 
TRP CE3  C Y N 331 
TRP CZ2  C Y N 332 
TRP CZ3  C Y N 333 
TRP CH2  C Y N 334 
TRP OXT  O N N 335 
TRP H    H N N 336 
TRP H2   H N N 337 
TRP HA   H N N 338 
TRP HB2  H N N 339 
TRP HB3  H N N 340 
TRP HD1  H N N 341 
TRP HE1  H N N 342 
TRP HE3  H N N 343 
TRP HZ2  H N N 344 
TRP HZ3  H N N 345 
TRP HH2  H N N 346 
TRP HXT  H N N 347 
TYR N    N N N 348 
TYR CA   C N S 349 
TYR C    C N N 350 
TYR O    O N N 351 
TYR CB   C N N 352 
TYR CG   C Y N 353 
TYR CD1  C Y N 354 
TYR CD2  C Y N 355 
TYR CE1  C Y N 356 
TYR CE2  C Y N 357 
TYR CZ   C Y N 358 
TYR OH   O N N 359 
TYR OXT  O N N 360 
TYR H    H N N 361 
TYR H2   H N N 362 
TYR HA   H N N 363 
TYR HB2  H N N 364 
TYR HB3  H N N 365 
TYR HD1  H N N 366 
TYR HD2  H N N 367 
TYR HE1  H N N 368 
TYR HE2  H N N 369 
TYR HH   H N N 370 
TYR HXT  H N N 371 
VAL N    N N N 372 
VAL CA   C N S 373 
VAL C    C N N 374 
VAL O    O N N 375 
VAL CB   C N N 376 
VAL CG1  C N N 377 
VAL CG2  C N N 378 
VAL OXT  O N N 379 
VAL H    H N N 380 
VAL H2   H N N 381 
VAL HA   H N N 382 
VAL HB   H N N 383 
VAL HG11 H N N 384 
VAL HG12 H N N 385 
VAL HG13 H N N 386 
VAL HG21 H N N 387 
VAL HG22 H N N 388 
VAL HG23 H N N 389 
VAL HXT  H N N 390 
# 
loop_
_chem_comp_bond.comp_id 
_chem_comp_bond.atom_id_1 
_chem_comp_bond.atom_id_2 
_chem_comp_bond.value_order 
_chem_comp_bond.pdbx_aromatic_flag 
_chem_comp_bond.pdbx_stereo_config 
_chem_comp_bond.pdbx_ordinal 
ALA N   CA   sing N N 1   
ALA N   H    sing N N 2   
ALA N   H2   sing N N 3   
ALA CA  C    sing N N 4   
ALA CA  CB   sing N N 5   
ALA CA  HA   sing N N 6   
ALA C   O    doub N N 7   
ALA C   OXT  sing N N 8   
ALA CB  HB1  sing N N 9   
ALA CB  HB2  sing N N 10  
ALA CB  HB3  sing N N 11  
ALA OXT HXT  sing N N 12  
ARG N   CA   sing N N 13  
ARG N   H    sing N N 14  
ARG N   H2   sing N N 15  
ARG CA  C    sing N N 16  
ARG CA  CB   sing N N 17  
ARG CA  HA   sing N N 18  
ARG C   O    doub N N 19  
ARG C   OXT  sing N N 20  
ARG CB  CG   sing N N 21  
ARG CB  HB2  sing N N 22  
ARG CB  HB3  sing N N 23  
ARG CG  CD   sing N N 24  
ARG CG  HG2  sing N N 25  
ARG CG  HG3  sing N N 26  
ARG CD  NE   sing N N 27  
ARG CD  HD2  sing N N 28  
ARG CD  HD3  sing N N 29  
ARG NE  CZ   sing N N 30  
ARG NE  HE   sing N N 31  
ARG CZ  NH1  sing N N 32  
ARG CZ  NH2  doub N N 33  
ARG NH1 HH11 sing N N 34  
ARG NH1 HH12 sing N N 35  
ARG NH2 HH21 sing N N 36  
ARG NH2 HH22 sing N N 37  
ARG OXT HXT  sing N N 38  
ASN N   CA   sing N N 39  
ASN N   H    sing N N 40  
ASN N   H2   sing N N 41  
ASN CA  C    sing N N 42  
ASN CA  CB   sing N N 43  
ASN CA  HA   sing N N 44  
ASN C   O    doub N N 45  
ASN C   OXT  sing N N 46  
ASN CB  CG   sing N N 47  
ASN CB  HB2  sing N N 48  
ASN CB  HB3  sing N N 49  
ASN CG  OD1  doub N N 50  
ASN CG  ND2  sing N N 51  
ASN ND2 HD21 sing N N 52  
ASN ND2 HD22 sing N N 53  
ASN OXT HXT  sing N N 54  
ASP N   CA   sing N N 55  
ASP N   H    sing N N 56  
ASP N   H2   sing N N 57  
ASP CA  C    sing N N 58  
ASP CA  CB   sing N N 59  
ASP CA  HA   sing N N 60  
ASP C   O    doub N N 61  
ASP C   OXT  sing N N 62  
ASP CB  CG   sing N N 63  
ASP CB  HB2  sing N N 64  
ASP CB  HB3  sing N N 65  
ASP CG  OD1  doub N N 66  
ASP CG  OD2  sing N N 67  
ASP OD2 HD2  sing N N 68  
ASP OXT HXT  sing N N 69  
CYS N   CA   sing N N 70  
CYS N   H    sing N N 71  
CYS N   H2   sing N N 72  
CYS CA  C    sing N N 73  
CYS CA  CB   sing N N 74  
CYS CA  HA   sing N N 75  
CYS C   O    doub N N 76  
CYS C   OXT  sing N N 77  
CYS CB  SG   sing N N 78  
CYS CB  HB2  sing N N 79  
CYS CB  HB3  sing N N 80  
CYS SG  HG   sing N N 81  
CYS OXT HXT  sing N N 82  
GLN N   CA   sing N N 83  
GLN N   H    sing N N 84  
GLN N   H2   sing N N 85  
GLN CA  C    sing N N 86  
GLN CA  CB   sing N N 87  
GLN CA  HA   sing N N 88  
GLN C   O    doub N N 89  
GLN C   OXT  sing N N 90  
GLN CB  CG   sing N N 91  
GLN CB  HB2  sing N N 92  
GLN CB  HB3  sing N N 93  
GLN CG  CD   sing N N 94  
GLN CG  HG2  sing N N 95  
GLN CG  HG3  sing N N 96  
GLN CD  OE1  doub N N 97  
GLN CD  NE2  sing N N 98  
GLN NE2 HE21 sing N N 99  
GLN NE2 HE22 sing N N 100 
GLN OXT HXT  sing N N 101 
GLU N   CA   sing N N 102 
GLU N   H    sing N N 103 
GLU N   H2   sing N N 104 
GLU CA  C    sing N N 105 
GLU CA  CB   sing N N 106 
GLU CA  HA   sing N N 107 
GLU C   O    doub N N 108 
GLU C   OXT  sing N N 109 
GLU CB  CG   sing N N 110 
GLU CB  HB2  sing N N 111 
GLU CB  HB3  sing N N 112 
GLU CG  CD   sing N N 113 
GLU CG  HG2  sing N N 114 
GLU CG  HG3  sing N N 115 
GLU CD  OE1  doub N N 116 
GLU CD  OE2  sing N N 117 
GLU OE2 HE2  sing N N 118 
GLU OXT HXT  sing N N 119 
GLY N   CA   sing N N 120 
GLY N   H    sing N N 121 
GLY N   H2   sing N N 122 
GLY CA  C    sing N N 123 
GLY CA  HA2  sing N N 124 
GLY CA  HA3  sing N N 125 
GLY C   O    doub N N 126 
GLY C   OXT  sing N N 127 
GLY OXT HXT  sing N N 128 
HIS N   CA   sing N N 129 
HIS N   H    sing N N 130 
HIS N   H2   sing N N 131 
HIS CA  C    sing N N 132 
HIS CA  CB   sing N N 133 
HIS CA  HA   sing N N 134 
HIS C   O    doub N N 135 
HIS C   OXT  sing N N 136 
HIS CB  CG   sing N N 137 
HIS CB  HB2  sing N N 138 
HIS CB  HB3  sing N N 139 
HIS CG  ND1  sing Y N 140 
HIS CG  CD2  doub Y N 141 
HIS ND1 CE1  doub Y N 142 
HIS ND1 HD1  sing N N 143 
HIS CD2 NE2  sing Y N 144 
HIS CD2 HD2  sing N N 145 
HIS CE1 NE2  sing Y N 146 
HIS CE1 HE1  sing N N 147 
HIS NE2 HE2  sing N N 148 
HIS OXT HXT  sing N N 149 
HOH O   H1   sing N N 150 
HOH O   H2   sing N N 151 
ILE N   CA   sing N N 152 
ILE N   H    sing N N 153 
ILE N   H2   sing N N 154 
ILE CA  C    sing N N 155 
ILE CA  CB   sing N N 156 
ILE CA  HA   sing N N 157 
ILE C   O    doub N N 158 
ILE C   OXT  sing N N 159 
ILE CB  CG1  sing N N 160 
ILE CB  CG2  sing N N 161 
ILE CB  HB   sing N N 162 
ILE CG1 CD1  sing N N 163 
ILE CG1 HG12 sing N N 164 
ILE CG1 HG13 sing N N 165 
ILE CG2 HG21 sing N N 166 
ILE CG2 HG22 sing N N 167 
ILE CG2 HG23 sing N N 168 
ILE CD1 HD11 sing N N 169 
ILE CD1 HD12 sing N N 170 
ILE CD1 HD13 sing N N 171 
ILE OXT HXT  sing N N 172 
LEU N   CA   sing N N 173 
LEU N   H    sing N N 174 
LEU N   H2   sing N N 175 
LEU CA  C    sing N N 176 
LEU CA  CB   sing N N 177 
LEU CA  HA   sing N N 178 
LEU C   O    doub N N 179 
LEU C   OXT  sing N N 180 
LEU CB  CG   sing N N 181 
LEU CB  HB2  sing N N 182 
LEU CB  HB3  sing N N 183 
LEU CG  CD1  sing N N 184 
LEU CG  CD2  sing N N 185 
LEU CG  HG   sing N N 186 
LEU CD1 HD11 sing N N 187 
LEU CD1 HD12 sing N N 188 
LEU CD1 HD13 sing N N 189 
LEU CD2 HD21 sing N N 190 
LEU CD2 HD22 sing N N 191 
LEU CD2 HD23 sing N N 192 
LEU OXT HXT  sing N N 193 
LYS N   CA   sing N N 194 
LYS N   H    sing N N 195 
LYS N   H2   sing N N 196 
LYS CA  C    sing N N 197 
LYS CA  CB   sing N N 198 
LYS CA  HA   sing N N 199 
LYS C   O    doub N N 200 
LYS C   OXT  sing N N 201 
LYS CB  CG   sing N N 202 
LYS CB  HB2  sing N N 203 
LYS CB  HB3  sing N N 204 
LYS CG  CD   sing N N 205 
LYS CG  HG2  sing N N 206 
LYS CG  HG3  sing N N 207 
LYS CD  CE   sing N N 208 
LYS CD  HD2  sing N N 209 
LYS CD  HD3  sing N N 210 
LYS CE  NZ   sing N N 211 
LYS CE  HE2  sing N N 212 
LYS CE  HE3  sing N N 213 
LYS NZ  HZ1  sing N N 214 
LYS NZ  HZ2  sing N N 215 
LYS NZ  HZ3  sing N N 216 
LYS OXT HXT  sing N N 217 
MET N   CA   sing N N 218 
MET N   H    sing N N 219 
MET N   H2   sing N N 220 
MET CA  C    sing N N 221 
MET CA  CB   sing N N 222 
MET CA  HA   sing N N 223 
MET C   O    doub N N 224 
MET C   OXT  sing N N 225 
MET CB  CG   sing N N 226 
MET CB  HB2  sing N N 227 
MET CB  HB3  sing N N 228 
MET CG  SD   sing N N 229 
MET CG  HG2  sing N N 230 
MET CG  HG3  sing N N 231 
MET SD  CE   sing N N 232 
MET CE  HE1  sing N N 233 
MET CE  HE2  sing N N 234 
MET CE  HE3  sing N N 235 
MET OXT HXT  sing N N 236 
PHE N   CA   sing N N 237 
PHE N   H    sing N N 238 
PHE N   H2   sing N N 239 
PHE CA  C    sing N N 240 
PHE CA  CB   sing N N 241 
PHE CA  HA   sing N N 242 
PHE C   O    doub N N 243 
PHE C   OXT  sing N N 244 
PHE CB  CG   sing N N 245 
PHE CB  HB2  sing N N 246 
PHE CB  HB3  sing N N 247 
PHE CG  CD1  doub Y N 248 
PHE CG  CD2  sing Y N 249 
PHE CD1 CE1  sing Y N 250 
PHE CD1 HD1  sing N N 251 
PHE CD2 CE2  doub Y N 252 
PHE CD2 HD2  sing N N 253 
PHE CE1 CZ   doub Y N 254 
PHE CE1 HE1  sing N N 255 
PHE CE2 CZ   sing Y N 256 
PHE CE2 HE2  sing N N 257 
PHE CZ  HZ   sing N N 258 
PHE OXT HXT  sing N N 259 
PRO N   CA   sing N N 260 
PRO N   CD   sing N N 261 
PRO N   H    sing N N 262 
PRO CA  C    sing N N 263 
PRO CA  CB   sing N N 264 
PRO CA  HA   sing N N 265 
PRO C   O    doub N N 266 
PRO C   OXT  sing N N 267 
PRO CB  CG   sing N N 268 
PRO CB  HB2  sing N N 269 
PRO CB  HB3  sing N N 270 
PRO CG  CD   sing N N 271 
PRO CG  HG2  sing N N 272 
PRO CG  HG3  sing N N 273 
PRO CD  HD2  sing N N 274 
PRO CD  HD3  sing N N 275 
PRO OXT HXT  sing N N 276 
SER N   CA   sing N N 277 
SER N   H    sing N N 278 
SER N   H2   sing N N 279 
SER CA  C    sing N N 280 
SER CA  CB   sing N N 281 
SER CA  HA   sing N N 282 
SER C   O    doub N N 283 
SER C   OXT  sing N N 284 
SER CB  OG   sing N N 285 
SER CB  HB2  sing N N 286 
SER CB  HB3  sing N N 287 
SER OG  HG   sing N N 288 
SER OXT HXT  sing N N 289 
THR N   CA   sing N N 290 
THR N   H    sing N N 291 
THR N   H2   sing N N 292 
THR CA  C    sing N N 293 
THR CA  CB   sing N N 294 
THR CA  HA   sing N N 295 
THR C   O    doub N N 296 
THR C   OXT  sing N N 297 
THR CB  OG1  sing N N 298 
THR CB  CG2  sing N N 299 
THR CB  HB   sing N N 300 
THR OG1 HG1  sing N N 301 
THR CG2 HG21 sing N N 302 
THR CG2 HG22 sing N N 303 
THR CG2 HG23 sing N N 304 
THR OXT HXT  sing N N 305 
TRP N   CA   sing N N 306 
TRP N   H    sing N N 307 
TRP N   H2   sing N N 308 
TRP CA  C    sing N N 309 
TRP CA  CB   sing N N 310 
TRP CA  HA   sing N N 311 
TRP C   O    doub N N 312 
TRP C   OXT  sing N N 313 
TRP CB  CG   sing N N 314 
TRP CB  HB2  sing N N 315 
TRP CB  HB3  sing N N 316 
TRP CG  CD1  doub Y N 317 
TRP CG  CD2  sing Y N 318 
TRP CD1 NE1  sing Y N 319 
TRP CD1 HD1  sing N N 320 
TRP CD2 CE2  doub Y N 321 
TRP CD2 CE3  sing Y N 322 
TRP NE1 CE2  sing Y N 323 
TRP NE1 HE1  sing N N 324 
TRP CE2 CZ2  sing Y N 325 
TRP CE3 CZ3  doub Y N 326 
TRP CE3 HE3  sing N N 327 
TRP CZ2 CH2  doub Y N 328 
TRP CZ2 HZ2  sing N N 329 
TRP CZ3 CH2  sing Y N 330 
TRP CZ3 HZ3  sing N N 331 
TRP CH2 HH2  sing N N 332 
TRP OXT HXT  sing N N 333 
TYR N   CA   sing N N 334 
TYR N   H    sing N N 335 
TYR N   H2   sing N N 336 
TYR CA  C    sing N N 337 
TYR CA  CB   sing N N 338 
TYR CA  HA   sing N N 339 
TYR C   O    doub N N 340 
TYR C   OXT  sing N N 341 
TYR CB  CG   sing N N 342 
TYR CB  HB2  sing N N 343 
TYR CB  HB3  sing N N 344 
TYR CG  CD1  doub Y N 345 
TYR CG  CD2  sing Y N 346 
TYR CD1 CE1  sing Y N 347 
TYR CD1 HD1  sing N N 348 
TYR CD2 CE2  doub Y N 349 
TYR CD2 HD2  sing N N 350 
TYR CE1 CZ   doub Y N 351 
TYR CE1 HE1  sing N N 352 
TYR CE2 CZ   sing Y N 353 
TYR CE2 HE2  sing N N 354 
TYR CZ  OH   sing N N 355 
TYR OH  HH   sing N N 356 
TYR OXT HXT  sing N N 357 
VAL N   CA   sing N N 358 
VAL N   H    sing N N 359 
VAL N   H2   sing N N 360 
VAL CA  C    sing N N 361 
VAL CA  CB   sing N N 362 
VAL CA  HA   sing N N 363 
VAL C   O    doub N N 364 
VAL C   OXT  sing N N 365 
VAL CB  CG1  sing N N 366 
VAL CB  CG2  sing N N 367 
VAL CB  HB   sing N N 368 
VAL CG1 HG11 sing N N 369 
VAL CG1 HG12 sing N N 370 
VAL CG1 HG13 sing N N 371 
VAL CG2 HG21 sing N N 372 
VAL CG2 HG22 sing N N 373 
VAL CG2 HG23 sing N N 374 
VAL OXT HXT  sing N N 375 
# 
_atom_sites.entry_id                    5DYR 
_atom_sites.fract_transf_matrix[1][1]   -0.00261677 
_atom_sites.fract_transf_matrix[1][2]   -0.00240451 
_atom_sites.fract_transf_matrix[1][3]   0.01009073 
_atom_sites.fract_transf_matrix[2][1]   -0.00859105 
_atom_sites.fract_transf_matrix[2][2]   0.00450174 
_atom_sites.fract_transf_matrix[2][3]   0.00451628 
_atom_sites.fract_transf_matrix[3][1]   -0.01065730 
_atom_sites.fract_transf_matrix[3][2]   -0.01417658 
_atom_sites.fract_transf_matrix[3][3]   -0.00614181 
_atom_sites.fract_transf_vector[1]      -0.179435 
_atom_sites.fract_transf_vector[2]      -0.331488 
_atom_sites.fract_transf_vector[3]      -0.097618 
# 
loop_
_atom_type.symbol 
C 
N 
O 
S 
# 
loop_
_atom_site.group_PDB 
_atom_site.id 
_atom_site.type_symbol 
_atom_site.label_atom_id 
_atom_site.label_alt_id 
_atom_site.label_comp_id 
_atom_site.label_asym_id 
_atom_site.label_entity_id 
_atom_site.label_seq_id 
_atom_site.pdbx_PDB_ins_code 
_atom_site.Cartn_x 
_atom_site.Cartn_y 
_atom_site.Cartn_z 
_atom_site.occupancy 
_atom_site.B_iso_or_equiv 
_atom_site.pdbx_formal_charge 
_atom_site.auth_seq_id 
_atom_site.auth_comp_id 
_atom_site.auth_asym_id 
_atom_site.auth_atom_id 
_atom_site.pdbx_PDB_model_num 
ATOM   1    N N   . ASP A 1 3   ? 8.133   14.285  -7.943  1.00 68.26  ? 1   ASP A N   1 
ATOM   2    C CA  . ASP A 1 3   ? 7.602   15.172  -6.883  1.00 61.87  ? 1   ASP A CA  1 
ATOM   3    C C   . ASP A 1 3   ? 6.364   14.573  -6.144  1.00 61.63  ? 1   ASP A C   1 
ATOM   4    O O   . ASP A 1 3   ? 6.098   14.907  -4.994  1.00 67.52  ? 1   ASP A O   1 
ATOM   5    C CB  . ASP A 1 3   ? 7.260   16.519  -7.501  1.00 58.08  ? 1   ASP A CB  1 
ATOM   6    C CG  . ASP A 1 3   ? 8.326   17.016  -8.434  1.00 52.21  ? 1   ASP A CG  1 
ATOM   7    O OD1 . ASP A 1 3   ? 9.502   16.830  -8.143  1.00 47.38  ? 1   ASP A OD1 1 
ATOM   8    O OD2 . ASP A 1 3   ? 7.992   17.586  -9.481  1.00 54.55  ? 1   ASP A OD2 1 
ATOM   9    N N   . ARG A 1 4   ? 5.612   13.704  -6.807  1.00 58.68  ? 2   ARG A N   1 
ATOM   10   C CA  . ARG A 1 4   ? 4.414   13.086  -6.235  1.00 60.20  ? 2   ARG A CA  1 
ATOM   11   C C   . ARG A 1 4   ? 4.780   11.802  -5.487  1.00 63.19  ? 2   ARG A C   1 
ATOM   12   O O   . ARG A 1 4   ? 4.404   11.629  -4.320  1.00 54.10  ? 2   ARG A O   1 
ATOM   13   C CB  . ARG A 1 4   ? 3.361   12.851  -7.350  1.00 60.45  ? 2   ARG A CB  1 
ATOM   14   C CG  . ARG A 1 4   ? 2.416   14.032  -7.588  1.00 66.14  ? 2   ARG A CG  1 
ATOM   15   C CD  . ARG A 1 4   ? 3.125   15.395  -7.516  1.00 75.56  ? 2   ARG A CD  1 
ATOM   16   N NE  . ARG A 1 4   ? 2.276   16.568  -7.264  1.00 72.10  ? 2   ARG A NE  1 
ATOM   17   C CZ  . ARG A 1 4   ? 2.744   17.817  -7.176  1.00 66.42  ? 2   ARG A CZ  1 
ATOM   18   N NH1 . ARG A 1 4   ? 4.052   18.080  -7.298  1.00 56.41  ? 2   ARG A NH1 1 
ATOM   19   N NH2 . ARG A 1 4   ? 1.891   18.815  -6.977  1.00 68.24  ? 2   ARG A NH2 1 
ATOM   20   N N   . CYS A 1 5   ? 5.529   10.934  -6.177  1.00 69.39  ? 3   CYS A N   1 
ATOM   21   C CA  . CYS A 1 5   ? 5.972   9.625   -5.677  1.00 62.80  ? 3   CYS A CA  1 
ATOM   22   C C   . CYS A 1 5   ? 7.450   9.633   -5.244  1.00 62.88  ? 3   CYS A C   1 
ATOM   23   O O   . CYS A 1 5   ? 7.809   9.001   -4.274  1.00 68.17  ? 3   CYS A O   1 
ATOM   24   C CB  . CYS A 1 5   ? 5.747   8.588   -6.783  1.00 63.29  ? 3   CYS A CB  1 
ATOM   25   S SG  . CYS A 1 5   ? 4.273   8.896   -7.817  1.00 70.21  ? 3   CYS A SG  1 
ATOM   26   N N   . LEU A 1 6   ? 8.310   10.348  -5.963  1.00 61.91  ? 4   LEU A N   1 
ATOM   27   C CA  . LEU A 1 6   ? 9.754   10.310  -5.726  1.00 58.62  ? 4   LEU A CA  1 
ATOM   28   C C   . LEU A 1 6   ? 10.446  11.439  -6.496  1.00 60.61  ? 4   LEU A C   1 
ATOM   29   O O   . LEU A 1 6   ? 9.833   12.038  -7.390  1.00 57.85  ? 4   LEU A O   1 
ATOM   30   C CB  . LEU A 1 6   ? 10.337  8.945   -6.160  1.00 56.97  ? 4   LEU A CB  1 
ATOM   31   C CG  . LEU A 1 6   ? 10.187  8.398   -7.592  1.00 54.91  ? 4   LEU A CG  1 
ATOM   32   C CD1 . LEU A 1 6   ? 11.026  9.164   -8.604  1.00 55.34  ? 4   LEU A CD1 1 
ATOM   33   C CD2 . LEU A 1 6   ? 10.580  6.926   -7.665  1.00 56.95  ? 4   LEU A CD2 1 
ATOM   34   N N   . ILE A 1 7   ? 11.719  11.710  -6.183  1.00 56.45  ? 5   ILE A N   1 
ATOM   35   C CA  . ILE A 1 7   ? 12.503  12.773  -6.860  1.00 52.81  ? 5   ILE A CA  1 
ATOM   36   C C   . ILE A 1 7   ? 13.592  12.220  -7.753  1.00 55.61  ? 5   ILE A C   1 
ATOM   37   O O   . ILE A 1 7   ? 14.543  11.607  -7.285  1.00 52.13  ? 5   ILE A O   1 
ATOM   38   C CB  . ILE A 1 7   ? 13.151  13.763  -5.860  1.00 52.92  ? 5   ILE A CB  1 
ATOM   39   C CG1 . ILE A 1 7   ? 12.128  14.783  -5.402  1.00 55.07  ? 5   ILE A CG1 1 
ATOM   40   C CG2 . ILE A 1 7   ? 14.348  14.518  -6.444  1.00 53.61  ? 5   ILE A CG2 1 
ATOM   41   C CD1 . ILE A 1 7   ? 11.701  15.739  -6.490  1.00 55.02  ? 5   ILE A CD1 1 
ATOM   42   N N   . VAL A 1 8   ? 13.495  12.531  -9.039  1.00 60.29  ? 6   VAL A N   1 
ATOM   43   C CA  . VAL A 1 8   ? 14.385  11.971  -9.965  1.00 66.58  ? 6   VAL A CA  1 
ATOM   44   C C   . VAL A 1 8   ? 15.606  12.887  -10.066 1.00 74.40  ? 6   VAL A C   1 
ATOM   45   O O   . VAL A 1 8   ? 16.711  12.560  -9.606  1.00 96.45  ? 6   VAL A O   1 
ATOM   46   C CB  . VAL A 1 8   ? 13.672  11.674  -11.282 1.00 66.27  ? 6   VAL A CB  1 
ATOM   47   C CG1 . VAL A 1 8   ? 14.653  11.079  -12.317 1.00 68.27  ? 6   VAL A CG1 1 
ATOM   48   C CG2 . VAL A 1 8   ? 12.522  10.707  -10.995 1.00 61.66  ? 6   VAL A CG2 1 
ATOM   49   N N   . PHE A 1 9   ? 15.411  14.035  -10.639 1.00 56.99  ? 7   PHE A N   1 
ATOM   50   C CA  . PHE A 1 9   ? 16.558  14.846  -11.108 1.00 54.97  ? 7   PHE A CA  1 
ATOM   51   C C   . PHE A 1 9   ? 17.419  14.297  -12.230 1.00 52.83  ? 7   PHE A C   1 
ATOM   52   O O   . PHE A 1 9   ? 18.127  13.301  -12.071 1.00 37.96  ? 7   PHE A O   1 
ATOM   53   C CB  . PHE A 1 9   ? 17.531  15.398  -10.084 1.00 46.94  ? 7   PHE A CB  1 
ATOM   54   C CG  . PHE A 1 9   ? 18.453  16.404  -10.723 1.00 48.82  ? 7   PHE A CG  1 
ATOM   55   C CD1 . PHE A 1 9   ? 17.940  17.566  -11.241 1.00 50.68  ? 7   PHE A CD1 1 
ATOM   56   C CD2 . PHE A 1 9   ? 19.790  16.138  -10.940 1.00 49.46  ? 7   PHE A CD2 1 
ATOM   57   C CE1 . PHE A 1 9   ? 18.764  18.489  -11.872 1.00 55.13  ? 7   PHE A CE1 1 
ATOM   58   C CE2 . PHE A 1 9   ? 20.603  17.051  -11.576 1.00 48.53  ? 7   PHE A CE2 1 
ATOM   59   C CZ  . PHE A 1 9   ? 20.094  18.224  -12.051 1.00 48.85  ? 7   PHE A CZ  1 
ATOM   60   N N   . ASP A 1 10  ? 17.407  15.100  -13.311 1.00 60.08  ? 8   ASP A N   1 
ATOM   61   C CA  . ASP A 1 10  ? 17.944  14.788  -14.628 1.00 57.92  ? 8   ASP A CA  1 
ATOM   62   C C   . ASP A 1 10  ? 18.389  16.104  -15.293 1.00 58.33  ? 8   ASP A C   1 
ATOM   63   O O   . ASP A 1 10  ? 17.688  17.131  -15.194 1.00 62.25  ? 8   ASP A O   1 
ATOM   64   C CB  . ASP A 1 10  ? 16.837  14.083  -15.464 1.00 53.34  ? 8   ASP A CB  1 
ATOM   65   C CG  . ASP A 1 10  ? 17.385  13.283  -16.684 1.00 49.40  ? 8   ASP A CG  1 
ATOM   66   O OD1 . ASP A 1 10  ? 18.514  12.752  -16.653 1.00 44.32  ? 8   ASP A OD1 1 
ATOM   67   O OD2 . ASP A 1 10  ? 16.664  13.182  -17.697 1.00 52.17  ? 8   ASP A OD2 1 
ATOM   68   N N   . LEU A 1 11  ? 19.510  16.042  -16.021 1.00 58.28  ? 9   LEU A N   1 
ATOM   69   C CA  . LEU A 1 11  ? 20.111  17.213  -16.724 1.00 53.29  ? 9   LEU A CA  1 
ATOM   70   C C   . LEU A 1 11  ? 19.250  17.751  -17.901 1.00 53.36  ? 9   LEU A C   1 
ATOM   71   O O   . LEU A 1 11  ? 19.465  18.888  -18.355 1.00 54.65  ? 9   LEU A O   1 
ATOM   72   C CB  . LEU A 1 11  ? 21.504  16.851  -17.281 1.00 52.49  ? 9   LEU A CB  1 
ATOM   73   C CG  . LEU A 1 11  ? 22.536  16.036  -16.472 1.00 50.54  ? 9   LEU A CG  1 
ATOM   74   C CD1 . LEU A 1 11  ? 23.595  15.516  -17.447 1.00 50.03  ? 9   LEU A CD1 1 
ATOM   75   C CD2 . LEU A 1 11  ? 23.123  16.879  -15.345 1.00 47.77  ? 9   LEU A CD2 1 
ATOM   76   N N   . ASP A 1 12  ? 18.310  16.935  -18.405 1.00 51.47  ? 10  ASP A N   1 
ATOM   77   C CA  . ASP A 1 12  ? 17.453  17.318  -19.520 1.00 50.36  ? 10  ASP A CA  1 
ATOM   78   C C   . ASP A 1 12  ? 16.717  18.572  -19.101 1.00 46.91  ? 10  ASP A C   1 
ATOM   79   O O   . ASP A 1 12  ? 15.996  18.539  -18.143 1.00 48.27  ? 10  ASP A O   1 
ATOM   80   C CB  . ASP A 1 12  ? 16.463  16.176  -19.911 1.00 53.12  ? 10  ASP A CB  1 
ATOM   81   C CG  . ASP A 1 12  ? 15.553  16.535  -21.179 1.00 56.58  ? 10  ASP A CG  1 
ATOM   82   O OD1 . ASP A 1 12  ? 15.630  17.677  -21.677 1.00 56.20  ? 10  ASP A OD1 1 
ATOM   83   O OD2 . ASP A 1 12  ? 14.753  15.686  -21.680 1.00 53.67  ? 10  ASP A OD2 1 
ATOM   84   N N   . THR A 1 13  ? 16.954  19.660  -19.826 1.00 48.78  ? 11  THR A N   1 
ATOM   85   C CA  . THR A 1 13  ? 16.328  20.970  -19.657 1.00 47.36  ? 11  THR A CA  1 
ATOM   86   C C   . THR A 1 13  ? 14.822  20.967  -19.759 1.00 52.21  ? 11  THR A C   1 
ATOM   87   O O   . THR A 1 13  ? 14.142  21.685  -19.036 1.00 46.60  ? 11  THR A O   1 
ATOM   88   C CB  . THR A 1 13  ? 16.866  21.915  -20.755 1.00 48.41  ? 11  THR A CB  1 
ATOM   89   O OG1 . THR A 1 13  ? 18.270  22.130  -20.530 1.00 51.24  ? 11  THR A OG1 1 
ATOM   90   C CG2 . THR A 1 13  ? 16.152  23.275  -20.767 1.00 50.95  ? 11  THR A CG2 1 
ATOM   91   N N   . LYS A 1 14  ? 14.308  20.209  -20.722 1.00 61.30  ? 12  LYS A N   1 
ATOM   92   C CA  . LYS A 1 14  ? 12.854  20.091  -20.973 1.00 59.32  ? 12  LYS A CA  1 
ATOM   93   C C   . LYS A 1 14  ? 12.166  19.352  -19.845 1.00 52.20  ? 12  LYS A C   1 
ATOM   94   O O   . LYS A 1 14  ? 11.032  19.622  -19.504 1.00 47.69  ? 12  LYS A O   1 
ATOM   95   C CB  . LYS A 1 14  ? 12.654  19.351  -22.303 1.00 62.76  ? 12  LYS A CB  1 
ATOM   96   C CG  . LYS A 1 14  ? 11.247  18.896  -22.659 1.00 64.57  ? 12  LYS A CG  1 
ATOM   97   C CD  . LYS A 1 14  ? 11.337  17.858  -23.765 1.00 63.58  ? 12  LYS A CD  1 
ATOM   98   C CE  . LYS A 1 14  ? 11.783  16.517  -23.222 1.00 62.11  ? 12  LYS A CE  1 
ATOM   99   N NZ  . LYS A 1 14  ? 12.860  15.948  -24.083 1.00 68.06  ? 12  LYS A NZ  1 
ATOM   100  N N   . LEU A 1 15  ? 12.894  18.419  -19.272 1.00 52.03  ? 13  LEU A N   1 
ATOM   101  C CA  . LEU A 1 15  ? 12.381  17.526  -18.264 1.00 60.13  ? 13  LEU A CA  1 
ATOM   102  C C   . LEU A 1 15  ? 12.298  18.221  -16.929 1.00 62.73  ? 13  LEU A C   1 
ATOM   103  O O   . LEU A 1 15  ? 11.445  17.917  -16.120 1.00 59.79  ? 13  LEU A O   1 
ATOM   104  C CB  . LEU A 1 15  ? 13.311  16.326  -18.170 1.00 62.90  ? 13  LEU A CB  1 
ATOM   105  C CG  . LEU A 1 15  ? 12.680  15.087  -17.592 1.00 69.89  ? 13  LEU A CG  1 
ATOM   106  C CD1 . LEU A 1 15  ? 12.942  13.919  -18.504 1.00 73.49  ? 13  LEU A CD1 1 
ATOM   107  C CD2 . LEU A 1 15  ? 13.170  14.831  -16.183 1.00 75.70  ? 13  LEU A CD2 1 
ATOM   108  N N   . LEU A 1 16  ? 13.203  19.166  -16.726 1.00 72.52  ? 14  LEU A N   1 
ATOM   109  C CA  . LEU A 1 16  ? 13.278  20.007  -15.530 1.00 75.50  ? 14  LEU A CA  1 
ATOM   110  C C   . LEU A 1 16  ? 12.174  21.100  -15.663 1.00 79.17  ? 14  LEU A C   1 
ATOM   111  O O   . LEU A 1 16  ? 11.213  21.153  -14.891 1.00 79.15  ? 14  LEU A O   1 
ATOM   112  C CB  . LEU A 1 16  ? 14.726  20.567  -15.440 1.00 91.43  ? 14  LEU A CB  1 
ATOM   113  C CG  . LEU A 1 16  ? 15.562  21.086  -14.240 1.00 107.92 ? 14  LEU A CG  1 
ATOM   114  C CD1 . LEU A 1 16  ? 15.676  20.149  -13.037 1.00 107.87 ? 14  LEU A CD1 1 
ATOM   115  C CD2 . LEU A 1 16  ? 16.965  21.406  -14.766 1.00 108.66 ? 14  LEU A CD2 1 
ATOM   116  N N   . GLU A 1 17  ? 12.261  21.931  -16.691 1.00 77.34  ? 15  GLU A N   1 
ATOM   117  C CA  . GLU A 1 17  ? 11.218  22.902  -16.983 1.00 62.03  ? 15  GLU A CA  1 
ATOM   118  C C   . GLU A 1 17  ? 9.863   22.301  -16.844 1.00 57.10  ? 15  GLU A C   1 
ATOM   119  O O   . GLU A 1 17  ? 8.979   22.976  -16.390 1.00 68.80  ? 15  GLU A O   1 
ATOM   120  C CB  . GLU A 1 17  ? 11.351  23.394  -18.410 1.00 64.05  ? 15  GLU A CB  1 
ATOM   121  C CG  . GLU A 1 17  ? 10.367  24.485  -18.799 1.00 67.18  ? 15  GLU A CG  1 
ATOM   122  C CD  . GLU A 1 17  ? 9.737   24.241  -20.158 1.00 69.96  ? 15  GLU A CD  1 
ATOM   123  O OE1 . GLU A 1 17  ? 10.421  23.763  -21.078 1.00 85.31  ? 15  GLU A OE1 1 
ATOM   124  O OE2 . GLU A 1 17  ? 8.556   24.539  -20.321 1.00 61.20  ? 15  GLU A OE2 1 
ATOM   125  N N   . GLN A 1 18  ? 9.676   21.054  -17.280 1.00 54.76  ? 16  GLN A N   1 
ATOM   126  C CA  . GLN A 1 18  ? 8.365   20.391  -17.146 1.00 53.58  ? 16  GLN A CA  1 
ATOM   127  C C   . GLN A 1 18  ? 8.092   19.949  -15.682 1.00 54.17  ? 16  GLN A C   1 
ATOM   128  O O   . GLN A 1 18  ? 7.118   20.397  -15.075 1.00 47.51  ? 16  GLN A O   1 
ATOM   129  C CB  . GLN A 1 18  ? 8.243   19.223  -18.130 1.00 54.08  ? 16  GLN A CB  1 
ATOM   130  C CG  . GLN A 1 18  ? 6.823   18.703  -18.324 1.00 53.80  ? 16  GLN A CG  1 
ATOM   131  C CD  . GLN A 1 18  ? 6.815   17.218  -18.465 1.00 56.66  ? 16  GLN A CD  1 
ATOM   132  O OE1 . GLN A 1 18  ? 7.436   16.691  -19.409 1.00 55.76  ? 16  GLN A OE1 1 
ATOM   133  N NE2 . GLN A 1 18  ? 6.170   16.506  -17.495 1.00 49.82  ? 16  GLN A NE2 1 
ATOM   134  N N   . HIS A 1 19  ? 8.959   19.125  -15.086 1.00 55.11  ? 17  HIS A N   1 
ATOM   135  C CA  . HIS A 1 19  ? 8.723   18.658  -13.687 1.00 53.22  ? 17  HIS A CA  1 
ATOM   136  C C   . HIS A 1 19  ? 9.071   19.726  -12.609 1.00 52.41  ? 17  HIS A C   1 
ATOM   137  O O   . HIS A 1 19  ? 8.257   20.011  -11.697 1.00 53.82  ? 17  HIS A O   1 
ATOM   138  C CB  . HIS A 1 19  ? 9.417   17.320  -13.380 1.00 48.19  ? 17  HIS A CB  1 
ATOM   139  C CG  . HIS A 1 19  ? 9.106   16.193  -14.352 1.00 53.54  ? 17  HIS A CG  1 
ATOM   140  N ND1 . HIS A 1 19  ? 9.885   15.908  -15.473 1.00 49.06  ? 17  HIS A ND1 1 
ATOM   141  C CD2 . HIS A 1 19  ? 8.165   15.218  -14.304 1.00 48.31  ? 17  HIS A CD2 1 
ATOM   142  C CE1 . HIS A 1 19  ? 9.416   14.838  -16.087 1.00 44.55  ? 17  HIS A CE1 1 
ATOM   143  N NE2 . HIS A 1 19  ? 8.375   14.403  -15.399 1.00 54.41  ? 17  HIS A NE2 1 
ATOM   144  N N   . TYR A 1 20  ? 10.259  20.314  -12.718 1.00 51.06  ? 18  TYR A N   1 
ATOM   145  C CA  . TYR A 1 20  ? 10.784  21.302  -11.722 1.00 52.12  ? 18  TYR A CA  1 
ATOM   146  C C   . TYR A 1 20  ? 10.490  22.870  -11.984 1.00 59.30  ? 18  TYR A C   1 
ATOM   147  O O   . TYR A 1 20  ? 11.124  23.731  -11.366 1.00 56.76  ? 18  TYR A O   1 
ATOM   148  C CB  . TYR A 1 20  ? 12.268  20.973  -11.412 1.00 48.83  ? 18  TYR A CB  1 
ATOM   149  C CG  . TYR A 1 20  ? 12.597  19.450  -11.041 1.00 52.48  ? 18  TYR A CG  1 
ATOM   150  C CD1 . TYR A 1 20  ? 12.796  18.474  -12.035 1.00 51.05  ? 18  TYR A CD1 1 
ATOM   151  C CD2 . TYR A 1 20  ? 12.769  19.016  -9.704  1.00 51.85  ? 18  TYR A CD2 1 
ATOM   152  C CE1 . TYR A 1 20  ? 13.137  17.151  -11.725 1.00 50.55  ? 18  TYR A CE1 1 
ATOM   153  C CE2 . TYR A 1 20  ? 13.091  17.664  -9.399  1.00 47.84  ? 18  TYR A CE2 1 
ATOM   154  C CZ  . TYR A 1 20  ? 13.287  16.737  -10.400 1.00 46.70  ? 18  TYR A CZ  1 
ATOM   155  O OH  . TYR A 1 20  ? 13.610  15.381  -10.149 1.00 35.13  ? 18  TYR A OH  1 
ATOM   156  N N   . HIS A 1 21  ? 9.504   23.191  -12.855 1.00 59.59  ? 19  HIS A N   1 
ATOM   157  C CA  . HIS A 1 21  ? 8.759   24.487  -12.896 1.00 60.29  ? 19  HIS A CA  1 
ATOM   158  C C   . HIS A 1 21  ? 7.864   24.925  -11.649 1.00 71.70  ? 19  HIS A C   1 
ATOM   159  O O   . HIS A 1 21  ? 7.277   26.034  -11.575 1.00 60.61  ? 19  HIS A O   1 
ATOM   160  C CB  . HIS A 1 21  ? 7.773   24.439  -14.080 1.00 64.76  ? 19  HIS A CB  1 
ATOM   161  C CG  . HIS A 1 21  ? 6.475   23.765  -13.748 1.00 66.09  ? 19  HIS A CG  1 
ATOM   162  N ND1 . HIS A 1 21  ? 6.334   22.398  -13.713 1.00 65.46  ? 19  HIS A ND1 1 
ATOM   163  C CD2 . HIS A 1 21  ? 5.279   24.274  -13.369 1.00 69.87  ? 19  HIS A CD2 1 
ATOM   164  C CE1 . HIS A 1 21  ? 5.095   22.094  -13.369 1.00 66.85  ? 19  HIS A CE1 1 
ATOM   165  N NE2 . HIS A 1 21  ? 4.437   23.214  -13.145 1.00 66.08  ? 19  HIS A NE2 1 
ATOM   166  N N   . ASN A 1 22  ? 7.623   24.028  -10.729 1.00 75.67  ? 20  ASN A N   1 
ATOM   167  C CA  . ASN A 1 22  ? 6.959   24.441  -9.526  1.00 71.90  ? 20  ASN A CA  1 
ATOM   168  C C   . ASN A 1 22  ? 7.291   23.529  -8.401  1.00 61.50  ? 20  ASN A C   1 
ATOM   169  O O   . ASN A 1 22  ? 6.474   23.329  -7.523  1.00 60.88  ? 20  ASN A O   1 
ATOM   170  C CB  . ASN A 1 22  ? 5.438   24.569  -9.761  1.00 83.33  ? 20  ASN A CB  1 
ATOM   171  C CG  . ASN A 1 22  ? 4.807   23.292  -10.228 1.00 81.75  ? 20  ASN A CG  1 
ATOM   172  O OD1 . ASN A 1 22  ? 5.462   22.450  -10.803 1.00 86.21  ? 20  ASN A OD1 1 
ATOM   173  N ND2 . ASN A 1 22  ? 3.517   23.155  -9.996  1.00 86.15  ? 20  ASN A ND2 1 
ATOM   174  N N   . SER A 1 23  ? 8.523   23.032  -8.413  1.00 55.48  ? 21  SER A N   1 
ATOM   175  C CA  . SER A 1 23  ? 8.922   22.003  -7.483  1.00 60.38  ? 21  SER A CA  1 
ATOM   176  C C   . SER A 1 23  ? 10.418  22.016  -7.375  1.00 59.36  ? 21  SER A C   1 
ATOM   177  O O   . SER A 1 23  ? 11.064  22.901  -7.939  1.00 51.47  ? 21  SER A O   1 
ATOM   178  C CB  . SER A 1 23  ? 8.359   20.612  -7.892  1.00 65.41  ? 21  SER A CB  1 
ATOM   179  O OG  . SER A 1 23  ? 9.110   19.960  -8.915  1.00 59.89  ? 21  SER A OG  1 
ATOM   180  N N   . SER A 1 24  ? 10.928  21.021  -6.649  1.00 65.07  ? 22  SER A N   1 
ATOM   181  C CA  . SER A 1 24  ? 12.280  20.969  -6.186  1.00 65.68  ? 22  SER A CA  1 
ATOM   182  C C   . SER A 1 24  ? 12.871  19.571  -6.175  1.00 64.34  ? 22  SER A C   1 
ATOM   183  O O   . SER A 1 24  ? 12.306  18.618  -5.562  1.00 48.06  ? 22  SER A O   1 
ATOM   184  C CB  . SER A 1 24  ? 12.327  21.429  -4.743  1.00 75.45  ? 22  SER A CB  1 
ATOM   185  O OG  . SER A 1 24  ? 11.953  20.370  -3.878  1.00 110.85 ? 22  SER A OG  1 
ATOM   186  N N   . TRP A 1 25  ? 14.051  19.492  -6.784  1.00 64.23  ? 23  TRP A N   1 
ATOM   187  C CA  . TRP A 1 25  ? 14.876  18.315  -6.715  1.00 67.40  ? 23  TRP A CA  1 
ATOM   188  C C   . TRP A 1 25  ? 15.748  18.364  -5.476  1.00 72.48  ? 23  TRP A C   1 
ATOM   189  O O   . TRP A 1 25  ? 16.003  17.316  -4.851  1.00 80.53  ? 23  TRP A O   1 
ATOM   190  C CB  . TRP A 1 25  ? 15.674  18.150  -8.012  1.00 66.93  ? 23  TRP A CB  1 
ATOM   191  C CG  . TRP A 1 25  ? 17.023  18.723  -8.057  1.00 69.90  ? 23  TRP A CG  1 
ATOM   192  C CD1 . TRP A 1 25  ? 17.410  19.914  -8.651  1.00 63.47  ? 23  TRP A CD1 1 
ATOM   193  C CD2 . TRP A 1 25  ? 18.208  18.113  -7.553  1.00 63.81  ? 23  TRP A CD2 1 
ATOM   194  N NE1 . TRP A 1 25  ? 18.772  20.070  -8.524  1.00 65.29  ? 23  TRP A NE1 1 
ATOM   195  C CE2 . TRP A 1 25  ? 19.286  18.986  -7.847  1.00 67.14  ? 23  TRP A CE2 1 
ATOM   196  C CE3 . TRP A 1 25  ? 18.459  16.933  -6.859  1.00 60.08  ? 23  TRP A CE3 1 
ATOM   197  C CZ2 . TRP A 1 25  ? 20.605  18.705  -7.465  1.00 67.45  ? 23  TRP A CZ2 1 
ATOM   198  C CZ3 . TRP A 1 25  ? 19.764  16.655  -6.470  1.00 70.08  ? 23  TRP A CZ3 1 
ATOM   199  C CH2 . TRP A 1 25  ? 20.824  17.541  -6.775  1.00 69.92  ? 23  TRP A CH2 1 
ATOM   200  N N   . ARG A 1 26  ? 16.183  19.573  -5.107  1.00 70.51  ? 24  ARG A N   1 
ATOM   201  C CA  . ARG A 1 26  ? 17.099  19.763  -3.974  1.00 67.42  ? 24  ARG A CA  1 
ATOM   202  C C   . ARG A 1 26  ? 16.338  19.589  -2.648  1.00 67.26  ? 24  ARG A C   1 
ATOM   203  O O   . ARG A 1 26  ? 16.616  18.649  -1.894  1.00 75.02  ? 24  ARG A O   1 
ATOM   204  C CB  . ARG A 1 26  ? 17.742  21.140  -4.064  1.00 64.52  ? 24  ARG A CB  1 
ATOM   205  C CG  . ARG A 1 26  ? 19.014  21.305  -3.270  1.00 68.28  ? 24  ARG A CG  1 
ATOM   206  C CD  . ARG A 1 26  ? 19.308  22.785  -3.080  1.00 63.83  ? 24  ARG A CD  1 
ATOM   207  N NE  . ARG A 1 26  ? 19.528  23.438  -4.359  1.00 56.44  ? 24  ARG A NE  1 
ATOM   208  C CZ  . ARG A 1 26  ? 19.637  24.747  -4.530  1.00 49.60  ? 24  ARG A CZ  1 
ATOM   209  N NH1 . ARG A 1 26  ? 19.550  25.560  -3.498  1.00 44.47  ? 24  ARG A NH1 1 
ATOM   210  N NH2 . ARG A 1 26  ? 19.834  25.250  -5.761  1.00 50.14  ? 24  ARG A NH2 1 
ATOM   211  N N   . ASN A 1 27  ? 15.364  20.466  -2.385  1.00 60.55  ? 25  ASN A N   1 
ATOM   212  C CA  . ASN A 1 27  ? 14.471  20.343  -1.230  1.00 56.55  ? 25  ASN A CA  1 
ATOM   213  C C   . ASN A 1 27  ? 13.739  19.037  -1.245  1.00 56.97  ? 25  ASN A C   1 
ATOM   214  O O   . ASN A 1 27  ? 13.561  18.408  -0.192  1.00 53.11  ? 25  ASN A O   1 
ATOM   215  C CB  . ASN A 1 27  ? 13.443  21.482  -1.189  1.00 54.71  ? 25  ASN A CB  1 
ATOM   216  C CG  . ASN A 1 27  ? 14.005  22.737  -0.572  1.00 58.36  ? 25  ASN A CG  1 
ATOM   217  O OD1 . ASN A 1 27  ? 15.161  22.793  -0.163  1.00 58.21  ? 25  ASN A OD1 1 
ATOM   218  N ND2 . ASN A 1 27  ? 13.172  23.742  -0.469  1.00 66.02  ? 25  ASN A ND2 1 
ATOM   219  N N   . GLY A 1 28  ? 13.333  18.628  -2.444  1.00 56.12  ? 26  GLY A N   1 
ATOM   220  C CA  . GLY A 1 28  ? 12.769  17.306  -2.670  1.00 57.23  ? 26  GLY A CA  1 
ATOM   221  C C   . GLY A 1 28  ? 13.653  16.199  -2.133  1.00 52.71  ? 26  GLY A C   1 
ATOM   222  O O   . GLY A 1 28  ? 13.142  15.255  -1.536  1.00 41.59  ? 26  GLY A O   1 
ATOM   223  N N   . TYR A 1 29  ? 14.966  16.338  -2.373  1.00 53.98  ? 27  TYR A N   1 
ATOM   224  C CA  . TYR A 1 29  ? 15.974  15.460  -1.793  1.00 61.86  ? 27  TYR A CA  1 
ATOM   225  C C   . TYR A 1 29  ? 16.321  15.772  -0.329  1.00 62.96  ? 27  TYR A C   1 
ATOM   226  O O   . TYR A 1 29  ? 16.787  14.878  0.383   1.00 66.48  ? 27  TYR A O   1 
ATOM   227  C CB  . TYR A 1 29  ? 17.259  15.439  -2.620  1.00 65.50  ? 27  TYR A CB  1 
ATOM   228  C CG  . TYR A 1 29  ? 18.161  14.309  -2.188  1.00 64.28  ? 27  TYR A CG  1 
ATOM   229  C CD1 . TYR A 1 29  ? 19.053  14.470  -1.134  1.00 59.12  ? 27  TYR A CD1 1 
ATOM   230  C CD2 . TYR A 1 29  ? 18.078  13.056  -2.817  1.00 64.61  ? 27  TYR A CD2 1 
ATOM   231  C CE1 . TYR A 1 29  ? 19.849  13.418  -0.729  1.00 67.29  ? 27  TYR A CE1 1 
ATOM   232  C CE2 . TYR A 1 29  ? 18.877  12.004  -2.427  1.00 60.42  ? 27  TYR A CE2 1 
ATOM   233  C CZ  . TYR A 1 29  ? 19.755  12.192  -1.390  1.00 64.66  ? 27  TYR A CZ  1 
ATOM   234  O OH  . TYR A 1 29  ? 20.544  11.156  -0.994  1.00 76.83  ? 27  TYR A OH  1 
ATOM   235  N N   . ALA A 1 30  ? 16.138  17.015  0.114   1.00 58.83  ? 28  ALA A N   1 
ATOM   236  C CA  . ALA A 1 30  ? 16.126  17.284  1.542   1.00 57.39  ? 28  ALA A CA  1 
ATOM   237  C C   . ALA A 1 30  ? 15.019  16.449  2.137   1.00 61.05  ? 28  ALA A C   1 
ATOM   238  O O   . ALA A 1 30  ? 15.262  15.659  3.028   1.00 62.17  ? 28  ALA A O   1 
ATOM   239  C CB  . ALA A 1 30  ? 15.907  18.757  1.836   1.00 60.16  ? 28  ALA A CB  1 
ATOM   240  N N   . ASP A 1 31  ? 13.821  16.563  1.556   1.00 69.36  ? 29  ASP A N   1 
ATOM   241  C CA  . ASP A 1 31  ? 12.588  15.965  2.105   1.00 63.93  ? 29  ASP A CA  1 
ATOM   242  C C   . ASP A 1 31  ? 12.591  14.443  1.997   1.00 63.98  ? 29  ASP A C   1 
ATOM   243  O O   . ASP A 1 31  ? 11.757  13.789  2.607   1.00 63.56  ? 29  ASP A O   1 
ATOM   244  C CB  . ASP A 1 31  ? 11.346  16.568  1.428   1.00 63.18  ? 29  ASP A CB  1 
ATOM   245  C CG  . ASP A 1 31  ? 11.276  18.113  1.555   1.00 64.61  ? 29  ASP A CG  1 
ATOM   246  O OD1 . ASP A 1 31  ? 11.643  18.600  2.605   1.00 72.10  ? 29  ASP A OD1 1 
ATOM   247  O OD2 . ASP A 1 31  ? 10.876  18.864  0.632   1.00 66.64  ? 29  ASP A OD2 1 
ATOM   248  N N   . ILE A 1 32  ? 13.519  13.898  1.208   1.00 67.76  ? 30  ILE A N   1 
ATOM   249  C CA  . ILE A 1 32  ? 13.882  12.487  1.263   1.00 80.04  ? 30  ILE A CA  1 
ATOM   250  C C   . ILE A 1 32  ? 14.465  12.245  2.657   1.00 80.40  ? 30  ILE A C   1 
ATOM   251  O O   . ILE A 1 32  ? 13.923  11.475  3.447   1.00 92.10  ? 30  ILE A O   1 
ATOM   252  C CB  . ILE A 1 32  ? 14.946  12.083  0.180   1.00 90.43  ? 30  ILE A CB  1 
ATOM   253  C CG1 . ILE A 1 32  ? 14.406  12.194  -1.255  1.00 92.96  ? 30  ILE A CG1 1 
ATOM   254  C CG2 . ILE A 1 32  ? 15.467  10.664  0.417   1.00 96.43  ? 30  ILE A CG2 1 
ATOM   255  C CD1 . ILE A 1 32  ? 13.499  11.064  -1.693  1.00 104.57 ? 30  ILE A CD1 1 
ATOM   256  N N   . GLN A 1 33  ? 15.559  12.934  2.959   1.00 73.17  ? 31  GLN A N   1 
ATOM   257  C CA  . GLN A 1 33  ? 16.262  12.743  4.223   1.00 66.18  ? 31  GLN A CA  1 
ATOM   258  C C   . GLN A 1 33  ? 15.395  13.027  5.465   1.00 59.93  ? 31  GLN A C   1 
ATOM   259  O O   . GLN A 1 33  ? 15.352  12.202  6.368   1.00 60.33  ? 31  GLN A O   1 
ATOM   260  C CB  . GLN A 1 33  ? 17.528  13.601  4.260   1.00 62.71  ? 31  GLN A CB  1 
ATOM   261  C CG  . GLN A 1 33  ? 18.578  13.229  3.216   1.00 63.53  ? 31  GLN A CG  1 
ATOM   262  C CD  . GLN A 1 33  ? 18.970  11.765  3.264   1.00 62.77  ? 31  GLN A CD  1 
ATOM   263  O OE1 . GLN A 1 33  ? 19.763  11.321  4.124   1.00 56.30  ? 31  GLN A OE1 1 
ATOM   264  N NE2 . GLN A 1 33  ? 18.393  10.994  2.347   1.00 62.54  ? 31  GLN A NE2 1 
ATOM   265  N N   . ARG A 1 34  ? 14.689  14.162  5.472   1.00 51.45  ? 32  ARG A N   1 
ATOM   266  C CA  . ARG A 1 34  ? 13.838  14.589  6.602   1.00 52.11  ? 32  ARG A CA  1 
ATOM   267  C C   . ARG A 1 34  ? 12.910  13.497  7.109   1.00 51.15  ? 32  ARG A C   1 
ATOM   268  O O   . ARG A 1 34  ? 12.587  13.469  8.287   1.00 47.91  ? 32  ARG A O   1 
ATOM   269  C CB  . ARG A 1 34  ? 12.980  15.818  6.234   1.00 49.84  ? 32  ARG A CB  1 
ATOM   270  C CG  . ARG A 1 34  ? 13.798  17.083  6.141   1.00 51.08  ? 32  ARG A CG  1 
ATOM   271  C CD  . ARG A 1 34  ? 13.010  18.291  5.657   1.00 49.82  ? 32  ARG A CD  1 
ATOM   272  N NE  . ARG A 1 34  ? 13.942  19.341  5.208   1.00 54.04  ? 32  ARG A NE  1 
ATOM   273  C CZ  . ARG A 1 34  ? 13.743  20.660  5.273   1.00 57.28  ? 32  ARG A CZ  1 
ATOM   274  N NH1 . ARG A 1 34  ? 12.625  21.163  5.764   1.00 66.79  ? 32  ARG A NH1 1 
ATOM   275  N NH2 . ARG A 1 34  ? 14.680  21.497  4.849   1.00 58.34  ? 32  ARG A NH2 1 
ATOM   276  N N   . VAL A 1 35  ? 12.464  12.628  6.206   1.00 54.02  ? 33  VAL A N   1 
ATOM   277  C CA  . VAL A 1 35  ? 11.469  11.601  6.542   1.00 57.82  ? 33  VAL A CA  1 
ATOM   278  C C   . VAL A 1 35  ? 12.187  10.282  6.893   1.00 59.99  ? 33  VAL A C   1 
ATOM   279  O O   . VAL A 1 35  ? 11.827  9.604   7.844   1.00 54.09  ? 33  VAL A O   1 
ATOM   280  C CB  . VAL A 1 35  ? 10.349  11.452  5.445   1.00 52.56  ? 33  VAL A CB  1 
ATOM   281  C CG1 . VAL A 1 35  ? 9.616   12.767  5.222   1.00 45.92  ? 33  VAL A CG1 1 
ATOM   282  C CG2 . VAL A 1 35  ? 10.885  10.938  4.123   1.00 53.49  ? 33  VAL A CG2 1 
ATOM   283  N N   . LEU A 1 36  ? 13.231  9.944   6.147   1.00 65.80  ? 34  LEU A N   1 
ATOM   284  C CA  . LEU A 1 36  ? 14.081  8.796   6.490   1.00 67.28  ? 34  LEU A CA  1 
ATOM   285  C C   . LEU A 1 36  ? 14.747  8.986   7.847   1.00 67.18  ? 34  LEU A C   1 
ATOM   286  O O   . LEU A 1 36  ? 14.870  8.045   8.626   1.00 70.48  ? 34  LEU A O   1 
ATOM   287  C CB  . LEU A 1 36  ? 15.140  8.571   5.414   1.00 67.79  ? 34  LEU A CB  1 
ATOM   288  C CG  . LEU A 1 36  ? 14.548  8.130   4.070   1.00 79.39  ? 34  LEU A CG  1 
ATOM   289  C CD1 . LEU A 1 36  ? 15.631  8.035   2.984   1.00 85.48  ? 34  LEU A CD1 1 
ATOM   290  C CD2 . LEU A 1 36  ? 13.761  6.827   4.213   1.00 81.97  ? 34  LEU A CD2 1 
ATOM   291  N N   . TYR A 1 37  ? 15.191  10.210  8.115   1.00 65.98  ? 35  TYR A N   1 
ATOM   292  C CA  . TYR A 1 37  ? 15.590  10.593  9.452   1.00 55.68  ? 35  TYR A CA  1 
ATOM   293  C C   . TYR A 1 37  ? 14.415  10.264  10.394  1.00 59.08  ? 35  TYR A C   1 
ATOM   294  O O   . TYR A 1 37  ? 14.571  9.359   11.229  1.00 63.14  ? 35  TYR A O   1 
ATOM   295  C CB  . TYR A 1 37  ? 16.106  12.062  9.483   1.00 52.50  ? 35  TYR A CB  1 
ATOM   296  C CG  . TYR A 1 37  ? 17.505  12.209  8.876   1.00 53.19  ? 35  TYR A CG  1 
ATOM   297  C CD1 . TYR A 1 37  ? 18.554  11.357  9.278   1.00 56.13  ? 35  TYR A CD1 1 
ATOM   298  C CD2 . TYR A 1 37  ? 17.811  13.195  7.930   1.00 49.23  ? 35  TYR A CD2 1 
ATOM   299  C CE1 . TYR A 1 37  ? 19.837  11.465  8.736   1.00 53.18  ? 35  TYR A CE1 1 
ATOM   300  C CE2 . TYR A 1 37  ? 19.110  13.301  7.390   1.00 46.92  ? 35  TYR A CE2 1 
ATOM   301  C CZ  . TYR A 1 37  ? 20.116  12.431  7.801   1.00 46.78  ? 35  TYR A CZ  1 
ATOM   302  O OH  . TYR A 1 37  ? 21.398  12.452  7.300   1.00 39.69  ? 35  TYR A OH  1 
ATOM   303  N N   . ARG A 1 38  ? 13.239  10.890  10.211  1.00 58.26  ? 36  ARG A N   1 
ATOM   304  C CA  . ARG A 1 38  ? 12.014  10.538  10.998  1.00 63.17  ? 36  ARG A CA  1 
ATOM   305  C C   . ARG A 1 38  ? 11.754  8.995   11.175  1.00 65.56  ? 36  ARG A C   1 
ATOM   306  O O   . ARG A 1 38  ? 11.612  8.511   12.302  1.00 70.93  ? 36  ARG A O   1 
ATOM   307  C CB  . ARG A 1 38  ? 10.757  11.230  10.425  1.00 66.84  ? 36  ARG A CB  1 
ATOM   308  C CG  . ARG A 1 38  ? 10.575  12.697  10.827  1.00 69.37  ? 36  ARG A CG  1 
ATOM   309  C CD  . ARG A 1 38  ? 9.194   13.257  10.461  1.00 66.90  ? 36  ARG A CD  1 
ATOM   310  N NE  . ARG A 1 38  ? 9.146   14.110  9.254   1.00 66.20  ? 36  ARG A NE  1 
ATOM   311  C CZ  . ARG A 1 38  ? 8.153   14.971  8.954   1.00 66.63  ? 36  ARG A CZ  1 
ATOM   312  N NH1 . ARG A 1 38  ? 7.094   15.124  9.750   1.00 69.02  ? 36  ARG A NH1 1 
ATOM   313  N NH2 . ARG A 1 38  ? 8.207   15.709  7.847   1.00 69.35  ? 36  ARG A NH2 1 
ATOM   314  N N   . HIS A 1 39  ? 11.742  8.237   10.075  1.00 62.39  ? 37  HIS A N   1 
ATOM   315  C CA  . HIS A 1 39  ? 11.626  6.758   10.099  1.00 62.64  ? 37  HIS A CA  1 
ATOM   316  C C   . HIS A 1 39  ? 12.789  6.001   10.795  1.00 65.25  ? 37  HIS A C   1 
ATOM   317  O O   . HIS A 1 39  ? 12.742  4.748   10.871  1.00 57.90  ? 37  HIS A O   1 
ATOM   318  C CB  . HIS A 1 39  ? 11.475  6.200   8.657   1.00 59.41  ? 37  HIS A CB  1 
ATOM   319  C CG  . HIS A 1 39  ? 10.148  6.494   8.055   1.00 61.01  ? 37  HIS A CG  1 
ATOM   320  N ND1 . HIS A 1 39  ? 9.003   5.862   8.473   1.00 64.14  ? 37  HIS A ND1 1 
ATOM   321  C CD2 . HIS A 1 39  ? 9.763   7.395   7.121   1.00 65.72  ? 37  HIS A CD2 1 
ATOM   322  C CE1 . HIS A 1 39  ? 7.968   6.348   7.810   1.00 68.76  ? 37  HIS A CE1 1 
ATOM   323  N NE2 . HIS A 1 39  ? 8.401   7.286   6.989   1.00 63.40  ? 37  HIS A NE2 1 
ATOM   324  N N   . ARG A 1 40  ? 13.803  6.748   11.291  1.00 58.77  ? 38  ARG A N   1 
ATOM   325  C CA  A ARG A 1 40  ? 15.056  6.190   11.841  0.50 53.62  ? 38  ARG A CA  1 
ATOM   326  C CA  B ARG A 1 40  ? 15.026  6.155   11.857  0.50 57.11  ? 38  ARG A CA  1 
ATOM   327  C C   . ARG A 1 40  ? 15.688  5.222   10.826  1.00 55.45  ? 38  ARG A C   1 
ATOM   328  O O   . ARG A 1 40  ? 16.295  4.202   11.173  1.00 56.84  ? 38  ARG A O   1 
ATOM   329  C CB  A ARG A 1 40  ? 14.856  5.580   13.259  0.50 45.62  ? 38  ARG A CB  1 
ATOM   330  C CB  B ARG A 1 40  ? 14.710  5.443   13.195  0.50 53.62  ? 38  ARG A CB  1 
ATOM   331  C CG  A ARG A 1 40  ? 14.498  6.616   14.332  0.50 38.88  ? 38  ARG A CG  1 
ATOM   332  C CG  B ARG A 1 40  ? 15.890  5.271   14.139  0.50 49.22  ? 38  ARG A CG  1 
ATOM   333  C CD  A ARG A 1 40  ? 14.620  6.106   15.755  0.50 33.82  ? 38  ARG A CD  1 
ATOM   334  C CD  B ARG A 1 40  ? 16.432  3.839   14.129  0.50 46.21  ? 38  ARG A CD  1 
ATOM   335  N NE  A ARG A 1 40  ? 13.472  5.295   16.138  0.50 31.18  ? 38  ARG A NE  1 
ATOM   336  N NE  B ARG A 1 40  ? 17.872  3.832   13.925  0.50 40.05  ? 38  ARG A NE  1 
ATOM   337  C CZ  A ARG A 1 40  ? 12.906  5.298   17.342  0.50 28.14  ? 38  ARG A CZ  1 
ATOM   338  C CZ  B ARG A 1 40  ? 18.638  2.802   14.173  0.50 36.55  ? 38  ARG A CZ  1 
ATOM   339  N NH1 A ARG A 1 40  ? 13.347  6.081   18.314  0.50 25.74  ? 38  ARG A NH1 1 
ATOM   340  N NH1 B ARG A 1 40  ? 18.099  1.691   14.601  0.50 41.95  ? 38  ARG A NH1 1 
ATOM   341  N NH2 A ARG A 1 40  ? 11.868  4.519   17.567  0.50 28.47  ? 38  ARG A NH2 1 
ATOM   342  N NH2 B ARG A 1 40  ? 19.921  2.883   13.982  0.50 34.47  ? 38  ARG A NH2 1 
ATOM   343  N N   . PHE A 1 41  ? 15.573  5.605   9.550   1.00 61.51  ? 39  PHE A N   1 
ATOM   344  C CA  . PHE A 1 41  ? 16.071  4.817   8.420   1.00 63.51  ? 39  PHE A CA  1 
ATOM   345  C C   . PHE A 1 41  ? 17.569  4.577   8.544   1.00 56.27  ? 39  PHE A C   1 
ATOM   346  O O   . PHE A 1 41  ? 18.331  5.519   8.759   1.00 49.13  ? 39  PHE A O   1 
ATOM   347  C CB  . PHE A 1 41  ? 15.753  5.525   7.096   1.00 63.72  ? 39  PHE A CB  1 
ATOM   348  C CG  . PHE A 1 41  ? 15.825  4.637   5.890   1.00 67.38  ? 39  PHE A CG  1 
ATOM   349  C CD1 . PHE A 1 41  ? 15.025  3.509   5.797   1.00 66.85  ? 39  PHE A CD1 1 
ATOM   350  C CD2 . PHE A 1 41  ? 16.672  4.952   4.820   1.00 70.74  ? 39  PHE A CD2 1 
ATOM   351  C CE1 . PHE A 1 41  ? 15.090  2.701   4.678   1.00 72.10  ? 39  PHE A CE1 1 
ATOM   352  C CE2 . PHE A 1 41  ? 16.737  4.150   3.702   1.00 69.00  ? 39  PHE A CE2 1 
ATOM   353  C CZ  . PHE A 1 41  ? 15.935  3.030   3.629   1.00 72.70  ? 39  PHE A CZ  1 
ATOM   354  N N   . ASN A 1 42  ? 17.929  3.297   8.489   1.00 61.77  ? 40  ASN A N   1 
ATOM   355  C CA  . ASN A 1 42  ? 19.299  2.799   8.460   1.00 63.47  ? 40  ASN A CA  1 
ATOM   356  C C   . ASN A 1 42  ? 19.744  2.448   7.035   1.00 61.78  ? 40  ASN A C   1 
ATOM   357  O O   . ASN A 1 42  ? 20.195  1.336   6.772   1.00 61.97  ? 40  ASN A O   1 
ATOM   358  C CB  . ASN A 1 42  ? 19.399  1.536   9.322   1.00 65.86  ? 40  ASN A CB  1 
ATOM   359  C CG  . ASN A 1 42  ? 18.997  1.778   10.741  1.00 78.95  ? 40  ASN A CG  1 
ATOM   360  O OD1 . ASN A 1 42  ? 19.399  2.776   11.355  1.00 88.59  ? 40  ASN A OD1 1 
ATOM   361  N ND2 . ASN A 1 42  ? 18.197  0.872   11.283  1.00 86.31  ? 40  ASN A ND2 1 
ATOM   362  N N   . ASN A 1 43  ? 19.616  3.370   6.089   1.00 58.55  ? 41  ASN A N   1 
ATOM   363  C CA  . ASN A 1 43  ? 20.300  3.182   4.795   1.00 59.36  ? 41  ASN A CA  1 
ATOM   364  C C   . ASN A 1 43  ? 20.137  1.780   4.211   1.00 59.60  ? 41  ASN A C   1 
ATOM   365  O O   . ASN A 1 43  ? 20.924  1.337   3.368   1.00 61.09  ? 41  ASN A O   1 
ATOM   366  C CB  . ASN A 1 43  ? 21.809  3.432   4.959   1.00 51.13  ? 41  ASN A CB  1 
ATOM   367  C CG  . ASN A 1 43  ? 22.139  4.809   5.485   1.00 50.40  ? 41  ASN A CG  1 
ATOM   368  O OD1 . ASN A 1 43  ? 21.266  5.593   5.991   1.00 42.70  ? 41  ASN A OD1 1 
ATOM   369  N ND2 . ASN A 1 43  ? 23.424  5.125   5.387   1.00 48.66  ? 41  ASN A ND2 1 
ATOM   370  N N   . ILE A 1 44  ? 19.085  1.105   4.645   1.00 58.59  ? 42  ILE A N   1 
ATOM   371  C CA  . ILE A 1 44  ? 18.964  -0.323  4.477   1.00 53.39  ? 42  ILE A CA  1 
ATOM   372  C C   . ILE A 1 44  ? 18.998  -0.629  2.984   1.00 50.10  ? 42  ILE A C   1 
ATOM   373  O O   . ILE A 1 44  ? 19.763  -1.468  2.555   1.00 54.42  ? 42  ILE A O   1 
ATOM   374  C CB  . ILE A 1 44  ? 17.646  -0.838  5.091   1.00 52.90  ? 42  ILE A CB  1 
ATOM   375  C CG1 . ILE A 1 44  ? 17.569  -0.478  6.575   1.00 48.26  ? 42  ILE A CG1 1 
ATOM   376  C CG2 . ILE A 1 44  ? 17.462  -2.346  4.856   1.00 55.44  ? 42  ILE A CG2 1 
ATOM   377  C CD1 . ILE A 1 44  ? 16.467  0.499   6.883   1.00 51.72  ? 42  ILE A CD1 1 
ATOM   378  N N   . GLN A 1 45  ? 18.175  0.082   2.218   1.00 48.48  ? 43  GLN A N   1 
ATOM   379  C CA  . GLN A 1 45  ? 18.025  -0.116  0.760   1.00 50.28  ? 43  GLN A CA  1 
ATOM   380  C C   . GLN A 1 45  ? 17.018  0.970   0.313   1.00 46.70  ? 43  GLN A C   1 
ATOM   381  O O   . GLN A 1 45  ? 16.073  1.261   1.024   1.00 49.32  ? 43  GLN A O   1 
ATOM   382  C CB  . GLN A 1 45  ? 17.517  -1.557  0.424   1.00 45.35  ? 43  GLN A CB  1 
ATOM   383  C CG  . GLN A 1 45  ? 17.852  -2.135  -0.937  1.00 45.43  ? 43  GLN A CG  1 
ATOM   384  C CD  . GLN A 1 45  ? 17.145  -3.492  -1.190  1.00 52.71  ? 43  GLN A CD  1 
ATOM   385  O OE1 . GLN A 1 45  ? 16.687  -4.180  -0.234  1.00 53.79  ? 43  GLN A OE1 1 
ATOM   386  N NE2 . GLN A 1 45  ? 17.035  -3.882  -2.482  1.00 45.60  ? 43  GLN A NE2 1 
ATOM   387  N N   . GLY A 1 46  ? 17.235  1.568   -0.842  1.00 46.95  ? 44  GLY A N   1 
ATOM   388  C CA  . GLY A 1 46  ? 16.281  2.466   -1.450  1.00 48.20  ? 44  GLY A CA  1 
ATOM   389  C C   . GLY A 1 46  ? 16.132  3.724   -0.641  1.00 55.74  ? 44  GLY A C   1 
ATOM   390  O O   . GLY A 1 46  ? 16.749  3.863   0.416   1.00 67.52  ? 44  GLY A O   1 
ATOM   391  N N   . THR A 1 47  ? 15.293  4.630   -1.130  1.00 53.72  ? 45  THR A N   1 
ATOM   392  C CA  . THR A 1 47  ? 14.968  5.848   -0.425  1.00 52.12  ? 45  THR A CA  1 
ATOM   393  C C   . THR A 1 47  ? 13.473  5.902   -0.337  1.00 53.66  ? 45  THR A C   1 
ATOM   394  O O   . THR A 1 47  ? 12.811  5.304   -1.165  1.00 53.44  ? 45  THR A O   1 
ATOM   395  C CB  . THR A 1 47  ? 15.422  7.073   -1.221  1.00 57.55  ? 45  THR A CB  1 
ATOM   396  O OG1 . THR A 1 47  ? 14.682  7.143   -2.443  1.00 60.88  ? 45  THR A OG1 1 
ATOM   397  C CG2 . THR A 1 47  ? 16.925  7.029   -1.527  1.00 53.62  ? 45  THR A CG2 1 
ATOM   398  N N   . VAL A 1 48  ? 12.941  6.621   0.655   1.00 61.25  ? 46  VAL A N   1 
ATOM   399  C CA  . VAL A 1 48  ? 11.477  6.760   0.847   1.00 65.22  ? 46  VAL A CA  1 
ATOM   400  C C   . VAL A 1 48  ? 11.081  8.230   0.637   1.00 69.88  ? 46  VAL A C   1 
ATOM   401  O O   . VAL A 1 48  ? 11.737  9.144   1.167   1.00 68.17  ? 46  VAL A O   1 
ATOM   402  C CB  . VAL A 1 48  ? 10.977  6.325   2.253   1.00 60.88  ? 46  VAL A CB  1 
ATOM   403  C CG1 . VAL A 1 48  ? 9.451   6.283   2.285   1.00 61.29  ? 46  VAL A CG1 1 
ATOM   404  C CG2 . VAL A 1 48  ? 11.536  4.978   2.667   1.00 61.40  ? 46  VAL A CG2 1 
ATOM   405  N N   . TYR A 1 49  ? 10.000  8.441   -0.114  1.00 67.93  ? 47  TYR A N   1 
ATOM   406  C CA  . TYR A 1 49  ? 9.529   9.781   -0.438  1.00 70.38  ? 47  TYR A CA  1 
ATOM   407  C C   . TYR A 1 49  ? 8.042   9.922   -0.104  1.00 71.71  ? 47  TYR A C   1 
ATOM   408  O O   . TYR A 1 49  ? 7.190   9.225   -0.687  1.00 71.24  ? 47  TYR A O   1 
ATOM   409  C CB  . TYR A 1 49  ? 9.764   10.112  -1.907  1.00 61.74  ? 47  TYR A CB  1 
ATOM   410  C CG  . TYR A 1 49  ? 9.245   11.478  -2.228  1.00 56.62  ? 47  TYR A CG  1 
ATOM   411  C CD1 . TYR A 1 49  ? 10.059  12.575  -2.121  1.00 56.24  ? 47  TYR A CD1 1 
ATOM   412  C CD2 . TYR A 1 49  ? 7.918   11.676  -2.589  1.00 54.23  ? 47  TYR A CD2 1 
ATOM   413  C CE1 . TYR A 1 49  ? 9.581   13.845  -2.413  1.00 53.54  ? 47  TYR A CE1 1 
ATOM   414  C CE2 . TYR A 1 49  ? 7.436   12.935  -2.873  1.00 51.77  ? 47  TYR A CE2 1 
ATOM   415  C CZ  . TYR A 1 49  ? 8.280   14.008  -2.778  1.00 47.08  ? 47  TYR A CZ  1 
ATOM   416  O OH  . TYR A 1 49  ? 7.821   15.242  -3.036  1.00 42.26  ? 47  TYR A OH  1 
ATOM   417  N N   . LEU A 1 50  ? 7.740   10.837  0.814   1.00 60.21  ? 48  LEU A N   1 
ATOM   418  C CA  . LEU A 1 50  ? 6.376   11.069  1.216   1.00 56.92  ? 48  LEU A CA  1 
ATOM   419  C C   . LEU A 1 50  ? 5.965   12.294  0.461   1.00 60.56  ? 48  LEU A C   1 
ATOM   420  O O   . LEU A 1 50  ? 6.785   12.873  -0.239  1.00 64.77  ? 48  LEU A O   1 
ATOM   421  C CB  . LEU A 1 50  ? 6.274   11.241  2.716   1.00 56.06  ? 48  LEU A CB  1 
ATOM   422  C CG  . LEU A 1 50  ? 6.713   9.989   3.503   1.00 57.95  ? 48  LEU A CG  1 
ATOM   423  C CD1 . LEU A 1 50  ? 6.970   10.320  4.972   1.00 57.69  ? 48  LEU A CD1 1 
ATOM   424  C CD2 . LEU A 1 50  ? 5.711   8.844   3.346   1.00 57.42  ? 48  LEU A CD2 1 
ATOM   425  N N   . SER A 1 51  ? 4.692   12.663  0.569   1.00 59.64  ? 49  SER A N   1 
ATOM   426  C CA  . SER A 1 51  ? 4.132   13.755  -0.216  1.00 62.09  ? 49  SER A CA  1 
ATOM   427  C C   . SER A 1 51  ? 3.965   14.990  0.663   1.00 56.26  ? 49  SER A C   1 
ATOM   428  O O   . SER A 1 51  ? 4.537   15.090  1.715   1.00 54.54  ? 49  SER A O   1 
ATOM   429  C CB  . SER A 1 51  ? 2.779   13.295  -0.789  1.00 66.80  ? 49  SER A CB  1 
ATOM   430  O OG  . SER A 1 51  ? 1.717   13.485  0.142   1.00 68.42  ? 49  SER A OG  1 
ATOM   431  N N   . GLU A 1 52  ? 3.136   15.915  0.241   1.00 58.18  ? 50  GLU A N   1 
ATOM   432  C CA  A GLU A 1 52  ? 2.717   17.029  1.082   0.50 59.96  ? 50  GLU A CA  1 
ATOM   433  C CA  B GLU A 1 52  ? 2.759   17.016  1.122   0.50 56.93  ? 50  GLU A CA  1 
ATOM   434  C C   . GLU A 1 52  ? 1.806   16.463  2.196   1.00 60.13  ? 50  GLU A C   1 
ATOM   435  O O   . GLU A 1 52  ? 1.878   16.890  3.378   1.00 47.88  ? 50  GLU A O   1 
ATOM   436  C CB  A GLU A 1 52  ? 1.945   18.061  0.250   0.50 58.79  ? 50  GLU A CB  1 
ATOM   437  C CB  B GLU A 1 52  ? 2.124   18.168  0.344   0.50 52.51  ? 50  GLU A CB  1 
ATOM   438  C CG  A GLU A 1 52  ? 2.669   18.573  -0.989  0.50 57.69  ? 50  GLU A CG  1 
ATOM   439  C CG  B GLU A 1 52  ? 3.005   18.668  -0.782  0.50 48.64  ? 50  GLU A CG  1 
ATOM   440  C CD  A GLU A 1 52  ? 1.720   18.829  -2.147  0.50 55.78  ? 50  GLU A CD  1 
ATOM   441  C CD  B GLU A 1 52  ? 2.951   17.761  -1.989  0.50 43.63  ? 50  GLU A CD  1 
ATOM   442  O OE1 A GLU A 1 52  ? 0.839   17.978  -2.391  0.50 48.59  ? 50  GLU A OE1 1 
ATOM   443  O OE1 B GLU A 1 52  ? 1.956   17.043  -2.134  0.50 37.70  ? 50  GLU A OE1 1 
ATOM   444  O OE2 A GLU A 1 52  ? 1.858   19.885  -2.806  0.50 56.31  ? 50  GLU A OE2 1 
ATOM   445  O OE2 B GLU A 1 52  ? 3.904   17.748  -2.772  0.50 43.91  ? 50  GLU A OE2 1 
ATOM   446  N N   . ARG A 1 53  ? 0.940   15.502  1.798   1.00 59.25  ? 51  ARG A N   1 
ATOM   447  C CA  . ARG A 1 53  ? 0.020   14.817  2.741   1.00 60.53  ? 51  ARG A CA  1 
ATOM   448  C C   . ARG A 1 53  ? 0.631   13.760  3.661   1.00 53.18  ? 51  ARG A C   1 
ATOM   449  O O   . ARG A 1 53  ? 0.192   13.616  4.787   1.00 47.00  ? 51  ARG A O   1 
ATOM   450  C CB  . ARG A 1 53  ? -1.175  14.195  2.021   1.00 59.48  ? 51  ARG A CB  1 
ATOM   451  C CG  . ARG A 1 53  ? -2.013  15.179  1.237   1.00 62.57  ? 51  ARG A CG  1 
ATOM   452  C CD  . ARG A 1 53  ? -2.401  16.470  1.944   1.00 60.70  ? 51  ARG A CD  1 
ATOM   453  N NE  . ARG A 1 53  ? -2.133  17.584  1.025   1.00 72.83  ? 51  ARG A NE  1 
ATOM   454  C CZ  . ARG A 1 53  ? -1.445  18.699  1.285   1.00 69.85  ? 51  ARG A CZ  1 
ATOM   455  N NH1 . ARG A 1 53  ? -0.965  18.925  2.491   1.00 69.24  ? 51  ARG A NH1 1 
ATOM   456  N NH2 . ARG A 1 53  ? -1.266  19.629  0.326   1.00 68.17  ? 51  ARG A NH2 1 
ATOM   457  N N   . GLY A 1 54  ? 1.633   13.043  3.178   1.00 56.86  ? 52  GLY A N   1 
ATOM   458  C CA  . GLY A 1 54  ? 2.344   12.015  3.944   1.00 54.09  ? 52  GLY A CA  1 
ATOM   459  C C   . GLY A 1 54  ? 2.360   10.830  3.014   1.00 57.53  ? 52  GLY A C   1 
ATOM   460  O O   . GLY A 1 54  ? 2.752   10.946  1.826   1.00 54.23  ? 52  GLY A O   1 
ATOM   461  N N   . VAL A 1 55  ? 1.917   9.705   3.546   1.00 58.40  ? 53  VAL A N   1 
ATOM   462  C CA  . VAL A 1 55  ? 1.452   8.595   2.724   1.00 62.91  ? 53  VAL A CA  1 
ATOM   463  C C   . VAL A 1 55  ? 0.080   8.976   2.070   1.00 61.36  ? 53  VAL A C   1 
ATOM   464  O O   . VAL A 1 55  ? -0.742  9.625   2.712   1.00 53.17  ? 53  VAL A O   1 
ATOM   465  C CB  . VAL A 1 55  ? 1.291   7.327   3.593   1.00 66.57  ? 53  VAL A CB  1 
ATOM   466  C CG1 . VAL A 1 55  ? 0.670   6.191   2.779   1.00 77.80  ? 53  VAL A CG1 1 
ATOM   467  C CG2 . VAL A 1 55  ? 2.629   6.895   4.205   1.00 63.38  ? 53  VAL A CG2 1 
ATOM   468  N N   . ARG A 1 56  ? -0.160  8.579   0.805   1.00 63.48  ? 54  ARG A N   1 
ATOM   469  C CA  . ARG A 1 56  ? -1.489  8.721   0.148   1.00 54.38  ? 54  ARG A CA  1 
ATOM   470  C C   . ARG A 1 56  ? -2.230  7.385   0.040   1.00 52.10  ? 54  ARG A C   1 
ATOM   471  O O   . ARG A 1 56  ? -1.593  6.307   0.003   1.00 47.23  ? 54  ARG A O   1 
ATOM   472  C CB  . ARG A 1 56  ? -1.330  9.313   -1.241  1.00 54.38  ? 54  ARG A CB  1 
ATOM   473  C CG  . ARG A 1 56  ? -2.635  9.475   -2.032  1.00 53.61  ? 54  ARG A CG  1 
ATOM   474  C CD  . ARG A 1 56  ? -2.760  10.852  -2.680  1.00 51.35  ? 54  ARG A CD  1 
ATOM   475  N NE  . ARG A 1 56  ? -3.749  10.883  -3.751  1.00 42.26  ? 54  ARG A NE  1 
ATOM   476  C CZ  . ARG A 1 56  ? -3.473  10.859  -5.039  1.00 43.04  ? 54  ARG A CZ  1 
ATOM   477  N NH1 . ARG A 1 56  ? -2.232  10.817  -5.470  1.00 47.79  ? 54  ARG A NH1 1 
ATOM   478  N NH2 . ARG A 1 56  ? -4.449  10.892  -5.914  1.00 48.44  ? 54  ARG A NH2 1 
ATOM   479  N N   . GLN A 1 57  ? -3.567  7.471   0.057   1.00 46.79  ? 55  GLN A N   1 
ATOM   480  C CA  . GLN A 1 57  ? -4.425  6.346   -0.295  1.00 48.47  ? 55  GLN A CA  1 
ATOM   481  C C   . GLN A 1 57  ? -3.946  5.721   -1.619  1.00 51.82  ? 55  GLN A C   1 
ATOM   482  O O   . GLN A 1 57  ? -3.497  4.558   -1.624  1.00 52.76  ? 55  GLN A O   1 
ATOM   483  C CB  . GLN A 1 57  ? -5.928  6.740   -0.346  1.00 45.33  ? 55  GLN A CB  1 
ATOM   484  C CG  . GLN A 1 57  ? -6.588  6.894   1.037   1.00 44.16  ? 55  GLN A CG  1 
ATOM   485  C CD  . GLN A 1 57  ? -7.992  7.556   1.030   1.00 43.37  ? 55  GLN A CD  1 
ATOM   486  O OE1 . GLN A 1 57  ? -8.669  7.687   -0.002  1.00 39.72  ? 55  GLN A OE1 1 
ATOM   487  N NE2 . GLN A 1 57  ? -8.432  7.962   2.211   1.00 42.47  ? 55  GLN A NE2 1 
ATOM   488  N N   . ALA A 1 58  ? -3.997  6.485   -2.717  1.00 51.87  ? 56  ALA A N   1 
ATOM   489  C CA  . ALA A 1 58  ? -3.630  5.966   -4.060  1.00 49.67  ? 56  ALA A CA  1 
ATOM   490  C C   . ALA A 1 58  ? -2.278  5.275   -4.058  1.00 49.39  ? 56  ALA A C   1 
ATOM   491  O O   . ALA A 1 58  ? -2.218  4.042   -4.017  1.00 49.64  ? 56  ALA A O   1 
ATOM   492  C CB  . ALA A 1 58  ? -3.672  7.058   -5.115  1.00 50.40  ? 56  ALA A CB  1 
ATOM   493  N N   . HIS A 1 59  ? -1.206  6.062   -4.006  1.00 47.41  ? 57  HIS A N   1 
ATOM   494  C CA  . HIS A 1 59  ? 0.170   5.536   -4.126  1.00 41.58  ? 57  HIS A CA  1 
ATOM   495  C C   . HIS A 1 59  ? 0.370   4.482   -3.052  1.00 42.95  ? 57  HIS A C   1 
ATOM   496  O O   . HIS A 1 59  ? 0.856   3.396   -3.311  1.00 49.08  ? 57  HIS A O   1 
ATOM   497  C CB  . HIS A 1 59  ? 1.231   6.607   -3.932  1.00 38.15  ? 57  HIS A CB  1 
ATOM   498  C CG  . HIS A 1 59  ? 0.977   7.848   -4.706  1.00 43.83  ? 57  HIS A CG  1 
ATOM   499  N ND1 . HIS A 1 59  ? 1.614   9.039   -4.423  1.00 43.49  ? 57  HIS A ND1 1 
ATOM   500  C CD2 . HIS A 1 59  ? 0.114   8.103   -5.724  1.00 46.46  ? 57  HIS A CD2 1 
ATOM   501  C CE1 . HIS A 1 59  ? 1.186   9.959   -5.267  1.00 49.45  ? 57  HIS A CE1 1 
ATOM   502  N NE2 . HIS A 1 59  ? 0.285   9.413   -6.071  1.00 50.06  ? 57  HIS A NE2 1 
ATOM   503  N N   . GLY A 1 60  ? -0.023  4.782   -1.833  1.00 40.96  ? 58  GLY A N   1 
ATOM   504  C CA  . GLY A 1 60  ? 0.083   3.785   -0.809  1.00 44.80  ? 58  GLY A CA  1 
ATOM   505  C C   . GLY A 1 60  ? -0.356  2.458   -1.370  1.00 43.19  ? 58  GLY A C   1 
ATOM   506  O O   . GLY A 1 60  ? 0.376   1.510   -1.285  1.00 42.70  ? 58  GLY A O   1 
ATOM   507  N N   . THR A 1 61  ? -1.547  2.430   -1.971  1.00 48.48  ? 59  THR A N   1 
ATOM   508  C CA  . THR A 1 61  ? -2.094  1.219   -2.591  1.00 48.77  ? 59  THR A CA  1 
ATOM   509  C C   . THR A 1 61  ? -1.355  0.787   -3.812  1.00 47.07  ? 59  THR A C   1 
ATOM   510  O O   . THR A 1 61  ? -1.290  -0.406  -4.074  1.00 41.80  ? 59  THR A O   1 
ATOM   511  C CB  . THR A 1 61  ? -3.545  1.411   -2.980  1.00 47.69  ? 59  THR A CB  1 
ATOM   512  O OG1 . THR A 1 61  ? -4.275  1.541   -1.769  1.00 45.48  ? 59  THR A OG1 1 
ATOM   513  C CG2 . THR A 1 61  ? -4.068  0.189   -3.753  1.00 52.31  ? 59  THR A CG2 1 
ATOM   514  N N   . LEU A 1 62  ? -0.850  1.762   -4.567  1.00 51.36  ? 60  LEU A N   1 
ATOM   515  C CA  . LEU A 1 62  ? 0.049   1.507   -5.694  1.00 60.54  ? 60  LEU A CA  1 
ATOM   516  C C   . LEU A 1 62  ? 1.382   0.847   -5.264  1.00 63.02  ? 60  LEU A C   1 
ATOM   517  O O   . LEU A 1 62  ? 1.883   -0.071  -5.935  1.00 67.82  ? 60  LEU A O   1 
ATOM   518  C CB  . LEU A 1 62  ? 0.353   2.798   -6.453  1.00 61.41  ? 60  LEU A CB  1 
ATOM   519  C CG  . LEU A 1 62  ? -0.769  3.643   -7.066  1.00 68.38  ? 60  LEU A CG  1 
ATOM   520  C CD1 . LEU A 1 62  ? -0.125  4.691   -7.974  1.00 71.86  ? 60  LEU A CD1 1 
ATOM   521  C CD2 . LEU A 1 62  ? -1.807  2.814   -7.833  1.00 68.41  ? 60  LEU A CD2 1 
ATOM   522  N N   . ALA A 1 63  ? 1.929   1.317   -4.145  1.00 57.10  ? 61  ALA A N   1 
ATOM   523  C CA  . ALA A 1 63  ? 3.117   0.746   -3.537  1.00 58.71  ? 61  ALA A CA  1 
ATOM   524  C C   . ALA A 1 63  ? 2.914   -0.738  -3.235  1.00 60.77  ? 61  ALA A C   1 
ATOM   525  O O   . ALA A 1 63  ? 3.867   -1.517  -3.211  1.00 61.28  ? 61  ALA A O   1 
ATOM   526  C CB  . ALA A 1 63  ? 3.470   1.501   -2.243  1.00 57.75  ? 61  ALA A CB  1 
ATOM   527  N N   . LEU A 1 64  ? 1.670   -1.105  -2.949  1.00 65.23  ? 62  LEU A N   1 
ATOM   528  C CA  . LEU A 1 64  ? 1.306   -2.492  -2.678  1.00 66.54  ? 62  LEU A CA  1 
ATOM   529  C C   . LEU A 1 64  ? 1.458   -3.369  -3.909  1.00 63.83  ? 62  LEU A C   1 
ATOM   530  O O   . LEU A 1 64  ? 2.002   -4.470  -3.784  1.00 64.90  ? 62  LEU A O   1 
ATOM   531  C CB  . LEU A 1 64  ? -0.119  -2.601  -2.085  1.00 65.86  ? 62  LEU A CB  1 
ATOM   532  C CG  . LEU A 1 64  ? -0.165  -2.764  -0.562  1.00 63.64  ? 62  LEU A CG  1 
ATOM   533  C CD1 . LEU A 1 64  ? 0.568   -1.651  0.190   1.00 58.56  ? 62  LEU A CD1 1 
ATOM   534  C CD2 . LEU A 1 64  ? -1.607  -2.934  -0.123  1.00 60.40  ? 62  LEU A CD2 1 
ATOM   535  N N   . GLN A 1 65  ? 1.027   -2.876  -5.076  1.00 53.79  ? 63  GLN A N   1 
ATOM   536  C CA  . GLN A 1 65  ? 1.063   -3.677  -6.303  1.00 55.06  ? 63  GLN A CA  1 
ATOM   537  C C   . GLN A 1 65  ? 2.491   -3.906  -6.751  1.00 62.99  ? 63  GLN A C   1 
ATOM   538  O O   . GLN A 1 65  ? 2.777   -4.930  -7.389  1.00 68.86  ? 63  GLN A O   1 
ATOM   539  C CB  . GLN A 1 65  ? 0.338   -3.002  -7.461  1.00 58.67  ? 63  GLN A CB  1 
ATOM   540  C CG  . GLN A 1 65  ? -1.052  -2.496  -7.172  1.00 56.55  ? 63  GLN A CG  1 
ATOM   541  C CD  . GLN A 1 65  ? -1.586  -1.756  -8.346  1.00 56.12  ? 63  GLN A CD  1 
ATOM   542  O OE1 . GLN A 1 65  ? -2.630  -2.102  -8.873  1.00 61.17  ? 63  GLN A OE1 1 
ATOM   543  N NE2 . GLN A 1 65  ? -0.861  -0.737  -8.781  1.00 58.06  ? 63  GLN A NE2 1 
ATOM   544  N N   . GLU A 1 66  ? 3.365   -2.925  -6.486  1.00 61.87  ? 64  GLU A N   1 
ATOM   545  C CA  . GLU A 1 66  ? 4.811   -3.171  -6.483  1.00 62.01  ? 64  GLU A CA  1 
ATOM   546  C C   . GLU A 1 66  ? 5.183   -4.350  -5.553  1.00 59.30  ? 64  GLU A C   1 
ATOM   547  O O   . GLU A 1 66  ? 5.765   -5.327  -6.003  1.00 52.78  ? 64  GLU A O   1 
ATOM   548  C CB  . GLU A 1 66  ? 5.582   -1.930  -6.052  1.00 62.87  ? 64  GLU A CB  1 
ATOM   549  C CG  . GLU A 1 66  ? 5.795   -0.923  -7.142  1.00 65.89  ? 64  GLU A CG  1 
ATOM   550  C CD  . GLU A 1 66  ? 6.734   0.191   -6.708  1.00 74.34  ? 64  GLU A CD  1 
ATOM   551  O OE1 . GLU A 1 66  ? 7.601   -0.017  -5.809  1.00 77.10  ? 64  GLU A OE1 1 
ATOM   552  O OE2 . GLU A 1 66  ? 6.604   1.288   -7.292  1.00 77.15  ? 64  GLU A OE2 1 
ATOM   553  N N   . VAL A 1 67  ? 4.792   -4.269  -4.275  1.00 59.34  ? 65  VAL A N   1 
ATOM   554  C CA  . VAL A 1 67  ? 5.115   -5.305  -3.270  1.00 61.64  ? 65  VAL A CA  1 
ATOM   555  C C   . VAL A 1 67  ? 4.512   -6.686  -3.629  1.00 66.21  ? 65  VAL A C   1 
ATOM   556  O O   . VAL A 1 67  ? 4.710   -7.676  -2.905  1.00 60.40  ? 65  VAL A O   1 
ATOM   557  C CB  . VAL A 1 67  ? 4.646   -4.889  -1.848  1.00 63.08  ? 65  VAL A CB  1 
ATOM   558  C CG1 . VAL A 1 67  ? 5.031   -5.940  -0.816  1.00 64.07  ? 65  VAL A CG1 1 
ATOM   559  C CG2 . VAL A 1 67  ? 5.193   -3.521  -1.431  1.00 58.44  ? 65  VAL A CG2 1 
ATOM   560  N N   . ALA A 1 68  ? 3.757   -6.730  -4.736  1.00 71.11  ? 66  ALA A N   1 
ATOM   561  C CA  . ALA A 1 68  ? 3.258   -7.964  -5.342  1.00 72.95  ? 66  ALA A CA  1 
ATOM   562  C C   . ALA A 1 68  ? 4.106   -8.453  -6.527  1.00 68.20  ? 66  ALA A C   1 
ATOM   563  O O   . ALA A 1 68  ? 4.291   -9.655  -6.678  1.00 61.07  ? 66  ALA A O   1 
ATOM   564  C CB  . ALA A 1 68  ? 1.796   -7.793  -5.751  1.00 73.23  ? 66  ALA A CB  1 
ATOM   565  N N   . ILE A 1 69  ? 4.586   -7.535  -7.379  1.00 68.27  ? 67  ILE A N   1 
ATOM   566  C CA  . ILE A 1 69  ? 5.594   -7.870  -8.423  1.00 67.30  ? 67  ILE A CA  1 
ATOM   567  C C   . ILE A 1 69  ? 6.721   -8.665  -7.754  1.00 70.05  ? 67  ILE A C   1 
ATOM   568  O O   . ILE A 1 69  ? 7.119   -9.728  -8.242  1.00 89.36  ? 67  ILE A O   1 
ATOM   569  C CB  . ILE A 1 69  ? 6.173   -6.594  -9.129  1.00 65.23  ? 67  ILE A CB  1 
ATOM   570  C CG1 . ILE A 1 69  ? 5.317   -6.177  -10.310 1.00 65.98  ? 67  ILE A CG1 1 
ATOM   571  C CG2 . ILE A 1 69  ? 7.612   -6.762  -9.622  1.00 64.21  ? 67  ILE A CG2 1 
ATOM   572  C CD1 . ILE A 1 69  ? 5.661   -4.786  -10.808 1.00 69.15  ? 67  ILE A CD1 1 
ATOM   573  N N   . ARG A 1 70  ? 7.235   -8.137  -6.644  1.00 61.75  ? 68  ARG A N   1 
ATOM   574  C CA  . ARG A 1 70  ? 8.252   -8.824  -5.881  1.00 61.15  ? 68  ARG A CA  1 
ATOM   575  C C   . ARG A 1 70  ? 7.712   -10.134 -5.307  1.00 66.51  ? 68  ARG A C   1 
ATOM   576  O O   . ARG A 1 70  ? 8.291   -11.206 -5.524  1.00 67.75  ? 68  ARG A O   1 
ATOM   577  C CB  . ARG A 1 70  ? 8.757   -7.933  -4.760  1.00 61.57  ? 68  ARG A CB  1 
ATOM   578  C CG  . ARG A 1 70  ? 9.588   -6.755  -5.240  1.00 64.26  ? 68  ARG A CG  1 
ATOM   579  C CD  . ARG A 1 70  ? 10.553  -6.316  -4.152  1.00 62.08  ? 68  ARG A CD  1 
ATOM   580  N NE  . ARG A 1 70  ? 9.861   -5.970  -2.904  1.00 58.30  ? 68  ARG A NE  1 
ATOM   581  C CZ  . ARG A 1 70  ? 10.466  -5.768  -1.734  1.00 56.18  ? 68  ARG A CZ  1 
ATOM   582  N NH1 . ARG A 1 70  ? 11.787  -5.880  -1.612  1.00 55.51  ? 68  ARG A NH1 1 
ATOM   583  N NH2 . ARG A 1 70  ? 9.748   -5.453  -0.670  1.00 55.39  ? 68  ARG A NH2 1 
ATOM   584  N N   . PHE A 1 71  ? 6.588   -10.036 -4.596  1.00 69.62  ? 69  PHE A N   1 
ATOM   585  C CA  . PHE A 1 71  ? 6.006   -11.172 -3.891  1.00 64.95  ? 69  PHE A CA  1 
ATOM   586  C C   . PHE A 1 71  ? 4.664   -11.583 -4.509  1.00 57.81  ? 69  PHE A C   1 
ATOM   587  O O   . PHE A 1 71  ? 3.705   -10.845 -4.415  1.00 43.27  ? 69  PHE A O   1 
ATOM   588  C CB  . PHE A 1 71  ? 5.834   -10.813 -2.418  1.00 65.45  ? 69  PHE A CB  1 
ATOM   589  C CG  . PHE A 1 71  ? 7.104   -10.329 -1.738  1.00 65.41  ? 69  PHE A CG  1 
ATOM   590  C CD1 . PHE A 1 71  ? 7.451   -8.980  -1.754  1.00 61.49  ? 69  PHE A CD1 1 
ATOM   591  C CD2 . PHE A 1 71  ? 7.938   -11.221 -1.037  1.00 66.89  ? 69  PHE A CD2 1 
ATOM   592  C CE1 . PHE A 1 71  ? 8.600   -8.533  -1.096  1.00 66.00  ? 69  PHE A CE1 1 
ATOM   593  C CE2 . PHE A 1 71  ? 9.097   -10.773 -0.373  1.00 63.46  ? 69  PHE A CE2 1 
ATOM   594  C CZ  . PHE A 1 71  ? 9.429   -9.425  -0.402  1.00 63.94  ? 69  PHE A CZ  1 
ATOM   595  N N   . GLN A 1 72  ? 4.625   -12.759 -5.155  1.00 56.52  ? 70  GLN A N   1 
ATOM   596  C CA  . GLN A 1 72  ? 3.396   -13.312 -5.777  1.00 53.00  ? 70  GLN A CA  1 
ATOM   597  C C   . GLN A 1 72  ? 2.341   -13.669 -4.777  1.00 50.22  ? 70  GLN A C   1 
ATOM   598  O O   . GLN A 1 72  ? 1.167   -13.415 -4.994  1.00 42.99  ? 70  GLN A O   1 
ATOM   599  C CB  . GLN A 1 72  ? 3.694   -14.575 -6.625  1.00 57.80  ? 70  GLN A CB  1 
ATOM   600  C CG  . GLN A 1 72  ? 4.175   -15.860 -5.906  1.00 54.14  ? 70  GLN A CG  1 
ATOM   601  C CD  . GLN A 1 72  ? 4.165   -17.070 -6.838  1.00 56.74  ? 70  GLN A CD  1 
ATOM   602  O OE1 . GLN A 1 72  ? 3.506   -18.097 -6.549  1.00 54.28  ? 70  GLN A OE1 1 
ATOM   603  N NE2 . GLN A 1 72  ? 4.870   -16.951 -7.985  1.00 54.56  ? 70  GLN A NE2 1 
ATOM   604  N N   . TRP A 1 73  ? 2.777   -14.298 -3.688  1.00 55.47  ? 71  TRP A N   1 
ATOM   605  C CA  . TRP A 1 73  ? 1.879   -14.735 -2.620  1.00 57.96  ? 71  TRP A CA  1 
ATOM   606  C C   . TRP A 1 73  ? 1.175   -13.529 -2.004  1.00 62.51  ? 71  TRP A C   1 
ATOM   607  O O   . TRP A 1 73  ? 0.053   -13.654 -1.524  1.00 65.06  ? 71  TRP A O   1 
ATOM   608  C CB  . TRP A 1 73  ? 2.643   -15.515 -1.561  1.00 56.95  ? 71  TRP A CB  1 
ATOM   609  C CG  . TRP A 1 73  ? 3.878   -14.820 -1.053  1.00 59.00  ? 71  TRP A CG  1 
ATOM   610  C CD1 . TRP A 1 73  ? 5.153   -15.055 -1.438  1.00 59.63  ? 71  TRP A CD1 1 
ATOM   611  C CD2 . TRP A 1 73  ? 3.945   -13.811 -0.044  1.00 61.05  ? 71  TRP A CD2 1 
ATOM   612  N NE1 . TRP A 1 73  ? 6.018   -14.239 -0.752  1.00 59.42  ? 71  TRP A NE1 1 
ATOM   613  C CE2 . TRP A 1 73  ? 5.300   -13.475 0.120   1.00 62.27  ? 71  TRP A CE2 1 
ATOM   614  C CE3 . TRP A 1 73  ? 2.988   -13.162 0.746   1.00 61.69  ? 71  TRP A CE3 1 
ATOM   615  C CZ2 . TRP A 1 73  ? 5.727   -12.515 1.030   1.00 67.98  ? 71  TRP A CZ2 1 
ATOM   616  C CZ3 . TRP A 1 73  ? 3.411   -12.182 1.631   1.00 65.14  ? 71  TRP A CZ3 1 
ATOM   617  C CH2 . TRP A 1 73  ? 4.771   -11.875 1.769   1.00 68.90  ? 71  TRP A CH2 1 
ATOM   618  N N   . PHE A 1 74  ? 1.857   -12.370 -2.038  1.00 63.71  ? 72  PHE A N   1 
ATOM   619  C CA  . PHE A 1 74  ? 1.329   -11.067 -1.580  1.00 56.77  ? 72  PHE A CA  1 
ATOM   620  C C   . PHE A 1 74  ? 0.056   -10.640 -2.308  1.00 59.10  ? 72  PHE A C   1 
ATOM   621  O O   . PHE A 1 74  ? -0.708  -9.808  -1.784  1.00 63.72  ? 72  PHE A O   1 
ATOM   622  C CB  . PHE A 1 74  ? 2.394   -9.966  -1.757  1.00 51.01  ? 72  PHE A CB  1 
ATOM   623  C CG  . PHE A 1 74  ? 2.124   -8.736  -0.968  1.00 52.71  ? 72  PHE A CG  1 
ATOM   624  C CD1 . PHE A 1 74  ? 1.188   -7.804  -1.399  1.00 58.43  ? 72  PHE A CD1 1 
ATOM   625  C CD2 . PHE A 1 74  ? 2.780   -8.499  0.233   1.00 54.11  ? 72  PHE A CD2 1 
ATOM   626  C CE1 . PHE A 1 74  ? 0.898   -6.658  -0.649  1.00 52.28  ? 72  PHE A CE1 1 
ATOM   627  C CE2 . PHE A 1 74  ? 2.504   -7.352  0.970   1.00 48.47  ? 72  PHE A CE2 1 
ATOM   628  C CZ  . PHE A 1 74  ? 1.570   -6.432  0.519   1.00 47.14  ? 72  PHE A CZ  1 
ATOM   629  N N   . ASP A 1 75  ? -0.179  -11.186 -3.502  1.00 51.71  ? 73  ASP A N   1 
ATOM   630  C CA  . ASP A 1 75  ? -1.268  -10.707 -4.339  1.00 50.84  ? 73  ASP A CA  1 
ATOM   631  C C   . ASP A 1 75  ? -2.650  -10.854 -3.738  1.00 52.80  ? 73  ASP A C   1 
ATOM   632  O O   . ASP A 1 75  ? -3.425  -9.911  -3.783  1.00 59.93  ? 73  ASP A O   1 
ATOM   633  C CB  . ASP A 1 75  ? -1.258  -11.415 -5.671  1.00 51.47  ? 73  ASP A CB  1 
ATOM   634  C CG  . ASP A 1 75  ? -2.087  -10.725 -6.653  1.00 50.12  ? 73  ASP A CG  1 
ATOM   635  O OD1 . ASP A 1 75  ? -3.327  -10.788 -6.518  1.00 49.28  ? 73  ASP A OD1 1 
ATOM   636  O OD2 . ASP A 1 75  ? -1.491  -10.073 -7.528  1.00 58.35  ? 73  ASP A OD2 1 
ATOM   637  N N   . LYS A 1 76  ? -2.963  -12.043 -3.216  1.00 57.71  ? 74  LYS A N   1 
ATOM   638  C CA  . LYS A 1 76  ? -4.217  -12.284 -2.493  1.00 55.95  ? 74  LYS A CA  1 
ATOM   639  C C   . LYS A 1 76  ? -4.457  -11.224 -1.443  1.00 63.78  ? 74  LYS A C   1 
ATOM   640  O O   . LYS A 1 76  ? -5.575  -10.740 -1.333  1.00 72.58  ? 74  LYS A O   1 
ATOM   641  C CB  . LYS A 1 76  ? -4.209  -13.627 -1.780  1.00 55.58  ? 74  LYS A CB  1 
ATOM   642  C CG  . LYS A 1 76  ? -5.579  -14.022 -1.227  1.00 60.34  ? 74  LYS A CG  1 
ATOM   643  C CD  . LYS A 1 76  ? -5.583  -15.279 -0.347  1.00 57.86  ? 74  LYS A CD  1 
ATOM   644  C CE  . LYS A 1 76  ? -6.994  -15.610 0.130   1.00 57.75  ? 74  LYS A CE  1 
ATOM   645  N NZ  . LYS A 1 76  ? -6.994  -15.901 1.591   1.00 60.45  ? 74  LYS A NZ  1 
ATOM   646  N N   . CYS A 1 77  ? -3.417  -10.889 -0.669  1.00 66.18  ? 75  CYS A N   1 
ATOM   647  C CA  . CYS A 1 77  ? -3.465  -9.793  0.313   1.00 66.63  ? 75  CYS A CA  1 
ATOM   648  C C   . CYS A 1 77  ? -3.814  -8.475  -0.335  1.00 69.62  ? 75  CYS A C   1 
ATOM   649  O O   . CYS A 1 77  ? -4.532  -7.706  0.266   1.00 82.45  ? 75  CYS A O   1 
ATOM   650  C CB  . CYS A 1 77  ? -2.129  -9.580  1.045   1.00 71.07  ? 75  CYS A CB  1 
ATOM   651  S SG  . CYS A 1 77  ? -1.338  -11.047 1.756   1.00 66.06  ? 75  CYS A SG  1 
ATOM   652  N N   . VAL A 1 78  ? -3.295  -8.194  -1.532  1.00 62.20  ? 76  VAL A N   1 
ATOM   653  C CA  . VAL A 1 78  ? -3.681  -6.975  -2.257  1.00 58.31  ? 76  VAL A CA  1 
ATOM   654  C C   . VAL A 1 78  ? -5.127  -7.103  -2.652  1.00 54.89  ? 76  VAL A C   1 
ATOM   655  O O   . VAL A 1 78  ? -5.869  -6.122  -2.599  1.00 52.77  ? 76  VAL A O   1 
ATOM   656  C CB  . VAL A 1 78  ? -2.880  -6.753  -3.565  1.00 66.01  ? 76  VAL A CB  1 
ATOM   657  C CG1 . VAL A 1 78  ? -3.249  -5.417  -4.213  1.00 69.70  ? 76  VAL A CG1 1 
ATOM   658  C CG2 . VAL A 1 78  ? -1.391  -6.822  -3.309  1.00 63.70  ? 76  VAL A CG2 1 
ATOM   659  N N   . SER A 1 79  ? -5.501  -8.309  -3.088  1.00 51.39  ? 77  SER A N   1 
ATOM   660  C CA  . SER A 1 79  ? -6.890  -8.645  -3.342  1.00 55.59  ? 77  SER A CA  1 
ATOM   661  C C   . SER A 1 79  ? -7.746  -8.429  -2.057  1.00 53.19  ? 77  SER A C   1 
ATOM   662  O O   . SER A 1 79  ? -8.736  -7.688  -2.068  1.00 44.98  ? 77  SER A O   1 
ATOM   663  C CB  . SER A 1 79  ? -7.006  -10.079 -3.910  1.00 57.45  ? 77  SER A CB  1 
ATOM   664  O OG  . SER A 1 79  ? -6.221  -10.254 -5.102  1.00 52.08  ? 77  SER A OG  1 
ATOM   665  N N   . ASN A 1 80  ? -7.285  -9.019  -0.959  1.00 51.82  ? 78  ASN A N   1 
ATOM   666  C CA  . ASN A 1 80  ? -7.910  -8.920  0.366   1.00 51.74  ? 78  ASN A CA  1 
ATOM   667  C C   . ASN A 1 80  ? -7.620  -7.642  1.158   1.00 51.40  ? 78  ASN A C   1 
ATOM   668  O O   . ASN A 1 80  ? -8.281  -7.413  2.170   1.00 54.02  ? 78  ASN A O   1 
ATOM   669  C CB  . ASN A 1 80  ? -7.487  -10.084 1.263   1.00 51.30  ? 78  ASN A CB  1 
ATOM   670  C CG  . ASN A 1 80  ? -7.722  -11.431 0.640   1.00 56.21  ? 78  ASN A CG  1 
ATOM   671  O OD1 . ASN A 1 80  ? -7.404  -12.455 1.237   1.00 60.04  ? 78  ASN A OD1 1 
ATOM   672  N ND2 . ASN A 1 80  ? -8.240  -11.448 -0.580  1.00 62.92  ? 78  ASN A ND2 1 
ATOM   673  N N   . VAL A 1 81  ? -6.648  -6.831  0.740   1.00 50.66  ? 79  VAL A N   1 
ATOM   674  C CA  . VAL A 1 81  ? -6.383  -5.526  1.370   1.00 53.28  ? 79  VAL A CA  1 
ATOM   675  C C   . VAL A 1 81  ? -6.313  -4.440  0.330   1.00 53.87  ? 79  VAL A C   1 
ATOM   676  O O   . VAL A 1 81  ? -5.286  -4.285  -0.326  1.00 56.68  ? 79  VAL A O   1 
ATOM   677  C CB  . VAL A 1 81  ? -5.085  -5.504  2.192   1.00 55.96  ? 79  VAL A CB  1 
ATOM   678  C CG1 . VAL A 1 81  ? -4.964  -4.194  2.984   1.00 55.01  ? 79  VAL A CG1 1 
ATOM   679  C CG2 . VAL A 1 81  ? -5.065  -6.702  3.122   1.00 60.02  ? 79  VAL A CG2 1 
ATOM   680  N N   . GLN A 1 82  ? -7.414  -3.702  0.189   1.00 57.86  ? 80  GLN A N   1 
ATOM   681  C CA  . GLN A 1 82  ? -7.459  -2.516  -0.655  1.00 63.22  ? 80  GLN A CA  1 
ATOM   682  C C   . GLN A 1 82  ? -6.977  -1.256  0.132   1.00 65.48  ? 80  GLN A C   1 
ATOM   683  O O   . GLN A 1 82  ? -6.205  -0.445  -0.451  1.00 61.65  ? 80  GLN A O   1 
ATOM   684  C CB  . GLN A 1 82  ? -8.848  -2.302  -1.294  1.00 67.28  ? 80  GLN A CB  1 
ATOM   685  C CG  . GLN A 1 82  ? -9.558  -3.513  -1.938  1.00 72.60  ? 80  GLN A CG  1 
ATOM   686  C CD  . GLN A 1 82  ? -8.974  -4.091  -3.232  1.00 68.78  ? 80  GLN A CD  1 
ATOM   687  O OE1 . GLN A 1 82  ? -8.882  -3.409  -4.251  1.00 65.91  ? 80  GLN A OE1 1 
ATOM   688  N NE2 . GLN A 1 82  ? -8.661  -5.397  -3.208  1.00 66.39  ? 80  GLN A NE2 1 
ATOM   689  N N   . PHE A 1 83  ? -7.369  -1.103  1.421   1.00 60.11  ? 81  PHE A N   1 
ATOM   690  C CA  . PHE A 1 83  ? -6.781  -0.022  2.311   1.00 59.28  ? 81  PHE A CA  1 
ATOM   691  C C   . PHE A 1 83  ? -5.908  -0.473  3.505   1.00 56.33  ? 81  PHE A C   1 
ATOM   692  O O   . PHE A 1 83  ? -6.346  -1.242  4.342   1.00 56.23  ? 81  PHE A O   1 
ATOM   693  C CB  . PHE A 1 83  ? -7.836  1.008   2.793   1.00 58.15  ? 81  PHE A CB  1 
ATOM   694  C CG  . PHE A 1 83  ? -7.243  2.233   3.486   1.00 55.49  ? 81  PHE A CG  1 
ATOM   695  C CD1 . PHE A 1 83  ? -6.336  3.059   2.840   1.00 51.84  ? 81  PHE A CD1 1 
ATOM   696  C CD2 . PHE A 1 83  ? -7.601  2.553   4.793   1.00 59.57  ? 81  PHE A CD2 1 
ATOM   697  C CE1 . PHE A 1 83  ? -5.794  4.166   3.470   1.00 54.97  ? 81  PHE A CE1 1 
ATOM   698  C CE2 . PHE A 1 83  ? -7.072  3.664   5.429   1.00 57.31  ? 81  PHE A CE2 1 
ATOM   699  C CZ  . PHE A 1 83  ? -6.160  4.469   4.763   1.00 59.34  ? 81  PHE A CZ  1 
ATOM   700  N N   . TYR A 1 84  ? -4.674  0.053   3.567   1.00 64.25  ? 82  TYR A N   1 
ATOM   701  C CA  . TYR A 1 84  ? -3.772  -0.096  4.737   1.00 64.61  ? 82  TYR A CA  1 
ATOM   702  C C   . TYR A 1 84  ? -3.146  1.244   5.219   1.00 63.55  ? 82  TYR A C   1 
ATOM   703  O O   . TYR A 1 84  ? -2.422  1.909   4.484   1.00 51.65  ? 82  TYR A O   1 
ATOM   704  C CB  . TYR A 1 84  ? -2.686  -1.118  4.444   1.00 64.65  ? 82  TYR A CB  1 
ATOM   705  C CG  . TYR A 1 84  ? -1.789  -1.358  5.616   1.00 61.85  ? 82  TYR A CG  1 
ATOM   706  C CD1 . TYR A 1 84  ? -2.327  -1.628  6.878   1.00 59.95  ? 82  TYR A CD1 1 
ATOM   707  C CD2 . TYR A 1 84  ? -0.391  -1.305  5.483   1.00 58.44  ? 82  TYR A CD2 1 
ATOM   708  C CE1 . TYR A 1 84  ? -1.498  -1.856  7.961   1.00 56.61  ? 82  TYR A CE1 1 
ATOM   709  C CE2 . TYR A 1 84  ? 0.438   -1.498  6.576   1.00 53.94  ? 82  TYR A CE2 1 
ATOM   710  C CZ  . TYR A 1 84  ? -0.134  -1.785  7.793   1.00 52.69  ? 82  TYR A CZ  1 
ATOM   711  O OH  . TYR A 1 84  ? 0.636   -2.016  8.861   1.00 57.98  ? 82  TYR A OH  1 
ATOM   712  N N   . ASP A 1 85  ? -3.470  1.626   6.460   1.00 72.97  ? 83  ASP A N   1 
ATOM   713  C CA  . ASP A 1 85  ? -3.084  2.910   7.029   1.00 65.32  ? 83  ASP A CA  1 
ATOM   714  C C   . ASP A 1 85  ? -1.742  2.620   7.626   1.00 63.80  ? 83  ASP A C   1 
ATOM   715  O O   . ASP A 1 85  ? -1.620  1.889   8.588   1.00 62.07  ? 83  ASP A O   1 
ATOM   716  C CB  . ASP A 1 85  ? -4.083  3.382   8.086   1.00 67.44  ? 83  ASP A CB  1 
ATOM   717  C CG  . ASP A 1 85  ? -3.834  4.832   8.540   1.00 74.18  ? 83  ASP A CG  1 
ATOM   718  O OD1 . ASP A 1 85  ? -3.526  5.663   7.670   1.00 72.92  ? 83  ASP A OD1 1 
ATOM   719  O OD2 . ASP A 1 85  ? -3.970  5.148   9.758   1.00 73.34  ? 83  ASP A OD2 1 
ATOM   720  N N   . LEU A 1 86  ? -0.719  3.171   7.011   1.00 67.05  ? 84  LEU A N   1 
ATOM   721  C CA  . LEU A 1 86  ? 0.640   2.806   7.310   1.00 70.06  ? 84  LEU A CA  1 
ATOM   722  C C   . LEU A 1 86  ? 1.054   3.445   8.645   1.00 66.74  ? 84  LEU A C   1 
ATOM   723  O O   . LEU A 1 86  ? 0.247   4.083   9.331   1.00 55.54  ? 84  LEU A O   1 
ATOM   724  C CB  . LEU A 1 86  ? 1.559   3.243   6.153   1.00 77.26  ? 84  LEU A CB  1 
ATOM   725  C CG  . LEU A 1 86  ? 1.081   2.956   4.720   1.00 82.67  ? 84  LEU A CG  1 
ATOM   726  C CD1 . LEU A 1 86  ? 2.182   3.238   3.712   1.00 93.18  ? 84  LEU A CD1 1 
ATOM   727  C CD2 . LEU A 1 86  ? 0.625   1.530   4.543   1.00 86.78  ? 84  LEU A CD2 1 
ATOM   728  N N   . SER A 1 87  ? 2.309   3.231   9.022   1.00 68.20  ? 85  SER A N   1 
ATOM   729  C CA  . SER A 1 87  ? 2.812   3.713   10.290  1.00 67.86  ? 85  SER A CA  1 
ATOM   730  C C   . SER A 1 87  ? 4.214   4.297   10.092  1.00 73.82  ? 85  SER A C   1 
ATOM   731  O O   . SER A 1 87  ? 4.986   3.783   9.271   1.00 68.98  ? 85  SER A O   1 
ATOM   732  C CB  . SER A 1 87  ? 2.781   2.562   11.303  1.00 61.96  ? 85  SER A CB  1 
ATOM   733  O OG  . SER A 1 87  ? 1.424   2.198   11.625  1.00 47.38  ? 85  SER A OG  1 
ATOM   734  N N   . ASP A 1 88  ? 4.495   5.402   10.800  1.00 75.71  ? 86  ASP A N   1 
ATOM   735  C CA  . ASP A 1 88  ? 5.828   6.059   10.804  1.00 76.94  ? 86  ASP A CA  1 
ATOM   736  C C   . ASP A 1 88  ? 6.811   5.298   11.681  1.00 80.63  ? 86  ASP A C   1 
ATOM   737  O O   . ASP A 1 88  ? 6.409   4.670   12.664  1.00 88.79  ? 86  ASP A O   1 
ATOM   738  C CB  . ASP A 1 88  ? 5.747   7.487   11.357  1.00 78.53  ? 86  ASP A CB  1 
ATOM   739  C CG  . ASP A 1 88  ? 4.733   8.352   10.626  1.00 78.93  ? 86  ASP A CG  1 
ATOM   740  O OD1 . ASP A 1 88  ? 4.179   7.901   9.593   1.00 87.88  ? 86  ASP A OD1 1 
ATOM   741  O OD2 . ASP A 1 88  ? 4.489   9.479   11.100  1.00 62.27  ? 86  ASP A OD2 1 
ATOM   742  N N   . ASP A 1 89  ? 8.103   5.422   11.388  1.00 75.07  ? 87  ASP A N   1 
ATOM   743  C CA  . ASP A 1 89  ? 9.137   4.583   12.032  1.00 67.28  ? 87  ASP A CA  1 
ATOM   744  C C   . ASP A 1 89  ? 8.921   3.061   11.835  1.00 69.63  ? 87  ASP A C   1 
ATOM   745  O O   . ASP A 1 89  ? 9.168   2.276   12.757  1.00 75.16  ? 87  ASP A O   1 
ATOM   746  C CB  . ASP A 1 89  ? 9.195   4.934   13.540  1.00 60.00  ? 87  ASP A CB  1 
ATOM   747  C CG  . ASP A 1 89  ? 10.603  5.014   14.079  1.00 56.35  ? 87  ASP A CG  1 
ATOM   748  O OD1 . ASP A 1 89  ? 11.505  4.335   13.544  1.00 62.85  ? 87  ASP A OD1 1 
ATOM   749  O OD2 . ASP A 1 89  ? 10.808  5.754   15.059  1.00 46.95  ? 87  ASP A OD2 1 
ATOM   750  N N   . PHE A 1 90  ? 8.450   2.655   10.646  1.00 71.71  ? 88  PHE A N   1 
ATOM   751  C CA  . PHE A 1 90  ? 8.173   1.232   10.307  1.00 70.73  ? 88  PHE A CA  1 
ATOM   752  C C   . PHE A 1 90  ? 8.621   0.940   8.868   1.00 72.87  ? 88  PHE A C   1 
ATOM   753  O O   . PHE A 1 90  ? 8.099   1.538   7.942   1.00 85.07  ? 88  PHE A O   1 
ATOM   754  C CB  . PHE A 1 90  ? 6.667   0.864   10.443  1.00 67.57  ? 88  PHE A CB  1 
ATOM   755  C CG  . PHE A 1 90  ? 6.200   0.604   11.871  1.00 67.76  ? 88  PHE A CG  1 
ATOM   756  C CD1 . PHE A 1 90  ? 5.952   1.657   12.740  1.00 71.45  ? 88  PHE A CD1 1 
ATOM   757  C CD2 . PHE A 1 90  ? 5.974   -0.683  12.327  1.00 67.00  ? 88  PHE A CD2 1 
ATOM   758  C CE1 . PHE A 1 90  ? 5.517   1.439   14.044  1.00 75.35  ? 88  PHE A CE1 1 
ATOM   759  C CE2 . PHE A 1 90  ? 5.541   -0.911  13.629  1.00 74.10  ? 88  PHE A CE2 1 
ATOM   760  C CZ  . PHE A 1 90  ? 5.308   0.155   14.489  1.00 74.94  ? 88  PHE A CZ  1 
ATOM   761  N N   . ASN A 1 91  ? 9.578   0.021   8.697   1.00 72.83  ? 89  ASN A N   1 
ATOM   762  C CA  . ASN A 1 91  ? 10.042  -0.455  7.379   1.00 65.18  ? 89  ASN A CA  1 
ATOM   763  C C   . ASN A 1 91  ? 8.948   -1.018  6.508   1.00 60.07  ? 89  ASN A C   1 
ATOM   764  O O   . ASN A 1 91  ? 7.860   -1.327  6.978   1.00 51.70  ? 89  ASN A O   1 
ATOM   765  C CB  . ASN A 1 91  ? 11.073  -1.586  7.505   1.00 67.71  ? 89  ASN A CB  1 
ATOM   766  C CG  . ASN A 1 91  ? 12.212  -1.243  8.411   1.00 67.85  ? 89  ASN A CG  1 
ATOM   767  O OD1 . ASN A 1 91  ? 12.559  -0.060  8.576   1.00 67.08  ? 89  ASN A OD1 1 
ATOM   768  N ND2 . ASN A 1 91  ? 12.798  -2.270  9.029   1.00 72.20  ? 89  ASN A ND2 1 
ATOM   769  N N   . ALA A 1 92  ? 9.274   -1.187  5.229   1.00 58.17  ? 90  ALA A N   1 
ATOM   770  C CA  . ALA A 1 92  ? 8.366   -1.858  4.332   1.00 59.89  ? 90  ALA A CA  1 
ATOM   771  C C   . ALA A 1 92  ? 8.131   -3.235  4.911   1.00 54.63  ? 90  ALA A C   1 
ATOM   772  O O   . ALA A 1 92  ? 6.976   -3.649  5.055   1.00 55.67  ? 90  ALA A O   1 
ATOM   773  C CB  . ALA A 1 92  ? 8.894   -1.920  2.912   1.00 59.22  ? 90  ALA A CB  1 
ATOM   774  N N   . GLN A 1 93  ? 9.198   -3.905  5.335   1.00 53.62  ? 91  GLN A N   1 
ATOM   775  C CA  . GLN A 1 93  ? 9.055   -5.241  5.959   1.00 60.16  ? 91  GLN A CA  1 
ATOM   776  C C   . GLN A 1 93  ? 7.737   -5.337  6.722   1.00 61.97  ? 91  GLN A C   1 
ATOM   777  O O   . GLN A 1 93  ? 6.863   -6.128  6.344   1.00 59.16  ? 91  GLN A O   1 
ATOM   778  C CB  . GLN A 1 93  ? 10.239  -5.581  6.889   1.00 57.74  ? 91  GLN A CB  1 
ATOM   779  C CG  . GLN A 1 93  ? 11.506  -5.897  6.121   1.00 56.70  ? 91  GLN A CG  1 
ATOM   780  C CD  . GLN A 1 93  ? 12.644  -6.332  7.001   1.00 58.08  ? 91  GLN A CD  1 
ATOM   781  O OE1 . GLN A 1 93  ? 12.644  -7.451  7.550   1.00 53.09  ? 91  GLN A OE1 1 
ATOM   782  N NE2 . GLN A 1 93  ? 13.648  -5.460  7.124   1.00 54.78  ? 91  GLN A NE2 1 
ATOM   783  N N   . PHE A 1 94  ? 7.595   -4.449  7.719   1.00 60.70  ? 92  PHE A N   1 
ATOM   784  C CA  . PHE A 1 94  ? 6.441   -4.393  8.645   1.00 54.03  ? 92  PHE A CA  1 
ATOM   785  C C   . PHE A 1 94  ? 5.154   -4.151  7.870   1.00 51.49  ? 92  PHE A C   1 
ATOM   786  O O   . PHE A 1 94  ? 4.118   -4.720  8.186   1.00 45.16  ? 92  PHE A O   1 
ATOM   787  C CB  . PHE A 1 94  ? 6.608   -3.259  9.676   1.00 56.31  ? 92  PHE A CB  1 
ATOM   788  C CG  . PHE A 1 94  ? 7.819   -3.406  10.551  1.00 59.87  ? 92  PHE A CG  1 
ATOM   789  C CD1 . PHE A 1 94  ? 9.035   -2.891  10.164  1.00 60.08  ? 92  PHE A CD1 1 
ATOM   790  C CD2 . PHE A 1 94  ? 7.742   -4.079  11.754  1.00 62.08  ? 92  PHE A CD2 1 
ATOM   791  C CE1 . PHE A 1 94  ? 10.154  -3.058  10.956  1.00 64.21  ? 92  PHE A CE1 1 
ATOM   792  C CE2 . PHE A 1 94  ? 8.865   -4.265  12.545  1.00 59.83  ? 92  PHE A CE2 1 
ATOM   793  C CZ  . PHE A 1 94  ? 10.069  -3.752  12.149  1.00 59.57  ? 92  PHE A CZ  1 
ATOM   794  N N   . ILE A 1 95  ? 5.239   -3.304  6.845   1.00 55.85  ? 93  ILE A N   1 
ATOM   795  C CA  . ILE A 1 95  ? 4.083   -2.928  6.006   1.00 56.63  ? 93  ILE A CA  1 
ATOM   796  C C   . ILE A 1 95  ? 3.531   -4.189  5.348   1.00 59.19  ? 93  ILE A C   1 
ATOM   797  O O   . ILE A 1 95  ? 2.307   -4.316  5.194   1.00 51.33  ? 93  ILE A O   1 
ATOM   798  C CB  . ILE A 1 95  ? 4.438   -1.833  4.942   1.00 51.09  ? 93  ILE A CB  1 
ATOM   799  C CG1 . ILE A 1 95  ? 4.979   -0.540  5.627   1.00 48.37  ? 93  ILE A CG1 1 
ATOM   800  C CG2 . ILE A 1 95  ? 3.252   -1.547  4.023   1.00 47.60  ? 93  ILE A CG2 1 
ATOM   801  C CD1 . ILE A 1 95  ? 3.937   0.506   5.997   1.00 49.04  ? 93  ILE A CD1 1 
ATOM   802  N N   . ILE A 1 96  ? 4.434   -5.126  4.996   1.00 61.91  ? 94  ILE A N   1 
ATOM   803  C CA  . ILE A 1 96  ? 4.027   -6.454  4.488   1.00 60.09  ? 94  ILE A CA  1 
ATOM   804  C C   . ILE A 1 96  ? 3.287   -7.320  5.516   1.00 60.07  ? 94  ILE A C   1 
ATOM   805  O O   . ILE A 1 96  ? 2.322   -7.980  5.148   1.00 63.50  ? 94  ILE A O   1 
ATOM   806  C CB  . ILE A 1 96  ? 5.204   -7.241  3.904   1.00 61.25  ? 94  ILE A CB  1 
ATOM   807  C CG1 . ILE A 1 96  ? 5.668   -6.587  2.607   1.00 60.35  ? 94  ILE A CG1 1 
ATOM   808  C CG2 . ILE A 1 96  ? 4.795   -8.682  3.625   1.00 73.15  ? 94  ILE A CG2 1 
ATOM   809  C CD1 . ILE A 1 96  ? 6.854   -7.252  1.924   1.00 59.44  ? 94  ILE A CD1 1 
ATOM   810  N N   . ASP A 1 97  ? 3.728   -7.323  6.778   1.00 60.82  ? 95  ASP A N   1 
ATOM   811  C CA  . ASP A 1 97  ? 3.046   -8.064  7.853   1.00 59.95  ? 95  ASP A CA  1 
ATOM   812  C C   . ASP A 1 97  ? 1.667   -7.522  8.229   1.00 64.01  ? 95  ASP A C   1 
ATOM   813  O O   . ASP A 1 97  ? 0.851   -8.248  8.779   1.00 67.56  ? 95  ASP A O   1 
ATOM   814  C CB  . ASP A 1 97  ? 3.918   -8.121  9.104   1.00 59.01  ? 95  ASP A CB  1 
ATOM   815  C CG  . ASP A 1 97  ? 5.157   -8.957  8.900   1.00 62.70  ? 95  ASP A CG  1 
ATOM   816  O OD1 . ASP A 1 97  ? 5.002   -10.176 8.666   1.00 66.03  ? 95  ASP A OD1 1 
ATOM   817  O OD2 . ASP A 1 97  ? 6.285   -8.406  8.964   1.00 62.82  ? 95  ASP A OD2 1 
ATOM   818  N N   . GLY A 1 98  ? 1.405   -6.249  7.948   1.00 72.11  ? 96  GLY A N   1 
ATOM   819  C CA  . GLY A 1 98  ? 0.141   -5.603  8.341   1.00 69.36  ? 96  GLY A CA  1 
ATOM   820  C C   . GLY A 1 98  ? -1.039  -5.920  7.450   1.00 66.96  ? 96  GLY A C   1 
ATOM   821  O O   . GLY A 1 98  ? -2.156  -6.147  7.952   1.00 54.25  ? 96  GLY A O   1 
ATOM   822  N N   . VAL A 1 99  ? -0.798  -5.917  6.127   1.00 70.23  ? 97  VAL A N   1 
ATOM   823  C CA  . VAL A 1 99  ? -1.823  -6.326  5.156   1.00 68.97  ? 97  VAL A CA  1 
ATOM   824  C C   . VAL A 1 99  ? -2.045  -7.822  5.162   1.00 63.74  ? 97  VAL A C   1 
ATOM   825  O O   . VAL A 1 99  ? -3.110  -8.262  4.764   1.00 69.45  ? 97  VAL A O   1 
ATOM   826  C CB  . VAL A 1 99  ? -1.568  -5.860  3.721   1.00 72.36  ? 97  VAL A CB  1 
ATOM   827  C CG1 . VAL A 1 99  ? -1.305  -4.351  3.683   1.00 74.46  ? 97  VAL A CG1 1 
ATOM   828  C CG2 . VAL A 1 99  ? -0.456  -6.664  3.102   1.00 81.53  ? 97  VAL A CG2 1 
ATOM   829  N N   . THR A 1 100 ? -1.055  -8.603  5.600   1.00 57.17  ? 98  THR A N   1 
ATOM   830  C CA  . THR A 1 100 ? -1.335  -9.972  6.033   1.00 53.33  ? 98  THR A CA  1 
ATOM   831  C C   . THR A 1 100 ? -2.271  -9.983  7.245   1.00 50.98  ? 98  THR A C   1 
ATOM   832  O O   . THR A 1 100 ? -3.283  -10.690 7.273   1.00 49.34  ? 98  THR A O   1 
ATOM   833  C CB  . THR A 1 100 ? -0.077  -10.741 6.410   1.00 53.18  ? 98  THR A CB  1 
ATOM   834  O OG1 . THR A 1 100 ? 0.925   -10.541 5.405   1.00 53.45  ? 98  THR A OG1 1 
ATOM   835  C CG2 . THR A 1 100 ? -0.426  -12.244 6.515   1.00 53.18  ? 98  THR A CG2 1 
ATOM   836  N N   . GLN A 1 101 ? -1.914  -9.207  8.254   1.00 52.89  ? 99  GLN A N   1 
ATOM   837  C CA  . GLN A 1 101 ? -2.757  -9.036  9.408   1.00 51.99  ? 99  GLN A CA  1 
ATOM   838  C C   . GLN A 1 101 ? -4.112  -8.549  8.953   1.00 53.71  ? 99  GLN A C   1 
ATOM   839  O O   . GLN A 1 101 ? -5.134  -8.991  9.456   1.00 56.07  ? 99  GLN A O   1 
ATOM   840  C CB  . GLN A 1 101 ? -2.138  -8.028  10.368  1.00 54.22  ? 99  GLN A CB  1 
ATOM   841  C CG  . GLN A 1 101 ? -2.960  -7.786  11.603  1.00 55.12  ? 99  GLN A CG  1 
ATOM   842  C CD  . GLN A 1 101 ? -3.323  -9.092  12.232  1.00 50.36  ? 99  GLN A CD  1 
ATOM   843  O OE1 . GLN A 1 101 ? -2.539  -9.661  12.995  1.00 46.76  ? 99  GLN A OE1 1 
ATOM   844  N NE2 . GLN A 1 101 ? -4.493  -9.601  11.883  1.00 46.77  ? 99  GLN A NE2 1 
ATOM   845  N N   . ALA A 1 102 ? -4.108  -7.636  7.991   1.00 57.03  ? 100 ALA A N   1 
ATOM   846  C CA  . ALA A 1 102 ? -5.343  -7.132  7.411   1.00 62.40  ? 100 ALA A CA  1 
ATOM   847  C C   . ALA A 1 102 ? -6.080  -8.256  6.704   1.00 62.08  ? 100 ALA A C   1 
ATOM   848  O O   . ALA A 1 102 ? -7.247  -8.455  6.982   1.00 62.30  ? 100 ALA A O   1 
ATOM   849  C CB  . ALA A 1 102 ? -5.090  -5.966  6.455   1.00 57.85  ? 100 ALA A CB  1 
ATOM   850  N N   . ARG A 1 103 ? -5.411  -8.977  5.793   1.00 61.41  ? 101 ARG A N   1 
ATOM   851  C CA  . ARG A 1 103 ? -6.049  -10.076 5.047   1.00 55.95  ? 101 ARG A CA  1 
ATOM   852  C C   . ARG A 1 103 ? -6.753  -10.950 6.062   1.00 65.25  ? 101 ARG A C   1 
ATOM   853  O O   . ARG A 1 103 ? -7.980  -11.034 6.054   1.00 62.75  ? 101 ARG A O   1 
ATOM   854  C CB  . ARG A 1 103 ? -5.036  -10.913 4.243   1.00 55.41  ? 101 ARG A CB  1 
ATOM   855  C CG  . ARG A 1 103 ? -5.504  -12.341 3.904   1.00 53.94  ? 101 ARG A CG  1 
ATOM   856  C CD  . ARG A 1 103 ? -4.438  -13.183 3.206   1.00 52.58  ? 101 ARG A CD  1 
ATOM   857  N NE  . ARG A 1 103 ? -3.354  -13.634 4.112   1.00 52.25  ? 101 ARG A NE  1 
ATOM   858  C CZ  . ARG A 1 103 ? -3.232  -14.829 4.713   1.00 50.86  ? 101 ARG A CZ  1 
ATOM   859  N NH1 . ARG A 1 103 ? -4.133  -15.805 4.569   1.00 53.28  ? 101 ARG A NH1 1 
ATOM   860  N NH2 . ARG A 1 103 ? -2.190  -15.048 5.502   1.00 47.82  ? 101 ARG A NH2 1 
ATOM   861  N N   . GLU A 1 104 ? -5.964  -11.569 6.955   1.00 66.09  ? 102 GLU A N   1 
ATOM   862  C CA  . GLU A 1 104 ? -6.483  -12.435 7.996   1.00 56.88  ? 102 GLU A CA  1 
ATOM   863  C C   . GLU A 1 104 ? -7.730  -11.837 8.624   1.00 56.44  ? 102 GLU A C   1 
ATOM   864  O O   . GLU A 1 104 ? -8.727  -12.514 8.784   1.00 52.60  ? 102 GLU A O   1 
ATOM   865  C CB  . GLU A 1 104 ? -5.433  -12.651 9.073   1.00 55.97  ? 102 GLU A CB  1 
ATOM   866  C CG  . GLU A 1 104 ? -4.608  -13.900 8.875   1.00 54.60  ? 102 GLU A CG  1 
ATOM   867  C CD  . GLU A 1 104 ? -4.056  -14.422 10.174  1.00 49.86  ? 102 GLU A CD  1 
ATOM   868  O OE1 . GLU A 1 104 ? -3.670  -13.583 11.008  1.00 49.89  ? 102 GLU A OE1 1 
ATOM   869  O OE2 . GLU A 1 104 ? -4.007  -15.652 10.349  1.00 48.63  ? 102 GLU A OE2 1 
ATOM   870  N N   . ALA A 1 105 ? -7.646  -10.561 8.985   1.00 59.75  ? 103 ALA A N   1 
ATOM   871  C CA  . ALA A 1 105 ? -8.797  -9.799  9.493   1.00 57.57  ? 103 ALA A CA  1 
ATOM   872  C C   . ALA A 1 105 ? -9.955  -9.814  8.509   1.00 57.07  ? 103 ALA A C   1 
ATOM   873  O O   . ALA A 1 105 ? -11.080 -10.097 8.893   1.00 53.46  ? 103 ALA A O   1 
ATOM   874  C CB  . ALA A 1 105 ? -8.387  -8.371  9.779   1.00 58.35  ? 103 ALA A CB  1 
ATOM   875  N N   . PHE A 1 106 ? -9.664  -9.511  7.243   1.00 57.23  ? 104 PHE A N   1 
ATOM   876  C CA  . PHE A 1 106 ? -10.658 -9.537  6.164   1.00 57.11  ? 104 PHE A CA  1 
ATOM   877  C C   . PHE A 1 106 ? -11.193 -10.955 5.906   1.00 54.04  ? 104 PHE A C   1 
ATOM   878  O O   . PHE A 1 106 ? -12.376 -11.137 5.645   1.00 54.55  ? 104 PHE A O   1 
ATOM   879  C CB  . PHE A 1 106 ? -10.076 -8.929  4.888   1.00 58.55  ? 104 PHE A CB  1 
ATOM   880  C CG  . PHE A 1 106 ? -11.085 -8.712  3.818   1.00 63.93  ? 104 PHE A CG  1 
ATOM   881  C CD1 . PHE A 1 106 ? -12.211 -7.911  4.070   1.00 69.32  ? 104 PHE A CD1 1 
ATOM   882  C CD2 . PHE A 1 106 ? -10.936 -9.302  2.566   1.00 67.18  ? 104 PHE A CD2 1 
ATOM   883  C CE1 . PHE A 1 106 ? -13.172 -7.699  3.091   1.00 74.08  ? 104 PHE A CE1 1 
ATOM   884  C CE2 . PHE A 1 106 ? -11.899 -9.098  1.577   1.00 78.24  ? 104 PHE A CE2 1 
ATOM   885  C CZ  . PHE A 1 106 ? -13.016 -8.293  1.841   1.00 80.41  ? 104 PHE A CZ  1 
ATOM   886  N N   . GLU A 1 107 ? -10.333 -11.950 6.052   1.00 48.27  ? 105 GLU A N   1 
ATOM   887  C CA  . GLU A 1 107 ? -10.769 -13.328 6.084   1.00 53.36  ? 105 GLU A CA  1 
ATOM   888  C C   . GLU A 1 107 ? -11.685 -13.578 7.297   1.00 58.68  ? 105 GLU A C   1 
ATOM   889  O O   . GLU A 1 107 ? -12.394 -14.584 7.340   1.00 65.68  ? 105 GLU A O   1 
ATOM   890  C CB  . GLU A 1 107 ? -9.587  -14.301 6.168   1.00 52.20  ? 105 GLU A CB  1 
ATOM   891  C CG  . GLU A 1 107 ? -8.483  -14.129 5.124   1.00 51.02  ? 105 GLU A CG  1 
ATOM   892  C CD  . GLU A 1 107 ? -7.280  -15.025 5.365   1.00 47.30  ? 105 GLU A CD  1 
ATOM   893  O OE1 . GLU A 1 107 ? -7.244  -15.776 6.353   1.00 37.96  ? 105 GLU A OE1 1 
ATOM   894  O OE2 . GLU A 1 107 ? -6.385  -15.027 4.509   1.00 53.10  ? 105 GLU A OE2 1 
ATOM   895  N N   . ARG A 1 108 ? -11.629 -12.705 8.295   1.00 59.19  ? 106 ARG A N   1 
ATOM   896  C CA  . ARG A 1 108 ? -12.583 -12.763 9.400   1.00 68.06  ? 106 ARG A CA  1 
ATOM   897  C C   . ARG A 1 108 ? -13.950 -12.176 9.066   1.00 69.76  ? 106 ARG A C   1 
ATOM   898  O O   . ARG A 1 108 ? -14.959 -12.586 9.664   1.00 68.67  ? 106 ARG A O   1 
ATOM   899  C CB  . ARG A 1 108 ? -12.012 -12.144 10.693  1.00 64.64  ? 106 ARG A CB  1 
ATOM   900  C CG  . ARG A 1 108 ? -10.963 -13.030 11.315  1.00 62.76  ? 106 ARG A CG  1 
ATOM   901  C CD  . ARG A 1 108 ? -10.706 -12.608 12.724  1.00 61.49  ? 106 ARG A CD  1 
ATOM   902  N NE  . ARG A 1 108 ? -9.695  -11.583 12.790  1.00 61.70  ? 106 ARG A NE  1 
ATOM   903  C CZ  . ARG A 1 108 ? -9.362  -10.968 13.908  1.00 63.04  ? 106 ARG A CZ  1 
ATOM   904  N NH1 . ARG A 1 108 ? -9.964  -11.288 15.056  1.00 71.05  ? 106 ARG A NH1 1 
ATOM   905  N NH2 . ARG A 1 108 ? -8.429  -10.029 13.881  1.00 59.86  ? 106 ARG A NH2 1 
ATOM   906  N N   . ARG A 1 109 ? -13.978 -11.221 8.135   1.00 63.64  ? 107 ARG A N   1 
ATOM   907  C CA  . ARG A 1 109 ? -15.229 -10.568 7.742   1.00 58.29  ? 107 ARG A CA  1 
ATOM   908  C C   . ARG A 1 109 ? -15.960 -11.427 6.715   1.00 62.83  ? 107 ARG A C   1 
ATOM   909  O O   . ARG A 1 109 ? -17.178 -11.418 6.678   1.00 54.26  ? 107 ARG A O   1 
ATOM   910  C CB  . ARG A 1 109 ? -14.949 -9.218  7.142   1.00 53.31  ? 107 ARG A CB  1 
ATOM   911  C CG  . ARG A 1 109 ? -14.032 -8.337  7.963   1.00 51.35  ? 107 ARG A CG  1 
ATOM   912  C CD  . ARG A 1 109 ? -14.094 -6.983  7.309   1.00 50.15  ? 107 ARG A CD  1 
ATOM   913  N NE  . ARG A 1 109 ? -12.978 -6.107  7.600   1.00 45.08  ? 107 ARG A NE  1 
ATOM   914  C CZ  . ARG A 1 109 ? -12.872 -5.331  8.672   1.00 45.86  ? 107 ARG A CZ  1 
ATOM   915  N NH1 . ARG A 1 109 ? -13.793 -5.340  9.634   1.00 44.11  ? 107 ARG A NH1 1 
ATOM   916  N NH2 . ARG A 1 109 ? -11.818 -4.527  8.775   1.00 50.34  ? 107 ARG A NH2 1 
ATOM   917  N N   . ILE A 1 110 ? -15.198 -12.157 5.883   1.00 68.15  ? 108 ILE A N   1 
ATOM   918  C CA  . ILE A 1 110 ? -15.749 -13.132 4.941   1.00 62.45  ? 108 ILE A CA  1 
ATOM   919  C C   . ILE A 1 110 ? -16.525 -14.173 5.716   1.00 58.89  ? 108 ILE A C   1 
ATOM   920  O O   . ILE A 1 110 ? -17.657 -14.494 5.358   1.00 54.26  ? 108 ILE A O   1 
ATOM   921  C CB  . ILE A 1 110 ? -14.665 -13.856 4.112   1.00 64.37  ? 108 ILE A CB  1 
ATOM   922  C CG1 . ILE A 1 110 ? -14.050 -12.933 3.056   1.00 64.48  ? 108 ILE A CG1 1 
ATOM   923  C CG2 . ILE A 1 110 ? -15.270 -15.047 3.387   1.00 69.04  ? 108 ILE A CG2 1 
ATOM   924  C CD1 . ILE A 1 110 ? -12.876 -13.556 2.314   1.00 63.94  ? 108 ILE A CD1 1 
ATOM   925  N N   . GLY A 1 111 ? -15.891 -14.707 6.757   1.00 55.64  ? 109 GLY A N   1 
ATOM   926  C CA  . GLY A 1 111 ? -16.552 -15.619 7.700   1.00 55.91  ? 109 GLY A CA  1 
ATOM   927  C C   . GLY A 1 111 ? -17.921 -15.196 8.206   1.00 53.82  ? 109 GLY A C   1 
ATOM   928  O O   . GLY A 1 111 ? -18.825 -16.012 8.251   1.00 48.54  ? 109 GLY A O   1 
ATOM   929  N N   . MET A 1 112 ? -18.089 -13.923 8.552   1.00 51.79  ? 110 MET A N   1 
ATOM   930  C CA  . MET A 1 112 ? -19.337 -13.505 9.155   1.00 59.29  ? 110 MET A CA  1 
ATOM   931  C C   . MET A 1 112 ? -20.456 -13.498 8.125   1.00 59.77  ? 110 MET A C   1 
ATOM   932  O O   . MET A 1 112 ? -21.581 -13.878 8.450   1.00 57.42  ? 110 MET A O   1 
ATOM   933  C CB  . MET A 1 112 ? -19.221 -12.161 9.903   1.00 63.89  ? 110 MET A CB  1 
ATOM   934  C CG  . MET A 1 112 ? -19.520 -10.893 9.086   1.00 68.45  ? 110 MET A CG  1 
ATOM   935  S SD  . MET A 1 112 ? -19.747 -9.481  10.160  1.00 65.29  ? 110 MET A SD  1 
ATOM   936  C CE  . MET A 1 112 ? -21.302 -9.925  10.960  1.00 76.33  ? 110 MET A CE  1 
ATOM   937  N N   . LEU A 1 113 ? -20.148 -13.057 6.903   1.00 65.40  ? 111 LEU A N   1 
ATOM   938  C CA  . LEU A 1 113 ? -21.124 -13.079 5.805   1.00 68.83  ? 111 LEU A CA  1 
ATOM   939  C C   . LEU A 1 113 ? -21.392 -14.532 5.343   1.00 72.07  ? 111 LEU A C   1 
ATOM   940  O O   . LEU A 1 113 ? -22.466 -14.811 4.766   1.00 84.57  ? 111 LEU A O   1 
ATOM   941  C CB  . LEU A 1 113 ? -20.713 -12.167 4.624   1.00 64.62  ? 111 LEU A CB  1 
ATOM   942  C CG  . LEU A 1 113 ? -21.305 -10.743 4.631   1.00 64.61  ? 111 LEU A CG  1 
ATOM   943  C CD1 . LEU A 1 113 ? -20.469 -9.760  3.821   1.00 60.14  ? 111 LEU A CD1 1 
ATOM   944  C CD2 . LEU A 1 113 ? -22.726 -10.729 4.089   1.00 67.58  ? 111 LEU A CD2 1 
ATOM   945  N N   . ARG A 1 114 ? -20.424 -15.427 5.602   1.00 63.64  ? 112 ARG A N   1 
ATOM   946  C CA  . ARG A 1 114 ? -20.527 -16.892 5.326   1.00 61.31  ? 112 ARG A CA  1 
ATOM   947  C C   . ARG A 1 114 ? -21.521 -17.660 6.243   1.00 59.90  ? 112 ARG A C   1 
ATOM   948  O O   . ARG A 1 114 ? -22.079 -18.711 5.871   1.00 48.02  ? 112 ARG A O   1 
ATOM   949  C CB  . ARG A 1 114 ? -19.125 -17.557 5.405   1.00 55.86  ? 112 ARG A CB  1 
ATOM   950  C CG  . ARG A 1 114 ? -18.291 -17.415 4.141   1.00 57.48  ? 112 ARG A CG  1 
ATOM   951  C CD  . ARG A 1 114 ? -16.949 -18.095 4.291   1.00 55.62  ? 112 ARG A CD  1 
ATOM   952  N NE  . ARG A 1 114 ? -16.125 -18.050 3.083   1.00 48.85  ? 112 ARG A NE  1 
ATOM   953  C CZ  . ARG A 1 114 ? -14.899 -18.583 3.015   1.00 52.09  ? 112 ARG A CZ  1 
ATOM   954  N NH1 . ARG A 1 114 ? -14.375 -19.220 4.081   1.00 48.07  ? 112 ARG A NH1 1 
ATOM   955  N NH2 . ARG A 1 114 ? -14.182 -18.482 1.879   1.00 50.98  ? 112 ARG A NH2 1 
ATOM   956  N N   . HIS A 1 115 ? -21.704 -17.135 7.444   1.00 58.25  ? 113 HIS A N   1 
ATOM   957  C CA  . HIS A 1 115 ? -22.701 -17.643 8.356   1.00 66.88  ? 113 HIS A CA  1 
ATOM   958  C C   . HIS A 1 115 ? -24.017 -16.951 8.124   1.00 66.68  ? 113 HIS A C   1 
ATOM   959  O O   . HIS A 1 115 ? -25.062 -17.511 8.450   1.00 70.37  ? 113 HIS A O   1 
ATOM   960  C CB  . HIS A 1 115 ? -22.249 -17.461 9.794   1.00 72.18  ? 113 HIS A CB  1 
ATOM   961  C CG  . HIS A 1 115 ? -20.835 -17.884 10.010  1.00 69.84  ? 113 HIS A CG  1 
ATOM   962  N ND1 . HIS A 1 115 ? -19.854 -17.029 10.456  1.00 69.73  ? 113 HIS A ND1 1 
ATOM   963  C CD2 . HIS A 1 115 ? -20.224 -19.062 9.754   1.00 72.01  ? 113 HIS A CD2 1 
ATOM   964  C CE1 . HIS A 1 115 ? -18.704 -17.672 10.496  1.00 74.40  ? 113 HIS A CE1 1 
ATOM   965  N NE2 . HIS A 1 115 ? -18.904 -18.909 10.079  1.00 72.26  ? 113 HIS A NE2 1 
ATOM   966  N N   . GLN A 1 116 ? -23.945 -15.733 7.581   1.00 67.58  ? 114 GLN A N   1 
ATOM   967  C CA  . GLN A 1 116 ? -25.103 -15.006 7.055   1.00 70.26  ? 114 GLN A CA  1 
ATOM   968  C C   . GLN A 1 116 ? -25.664 -15.696 5.835   1.00 72.80  ? 114 GLN A C   1 
ATOM   969  O O   . GLN A 1 116 ? -26.815 -15.434 5.452   1.00 85.83  ? 114 GLN A O   1 
ATOM   970  C CB  . GLN A 1 116 ? -24.759 -13.529 6.737   1.00 64.15  ? 114 GLN A CB  1 
ATOM   971  C CG  . GLN A 1 116 ? -24.585 -12.665 7.994   1.00 58.53  ? 114 GLN A CG  1 
ATOM   972  C CD  . GLN A 1 116 ? -23.994 -11.303 7.707   1.00 54.08  ? 114 GLN A CD  1 
ATOM   973  O OE1 . GLN A 1 116 ? -24.178 -10.756 6.637   1.00 61.92  ? 114 GLN A OE1 1 
ATOM   974  N NE2 . GLN A 1 116 ? -23.322 -10.737 8.677   1.00 47.38  ? 114 GLN A NE2 1 
ATOM   975  N N   . LEU A 1 117 ? -24.839 -16.545 5.215   1.00 72.67  ? 115 LEU A N   1 
ATOM   976  C CA  . LEU A 1 117 ? -25.292 -17.533 4.230   1.00 71.28  ? 115 LEU A CA  1 
ATOM   977  C C   . LEU A 1 117 ? -25.639 -18.889 4.839   1.00 69.29  ? 115 LEU A C   1 
ATOM   978  O O   . LEU A 1 117 ? -26.381 -19.621 4.209   1.00 74.62  ? 115 LEU A O   1 
ATOM   979  C CB  . LEU A 1 117 ? -24.259 -17.715 3.104   1.00 73.64  ? 115 LEU A CB  1 
ATOM   980  C CG  . LEU A 1 117 ? -24.054 -16.529 2.168   1.00 74.14  ? 115 LEU A CG  1 
ATOM   981  C CD1 . LEU A 1 117 ? -22.841 -16.756 1.288   1.00 85.73  ? 115 LEU A CD1 1 
ATOM   982  C CD2 . LEU A 1 117 ? -25.284 -16.302 1.311   1.00 80.22  ? 115 LEU A CD2 1 
ATOM   983  N N   . LEU A 1 118 ? -25.082 -19.248 6.011   1.00 72.19  ? 116 LEU A N   1 
ATOM   984  C CA  . LEU A 1 118 ? -25.630 -20.349 6.870   1.00 63.42  ? 116 LEU A CA  1 
ATOM   985  C C   . LEU A 1 118 ? -26.999 -20.028 7.484   1.00 65.55  ? 116 LEU A C   1 
ATOM   986  O O   . LEU A 1 118 ? -27.821 -20.911 7.643   1.00 63.21  ? 116 LEU A O   1 
ATOM   987  C CB  . LEU A 1 118 ? -24.685 -20.740 8.010   1.00 58.46  ? 116 LEU A CB  1 
ATOM   988  C CG  . LEU A 1 118 ? -23.455 -21.600 7.719   1.00 61.23  ? 116 LEU A CG  1 
ATOM   989  C CD1 . LEU A 1 118 ? -22.869 -22.115 9.034   1.00 58.95  ? 116 LEU A CD1 1 
ATOM   990  C CD2 . LEU A 1 118 ? -23.753 -22.785 6.803   1.00 63.25  ? 116 LEU A CD2 1 
ATOM   991  N N   . ASP A 1 119 ? -27.228 -18.772 7.828   1.00 67.17  ? 117 ASP A N   1 
ATOM   992  C CA  . ASP A 1 119 ? -28.533 -18.301 8.274   1.00 67.76  ? 117 ASP A CA  1 
ATOM   993  C C   . ASP A 1 119 ? -29.480 -18.015 7.089   1.00 65.37  ? 117 ASP A C   1 
ATOM   994  O O   . ASP A 1 119 ? -30.695 -17.850 7.277   1.00 55.51  ? 117 ASP A O   1 
ATOM   995  C CB  . ASP A 1 119 ? -28.335 -17.068 9.155   1.00 76.44  ? 117 ASP A CB  1 
ATOM   996  C CG  . ASP A 1 119 ? -27.325 -17.322 10.289  1.00 84.20  ? 117 ASP A CG  1 
ATOM   997  O OD1 . ASP A 1 119 ? -27.462 -18.346 11.005  1.00 94.83  ? 117 ASP A OD1 1 
ATOM   998  O OD2 . ASP A 1 119 ? -26.378 -16.518 10.431  1.00 73.07  ? 117 ASP A OD2 1 
ATOM   999  N N   . ALA A 1 120 ? -28.938 -17.960 5.867   1.00 66.94  ? 118 ALA A N   1 
ATOM   1000 C CA  . ALA A 1 120 ? -29.764 -17.817 4.665   1.00 67.71  ? 118 ALA A CA  1 
ATOM   1001 C C   . ALA A 1 120 ? -30.387 -19.160 4.346   1.00 68.51  ? 118 ALA A C   1 
ATOM   1002 O O   . ALA A 1 120 ? -31.621 -19.272 4.282   1.00 73.35  ? 118 ALA A O   1 
ATOM   1003 C CB  . ALA A 1 120 ? -28.954 -17.291 3.485   1.00 64.21  ? 118 ALA A CB  1 
ATOM   1004 N N   . GLY A 1 121 ? -29.519 -20.166 4.188   1.00 66.75  ? 119 GLY A N   1 
ATOM   1005 C CA  . GLY A 1 121 ? -29.901 -21.555 3.872   1.00 68.12  ? 119 GLY A CA  1 
ATOM   1006 C C   . GLY A 1 121 ? -28.816 -22.372 3.147   1.00 74.74  ? 119 GLY A C   1 
ATOM   1007 O O   . GLY A 1 121 ? -28.674 -23.597 3.372   1.00 66.92  ? 119 GLY A O   1 
ATOM   1008 N N   . LEU A 1 122 ? -28.065 -21.706 2.256   1.00 68.88  ? 120 LEU A N   1 
ATOM   1009 C CA  . LEU A 1 122 ? -26.858 -22.286 1.655   1.00 65.34  ? 120 LEU A CA  1 
ATOM   1010 C C   . LEU A 1 122 ? -26.189 -23.337 2.541   1.00 62.48  ? 120 LEU A C   1 
ATOM   1011 O O   . LEU A 1 122 ? -26.400 -23.379 3.731   1.00 62.02  ? 120 LEU A O   1 
ATOM   1012 C CB  . LEU A 1 122 ? -25.843 -21.191 1.322   1.00 65.16  ? 120 LEU A CB  1 
ATOM   1013 C CG  . LEU A 1 122 ? -25.845 -20.687 -0.131  1.00 70.34  ? 120 LEU A CG  1 
ATOM   1014 C CD1 . LEU A 1 122 ? -27.120 -19.955 -0.527  1.00 66.52  ? 120 LEU A CD1 1 
ATOM   1015 C CD2 . LEU A 1 122 ? -24.634 -19.797 -0.381  1.00 73.71  ? 120 LEU A CD2 1 
ATOM   1016 N N   . THR A 1 123 ? -25.386 -24.192 1.930   1.00 63.28  ? 121 THR A N   1 
ATOM   1017 C CA  . THR A 1 123 ? -24.650 -25.227 2.637   1.00 62.48  ? 121 THR A CA  1 
ATOM   1018 C C   . THR A 1 123 ? -23.153 -24.861 2.856   1.00 60.91  ? 121 THR A C   1 
ATOM   1019 O O   . THR A 1 123 ? -22.593 -24.041 2.151   1.00 59.44  ? 121 THR A O   1 
ATOM   1020 C CB  . THR A 1 123 ? -24.775 -26.560 1.855   1.00 60.47  ? 121 THR A CB  1 
ATOM   1021 O OG1 . THR A 1 123 ? -24.098 -26.424 0.621   1.00 49.66  ? 121 THR A OG1 1 
ATOM   1022 C CG2 . THR A 1 123 ? -26.270 -26.932 1.557   1.00 57.51  ? 121 THR A CG2 1 
ATOM   1023 N N   . SER A 1 124 ? -22.532 -25.501 3.843   1.00 58.22  ? 122 SER A N   1 
ATOM   1024 C CA  . SER A 1 124 ? -21.097 -25.466 4.093   1.00 54.70  ? 122 SER A CA  1 
ATOM   1025 C C   . SER A 1 124 ? -20.198 -25.244 2.891   1.00 57.51  ? 122 SER A C   1 
ATOM   1026 O O   . SER A 1 124 ? -19.236 -24.512 2.977   1.00 58.45  ? 122 SER A O   1 
ATOM   1027 C CB  . SER A 1 124 ? -20.683 -26.800 4.715   1.00 58.03  ? 122 SER A CB  1 
ATOM   1028 O OG  . SER A 1 124 ? -21.067 -27.898 3.896   1.00 51.28  ? 122 SER A OG  1 
ATOM   1029 N N   . GLU A 1 125 ? -20.481 -25.949 1.804   1.00 62.64  ? 123 GLU A N   1 
ATOM   1030 C CA  . GLU A 1 125 ? -19.709 -25.844 0.559   1.00 62.52  ? 123 GLU A CA  1 
ATOM   1031 C C   . GLU A 1 125 ? -20.183 -24.609 -0.233  1.00 68.22  ? 123 GLU A C   1 
ATOM   1032 O O   . GLU A 1 125 ? -19.375 -23.920 -0.846  1.00 66.58  ? 123 GLU A O   1 
ATOM   1033 C CB  . GLU A 1 125 ? -19.810 -27.170 -0.261  1.00 63.66  ? 123 GLU A CB  1 
ATOM   1034 C CG  . GLU A 1 125 ? -18.847 -28.297 0.208   1.00 63.37  ? 123 GLU A CG  1 
ATOM   1035 C CD  . GLU A 1 125 ? -19.108 -29.705 -0.377  1.00 55.29  ? 123 GLU A CD  1 
ATOM   1036 O OE1 . GLU A 1 125 ? -19.509 -29.832 -1.550  1.00 50.97  ? 123 GLU A OE1 1 
ATOM   1037 O OE2 . GLU A 1 125 ? -18.874 -30.707 0.344   1.00 46.61  ? 123 GLU A OE2 1 
ATOM   1038 N N   . LYS A 1 126 ? -21.489 -24.327 -0.199  1.00 74.39  ? 124 LYS A N   1 
ATOM   1039 C CA  . LYS A 1 126 ? -22.059 -23.133 -0.854  1.00 81.88  ? 124 LYS A CA  1 
ATOM   1040 C C   . LYS A 1 126 ? -21.708 -21.823 -0.169  1.00 75.10  ? 124 LYS A C   1 
ATOM   1041 O O   . LYS A 1 126 ? -21.695 -20.777 -0.840  1.00 77.00  ? 124 LYS A O   1 
ATOM   1042 C CB  . LYS A 1 126 ? -23.596 -23.168 -0.961  1.00 85.83  ? 124 LYS A CB  1 
ATOM   1043 C CG  . LYS A 1 126 ? -24.204 -24.317 -1.759  1.00 85.92  ? 124 LYS A CG  1 
ATOM   1044 C CD  . LYS A 1 126 ? -25.719 -24.169 -1.893  1.00 82.14  ? 124 LYS A CD  1 
ATOM   1045 C CE  . LYS A 1 126 ? -26.387 -25.511 -2.092  1.00 78.36  ? 124 LYS A CE  1 
ATOM   1046 N NZ  . LYS A 1 126 ? -27.862 -25.438 -1.947  1.00 77.95  ? 124 LYS A NZ  1 
ATOM   1047 N N   . ILE A 1 127 ? -21.474 -21.857 1.145   1.00 63.60  ? 125 ILE A N   1 
ATOM   1048 C CA  . ILE A 1 127 ? -21.113 -20.637 1.855   1.00 66.81  ? 125 ILE A CA  1 
ATOM   1049 C C   . ILE A 1 127 ? -19.748 -20.230 1.361   1.00 75.36  ? 125 ILE A C   1 
ATOM   1050 O O   . ILE A 1 127 ? -19.513 -19.063 1.003   1.00 79.71  ? 125 ILE A O   1 
ATOM   1051 C CB  . ILE A 1 127 ? -21.192 -20.739 3.399   1.00 66.39  ? 125 ILE A CB  1 
ATOM   1052 C CG1 . ILE A 1 127 ? -20.218 -21.775 3.994   1.00 70.37  ? 125 ILE A CG1 1 
ATOM   1053 C CG2 . ILE A 1 127 ? -22.632 -21.007 3.835   1.00 63.59  ? 125 ILE A CG2 1 
ATOM   1054 C CD1 . ILE A 1 127 ? -18.971 -21.196 4.629   1.00 66.08  ? 125 ILE A CD1 1 
ATOM   1055 N N   . GLU A 1 128 ? -18.907 -21.246 1.210   1.00 75.93  ? 126 GLU A N   1 
ATOM   1056 C CA  . GLU A 1 128 ? -17.570 -21.096 0.675   1.00 69.30  ? 126 GLU A CA  1 
ATOM   1057 C C   . GLU A 1 128 ? -17.646 -20.805 -0.850  1.00 65.24  ? 126 GLU A C   1 
ATOM   1058 O O   . GLU A 1 128 ? -16.676 -20.295 -1.418  1.00 76.48  ? 126 GLU A O   1 
ATOM   1059 C CB  . GLU A 1 128 ? -16.737 -22.360 1.012   1.00 66.52  ? 126 GLU A CB  1 
ATOM   1060 C CG  . GLU A 1 128 ? -16.689 -22.721 2.524   1.00 62.03  ? 126 GLU A CG  1 
ATOM   1061 C CD  . GLU A 1 128 ? -16.329 -24.175 2.844   1.00 58.69  ? 126 GLU A CD  1 
ATOM   1062 O OE1 . GLU A 1 128 ? -16.772 -25.096 2.138   1.00 65.30  ? 126 GLU A OE1 1 
ATOM   1063 O OE2 . GLU A 1 128 ? -15.610 -24.420 3.826   1.00 55.16  ? 126 GLU A OE2 1 
ATOM   1064 N N   . GLU A 1 129 ? -18.781 -21.101 -1.503  1.00 53.17  ? 127 GLU A N   1 
ATOM   1065 C CA  . GLU A 1 129 ? -18.901 -20.883 -2.957  1.00 60.27  ? 127 GLU A CA  1 
ATOM   1066 C C   . GLU A 1 129 ? -19.157 -19.410 -3.332  1.00 64.02  ? 127 GLU A C   1 
ATOM   1067 O O   . GLU A 1 129 ? -18.378 -18.808 -4.048  1.00 73.77  ? 127 GLU A O   1 
ATOM   1068 C CB  . GLU A 1 129 ? -19.982 -21.783 -3.607  1.00 59.28  ? 127 GLU A CB  1 
ATOM   1069 C CG  . GLU A 1 129 ? -19.523 -23.090 -4.268  1.00 55.36  ? 127 GLU A CG  1 
ATOM   1070 C CD  . GLU A 1 129 ? -20.684 -24.066 -4.557  1.00 57.74  ? 127 GLU A CD  1 
ATOM   1071 O OE1 . GLU A 1 129 ? -21.720 -23.634 -5.101  1.00 52.02  ? 127 GLU A OE1 1 
ATOM   1072 O OE2 . GLU A 1 129 ? -20.581 -25.282 -4.247  1.00 61.88  ? 127 GLU A OE2 1 
ATOM   1073 N N   . ILE A 1 130 ? -20.246 -18.835 -2.845  1.00 63.23  ? 128 ILE A N   1 
ATOM   1074 C CA  . ILE A 1 130 ? -20.679 -17.501 -3.287  1.00 58.38  ? 128 ILE A CA  1 
ATOM   1075 C C   . ILE A 1 130 ? -19.584 -16.446 -3.084  1.00 53.15  ? 128 ILE A C   1 
ATOM   1076 O O   . ILE A 1 130 ? -19.450 -15.526 -3.886  1.00 60.48  ? 128 ILE A O   1 
ATOM   1077 C CB  . ILE A 1 130 ? -21.997 -17.059 -2.590  1.00 58.82  ? 128 ILE A CB  1 
ATOM   1078 C CG1 . ILE A 1 130 ? -23.158 -18.028 -2.906  1.00 58.76  ? 128 ILE A CG1 1 
ATOM   1079 C CG2 . ILE A 1 130 ? -22.397 -15.646 -2.998  1.00 64.71  ? 128 ILE A CG2 1 
ATOM   1080 C CD1 . ILE A 1 130 ? -23.849 -17.844 -4.248  1.00 58.78  ? 128 ILE A CD1 1 
ATOM   1081 N N   . ILE A 1 131 ? -18.793 -16.598 -2.036  1.00 53.90  ? 129 ILE A N   1 
ATOM   1082 C CA  . ILE A 1 131 ? -17.711 -15.664 -1.721  1.00 55.90  ? 129 ILE A CA  1 
ATOM   1083 C C   . ILE A 1 131 ? -16.636 -15.688 -2.826  1.00 55.28  ? 129 ILE A C   1 
ATOM   1084 O O   . ILE A 1 131 ? -16.333 -14.663 -3.453  1.00 48.30  ? 129 ILE A O   1 
ATOM   1085 C CB  . ILE A 1 131 ? -17.081 -15.993 -0.333  1.00 60.50  ? 129 ILE A CB  1 
ATOM   1086 C CG1 . ILE A 1 131 ? -18.143 -16.023 0.809   1.00 65.74  ? 129 ILE A CG1 1 
ATOM   1087 C CG2 . ILE A 1 131 ? -15.982 -15.002 0.036   1.00 64.49  ? 129 ILE A CG2 1 
ATOM   1088 C CD1 . ILE A 1 131 ? -19.270 -14.994 0.766   1.00 58.30  ? 129 ILE A CD1 1 
ATOM   1089 N N   . GLY A 1 132 ? -16.068 -16.865 -3.077  1.00 56.18  ? 130 GLY A N   1 
ATOM   1090 C CA  . GLY A 1 132 ? -15.064 -17.022 -4.130  1.00 56.74  ? 130 GLY A CA  1 
ATOM   1091 C C   . GLY A 1 132 ? -15.506 -16.841 -5.581  1.00 58.17  ? 130 GLY A C   1 
ATOM   1092 O O   . GLY A 1 132 ? -14.673 -16.906 -6.507  1.00 62.38  ? 130 GLY A O   1 
ATOM   1093 N N   . GLN A 1 133 ? -16.806 -16.632 -5.788  1.00 56.50  ? 131 GLN A N   1 
ATOM   1094 C CA  . GLN A 1 133 ? -17.377 -16.545 -7.112  1.00 57.44  ? 131 GLN A CA  1 
ATOM   1095 C C   . GLN A 1 133 ? -17.348 -15.092 -7.516  1.00 60.80  ? 131 GLN A C   1 
ATOM   1096 O O   . GLN A 1 133 ? -16.743 -14.720 -8.537  1.00 59.34  ? 131 GLN A O   1 
ATOM   1097 C CB  . GLN A 1 133 ? -18.799 -17.108 -7.096  1.00 58.31  ? 131 GLN A CB  1 
ATOM   1098 C CG  . GLN A 1 133 ? -18.853 -18.633 -6.907  1.00 52.87  ? 131 GLN A CG  1 
ATOM   1099 C CD  . GLN A 1 133 ? -18.540 -19.404 -8.186  1.00 54.06  ? 131 GLN A CD  1 
ATOM   1100 O OE1 . GLN A 1 133 ? -19.096 -19.105 -9.256  1.00 47.07  ? 131 GLN A OE1 1 
ATOM   1101 N NE2 . GLN A 1 133 ? -17.642 -20.408 -8.084  1.00 50.15  ? 131 GLN A NE2 1 
ATOM   1102 N N   . GLN A 1 134 ? -17.965 -14.255 -6.688  1.00 65.25  ? 132 GLN A N   1 
ATOM   1103 C CA  . GLN A 1 134 ? -17.926 -12.808 -6.934  1.00 71.16  ? 132 GLN A CA  1 
ATOM   1104 C C   . GLN A 1 134 ? -16.505 -12.304 -6.976  1.00 66.75  ? 132 GLN A C   1 
ATOM   1105 O O   . GLN A 1 134 ? -16.158 -11.537 -7.870  1.00 77.15  ? 132 GLN A O   1 
ATOM   1106 C CB  . GLN A 1 134 ? -18.718 -11.978 -5.897  1.00 72.78  ? 132 GLN A CB  1 
ATOM   1107 C CG  . GLN A 1 134 ? -18.980 -10.553 -6.402  1.00 72.47  ? 132 GLN A CG  1 
ATOM   1108 C CD  . GLN A 1 134 ? -20.203 -9.837  -5.826  1.00 65.06  ? 132 GLN A CD  1 
ATOM   1109 O OE1 . GLN A 1 134 ? -21.208 -10.448 -5.459  1.00 54.12  ? 132 GLN A OE1 1 
ATOM   1110 N NE2 . GLN A 1 134 ? -20.129 -8.509  -5.806  1.00 62.22  ? 132 GLN A NE2 1 
ATOM   1111 N N   . LYS A 1 135 ? -15.688 -12.779 -6.040  1.00 61.35  ? 133 LYS A N   1 
ATOM   1112 C CA  . LYS A 1 135 ? -14.435 -12.140 -5.724  1.00 62.24  ? 133 LYS A CA  1 
ATOM   1113 C C   . LYS A 1 135 ? -14.742 -10.654 -5.557  1.00 64.20  ? 133 LYS A C   1 
ATOM   1114 O O   . LYS A 1 135 ? -14.380 -9.850  -6.426  1.00 69.83  ? 133 LYS A O   1 
ATOM   1115 C CB  . LYS A 1 135 ? -13.371 -12.386 -6.808  1.00 57.86  ? 133 LYS A CB  1 
ATOM   1116 C CG  . LYS A 1 135 ? -12.893 -13.814 -6.856  1.00 63.78  ? 133 LYS A CG  1 
ATOM   1117 C CD  . LYS A 1 135 ? -12.133 -14.096 -8.134  1.00 73.71  ? 133 LYS A CD  1 
ATOM   1118 C CE  . LYS A 1 135 ? -13.081 -14.334 -9.309  1.00 80.17  ? 133 LYS A CE  1 
ATOM   1119 N NZ  . LYS A 1 135 ? -12.382 -14.290 -10.625 1.00 81.94  ? 133 LYS A NZ  1 
ATOM   1120 N N   . PHE A 1 136 ? -15.476 -10.323 -4.485  1.00 59.18  ? 134 PHE A N   1 
ATOM   1121 C CA  . PHE A 1 136 ? -15.692 -8.926  -4.027  1.00 53.60  ? 134 PHE A CA  1 
ATOM   1122 C C   . PHE A 1 136 ? -14.872 -8.623  -2.764  1.00 47.24  ? 134 PHE A C   1 
ATOM   1123 O O   . PHE A 1 136 ? -14.753 -9.469  -1.873  1.00 42.51  ? 134 PHE A O   1 
ATOM   1124 C CB  . PHE A 1 136 ? -17.186 -8.648  -3.781  1.00 55.32  ? 134 PHE A CB  1 
ATOM   1125 C CG  . PHE A 1 136 ? -17.482 -7.310  -3.105  1.00 56.13  ? 134 PHE A CG  1 
ATOM   1126 C CD1 . PHE A 1 136 ? -17.196 -6.111  -3.741  1.00 54.21  ? 134 PHE A CD1 1 
ATOM   1127 C CD2 . PHE A 1 136 ? -18.102 -7.257  -1.845  1.00 55.56  ? 134 PHE A CD2 1 
ATOM   1128 C CE1 . PHE A 1 136 ? -17.497 -4.899  -3.131  1.00 53.71  ? 134 PHE A CE1 1 
ATOM   1129 C CE2 . PHE A 1 136 ? -18.392 -6.040  -1.238  1.00 52.33  ? 134 PHE A CE2 1 
ATOM   1130 C CZ  . PHE A 1 136 ? -18.083 -4.861  -1.881  1.00 49.53  ? 134 PHE A CZ  1 
ATOM   1131 N N   . SER A 1 137 ? -14.332 -7.402  -2.716  1.00 45.83  ? 135 SER A N   1 
ATOM   1132 C CA  . SER A 1 137 ? -13.514 -6.880  -1.613  1.00 43.98  ? 135 SER A CA  1 
ATOM   1133 C C   . SER A 1 137 ? -13.870 -5.411  -1.312  1.00 46.14  ? 135 SER A C   1 
ATOM   1134 O O   . SER A 1 137 ? -14.309 -4.651  -2.213  1.00 41.51  ? 135 SER A O   1 
ATOM   1135 C CB  . SER A 1 137 ? -12.053 -7.000  -1.989  1.00 43.61  ? 135 SER A CB  1 
ATOM   1136 O OG  . SER A 1 137 ? -11.702 -8.370  -2.160  1.00 41.47  ? 135 SER A OG  1 
ATOM   1137 N N   . LEU A 1 138 ? -13.699 -5.016  -0.043  1.00 47.90  ? 136 LEU A N   1 
ATOM   1138 C CA  . LEU A 1 138 ? -14.186 -3.697  0.433   1.00 45.67  ? 136 LEU A CA  1 
ATOM   1139 C C   . LEU A 1 138 ? -13.284 -2.613  -0.091  1.00 47.07  ? 136 LEU A C   1 
ATOM   1140 O O   . LEU A 1 138 ? -12.131 -2.871  -0.411  1.00 47.90  ? 136 LEU A O   1 
ATOM   1141 C CB  . LEU A 1 138 ? -14.265 -3.612  1.956   1.00 43.64  ? 136 LEU A CB  1 
ATOM   1142 C CG  . LEU A 1 138 ? -15.188 -4.621  2.639   1.00 45.89  ? 136 LEU A CG  1 
ATOM   1143 C CD1 . LEU A 1 138 ? -14.811 -4.767  4.119   1.00 46.41  ? 136 LEU A CD1 1 
ATOM   1144 C CD2 . LEU A 1 138 ? -16.649 -4.227  2.456   1.00 42.67  ? 136 LEU A CD2 1 
ATOM   1145 N N   . GLU A 1 139 ? -13.817 -1.400  -0.187  1.00 51.57  ? 137 GLU A N   1 
ATOM   1146 C CA  . GLU A 1 139 ? -13.065 -0.288  -0.734  1.00 54.69  ? 137 GLU A CA  1 
ATOM   1147 C C   . GLU A 1 139 ? -11.901 -0.073  0.248   1.00 64.19  ? 137 GLU A C   1 
ATOM   1148 O O   . GLU A 1 139 ? -10.714 -0.219  -0.107  1.00 59.44  ? 137 GLU A O   1 
ATOM   1149 C CB  . GLU A 1 139 ? -13.981 0.926   -0.916  1.00 52.95  ? 137 GLU A CB  1 
ATOM   1150 C CG  . GLU A 1 139 ? -15.070 0.662   -1.957  1.00 59.40  ? 137 GLU A CG  1 
ATOM   1151 C CD  . GLU A 1 139 ? -15.873 1.900   -2.371  1.00 65.13  ? 137 GLU A CD  1 
ATOM   1152 O OE1 . GLU A 1 139 ? -16.052 2.802   -1.508  1.00 61.27  ? 137 GLU A OE1 1 
ATOM   1153 O OE2 . GLU A 1 139 ? -16.321 1.957   -3.563  1.00 57.95  ? 137 GLU A OE2 1 
ATOM   1154 N N   . ASN A 1 140 ? -12.268 0.170   1.505   1.00 66.48  ? 138 ASN A N   1 
ATOM   1155 C CA  . ASN A 1 140 ? -11.315 0.363   2.578   1.00 66.75  ? 138 ASN A CA  1 
ATOM   1156 C C   . ASN A 1 140 ? -11.351 -0.872  3.433   1.00 66.16  ? 138 ASN A C   1 
ATOM   1157 O O   . ASN A 1 140 ? -11.914 -0.881  4.524   1.00 71.76  ? 138 ASN A O   1 
ATOM   1158 C CB  . ASN A 1 140 ? -11.648 1.645   3.342   1.00 64.92  ? 138 ASN A CB  1 
ATOM   1159 C CG  . ASN A 1 140 ? -11.660 2.847   2.427   1.00 65.66  ? 138 ASN A CG  1 
ATOM   1160 O OD1 . ASN A 1 140 ? -10.659 3.530   2.289   1.00 59.03  ? 138 ASN A OD1 1 
ATOM   1161 N ND2 . ASN A 1 140 ? -12.778 3.066   1.736   1.00 66.90  ? 138 ASN A ND2 1 
ATOM   1162 N N   . ALA A 1 141 ? -10.805 -1.937  2.869   1.00 63.91  ? 139 ALA A N   1 
ATOM   1163 C CA  . ALA A 1 141 ? -10.719 -3.219  3.543   1.00 70.30  ? 139 ALA A CA  1 
ATOM   1164 C C   . ALA A 1 141 ? -9.444  -3.253  4.368   1.00 78.38  ? 139 ALA A C   1 
ATOM   1165 O O   . ALA A 1 141 ? -9.425  -2.669  5.457   1.00 82.55  ? 139 ALA A O   1 
ATOM   1166 C CB  . ALA A 1 141 ? -10.723 -4.352  2.539   1.00 74.62  ? 139 ALA A CB  1 
HETATM 1167 O O   . HOH B 2 .   ? -12.825 -7.954  -7.601  1.00 63.38  ? 201 HOH A O   1 
HETATM 1168 O O   . HOH B 2 .   ? 4.916   24.585  -5.633  1.00 38.78  ? 202 HOH A O   1 
HETATM 1169 O O   . HOH B 2 .   ? 22.888  0.444   1.601   1.00 61.47  ? 203 HOH A O   1 
HETATM 1170 O O   . HOH B 2 .   ? 4.473   -12.078 10.809  1.00 54.44  ? 204 HOH A O   1 
HETATM 1171 O O   . HOH B 2 .   ? 18.698  26.569  -0.679  1.00 31.65  ? 205 HOH A O   1 
HETATM 1172 O O   . HOH B 2 .   ? -2.668  21.300  -2.429  1.00 59.87  ? 206 HOH A O   1 
HETATM 1173 O O   . HOH B 2 .   ? 1.731   7.657   -9.146  1.00 71.04  ? 207 HOH A O   1 
HETATM 1174 O O   . HOH B 2 .   ? -5.602  14.503  6.521   1.00 66.25  ? 208 HOH A O   1 
# 
